data_5U05
#
_entry.id   5U05
#
_entity_poly.entity_id   1
_entity_poly.type   'polypeptide(L)'
_entity_poly.pdbx_seq_one_letter_code
;MTTNYIFVTGGVVSSLGKGIAAASLAAILEARGLNVTIMKLDPYINVDPGTMSPIQHGEVFVTEDGAETDLDLGHYERFI
RTKMSRRNNFTTGRIYSDVLRKERRGDYLGATVQVIPHITNAIKERVLEGGEGHDVVLVEIGGTVGDIESLPFLEAIRQM
AVEIGREHTLFMHLTLVPYMAASGEVKTKPTQHSVKELLSIGIQPDILICRSDRAVPANERAKIALFCNVPEKAVISLKD
VDSIYKIPGLLKSQGLDDYICKRFSLNCPEANLSEWEQVIFEEANPVSEVTIGMVGKYIELPDAYKSVIEALKHGGLKNR
VSVNIKLIDSQDVETRGVEILKGLDAILVPGGFGYRGVEGMITTARFARENNIPYLGICLGMQVALIDYARHVANMENAN
STEFVPDCKYPVVALITEWRDENGNVEVRSEKSDLGGTMRLGAQQCQLVDDSLVRQLYNAPTIVERHRHRYEVNNMLLKQ
IEDAGLRVAGRSGDDQLVEIIEVPNHPWFVACQFHPEFTSTPRDGHPLFAGFVKAASEFQKRQAK
;
_entity_poly.pdbx_strand_id   A,B,C,D
#
# COMPACT_ATOMS: atom_id res chain seq x y z
N MET A 1 -6.31 -41.00 3.38
CA MET A 1 -5.24 -40.23 2.75
C MET A 1 -5.71 -38.88 2.27
N THR A 2 -5.06 -37.82 2.76
CA THR A 2 -5.39 -36.47 2.34
C THR A 2 -4.16 -35.73 1.88
N THR A 3 -4.27 -35.08 0.74
CA THR A 3 -3.16 -34.36 0.15
C THR A 3 -2.78 -33.12 0.96
N ASN A 4 -1.47 -32.99 1.18
CA ASN A 4 -0.88 -31.85 1.86
C ASN A 4 -0.17 -30.97 0.85
N TYR A 5 -0.19 -29.67 1.06
CA TYR A 5 0.42 -28.75 0.11
C TYR A 5 1.42 -27.82 0.74
N ILE A 6 2.48 -27.52 0.01
CA ILE A 6 3.43 -26.53 0.48
C ILE A 6 3.66 -25.55 -0.63
N PHE A 7 3.44 -24.28 -0.36
CA PHE A 7 3.62 -23.28 -1.37
C PHE A 7 4.97 -22.63 -1.21
N VAL A 8 5.63 -22.40 -2.33
CA VAL A 8 6.93 -21.78 -2.32
C VAL A 8 6.94 -20.46 -3.06
N THR A 9 7.23 -19.41 -2.33
CA THR A 9 7.31 -18.07 -2.89
C THR A 9 8.65 -17.48 -2.57
N GLY A 10 8.92 -16.31 -3.11
CA GLY A 10 10.18 -15.64 -2.86
C GLY A 10 10.07 -14.18 -3.24
N GLY A 11 10.90 -13.36 -2.60
CA GLY A 11 10.86 -11.93 -2.86
C GLY A 11 12.23 -11.29 -2.79
N VAL A 12 12.23 -9.99 -2.55
CA VAL A 12 13.41 -9.13 -2.48
C VAL A 12 14.12 -9.01 -3.84
N VAL A 13 14.68 -10.12 -4.32
CA VAL A 13 15.27 -10.18 -5.67
C VAL A 13 14.90 -11.47 -6.37
N SER A 14 15.10 -11.49 -7.67
CA SER A 14 14.89 -12.70 -8.44
C SER A 14 16.14 -13.52 -8.39
N SER A 15 16.11 -14.65 -9.09
CA SER A 15 17.28 -15.49 -9.27
C SER A 15 17.79 -16.09 -7.96
N LEU A 16 16.87 -16.55 -7.11
CA LEU A 16 17.27 -17.17 -5.87
C LEU A 16 17.31 -18.69 -5.97
N GLY A 17 16.66 -19.25 -6.99
CA GLY A 17 16.66 -20.69 -7.16
C GLY A 17 15.49 -21.33 -6.45
N LYS A 18 14.29 -20.79 -6.67
CA LYS A 18 13.10 -21.32 -6.03
C LYS A 18 12.83 -22.76 -6.42
N GLY A 19 12.99 -23.05 -7.72
CA GLY A 19 12.80 -24.40 -8.23
C GLY A 19 13.81 -25.37 -7.67
N ILE A 20 15.05 -24.89 -7.50
CA ILE A 20 16.12 -25.71 -6.95
C ILE A 20 15.81 -26.11 -5.53
N ALA A 21 15.40 -25.13 -4.74
CA ALA A 21 15.06 -25.37 -3.34
C ALA A 21 13.92 -26.37 -3.22
N ALA A 22 12.87 -26.16 -4.02
CA ALA A 22 11.71 -27.03 -4.01
C ALA A 22 12.07 -28.45 -4.41
N ALA A 23 12.88 -28.57 -5.45
CA ALA A 23 13.29 -29.86 -5.95
C ALA A 23 14.10 -30.62 -4.90
N SER A 24 15.00 -29.92 -4.21
CA SER A 24 15.81 -30.51 -3.18
C SER A 24 14.95 -31.02 -2.04
N LEU A 25 13.94 -30.23 -1.67
CA LEU A 25 13.01 -30.66 -0.64
C LEU A 25 12.28 -31.92 -1.06
N ALA A 26 11.79 -31.92 -2.30
CA ALA A 26 11.08 -33.08 -2.85
C ALA A 26 11.94 -34.31 -2.76
N ALA A 27 13.22 -34.19 -3.08
CA ALA A 27 14.15 -35.30 -3.00
C ALA A 27 14.20 -35.88 -1.60
N ILE A 28 14.21 -35.00 -0.59
CA ILE A 28 14.23 -35.45 0.78
C ILE A 28 12.95 -36.16 1.14
N LEU A 29 11.83 -35.55 0.78
CA LEU A 29 10.56 -36.11 1.11
C LEU A 29 10.34 -37.44 0.39
N GLU A 30 10.92 -37.58 -0.81
CA GLU A 30 10.98 -38.83 -1.53
C GLU A 30 11.72 -39.83 -0.66
N ALA A 31 12.88 -39.40 -0.14
CA ALA A 31 13.71 -40.21 0.76
C ALA A 31 13.00 -40.53 2.07
N ARG A 32 11.98 -39.74 2.45
CA ARG A 32 11.16 -40.03 3.63
C ARG A 32 10.02 -41.00 3.29
N GLY A 33 9.96 -41.49 2.05
CA GLY A 33 8.95 -42.45 1.63
C GLY A 33 7.58 -41.83 1.33
N LEU A 34 7.54 -40.56 0.99
CA LEU A 34 6.25 -39.91 0.75
C LEU A 34 5.89 -39.78 -0.73
N ASN A 35 4.60 -39.82 -1.04
CA ASN A 35 4.16 -39.60 -2.42
C ASN A 35 4.18 -38.12 -2.74
N VAL A 36 5.35 -37.68 -3.17
CA VAL A 36 5.59 -36.28 -3.48
C VAL A 36 5.49 -35.94 -4.95
N THR A 37 4.82 -34.83 -5.24
CA THR A 37 4.77 -34.31 -6.59
C THR A 37 5.03 -32.83 -6.54
N ILE A 38 5.04 -32.21 -7.70
CA ILE A 38 5.38 -30.81 -7.78
C ILE A 38 4.87 -30.12 -9.02
N MET A 39 4.44 -28.88 -8.84
CA MET A 39 3.93 -28.07 -9.93
C MET A 39 4.50 -26.68 -9.88
N LYS A 40 4.54 -26.02 -11.02
CA LYS A 40 5.02 -24.64 -11.07
C LYS A 40 4.02 -23.73 -11.78
N LEU A 41 3.72 -22.59 -11.18
CA LEU A 41 2.81 -21.66 -11.81
C LEU A 41 3.61 -20.56 -12.49
N ASP A 42 3.39 -20.43 -13.80
CA ASP A 42 4.12 -19.50 -14.63
C ASP A 42 3.36 -18.20 -14.92
N PRO A 43 3.77 -17.07 -14.32
CA PRO A 43 3.18 -15.74 -14.42
C PRO A 43 3.15 -15.12 -15.83
N TYR A 44 3.79 -15.77 -16.80
CA TYR A 44 3.87 -15.22 -18.13
C TYR A 44 2.58 -15.31 -18.91
N ILE A 45 2.45 -14.38 -19.85
CA ILE A 45 1.30 -14.27 -20.72
C ILE A 45 1.40 -15.21 -21.88
N ASN A 46 2.62 -15.63 -22.21
CA ASN A 46 2.77 -16.58 -23.29
C ASN A 46 1.99 -17.81 -22.90
N VAL A 47 1.25 -18.35 -23.84
CA VAL A 47 0.44 -19.53 -23.58
C VAL A 47 1.35 -20.73 -23.53
N ASP A 48 2.15 -20.87 -24.57
CA ASP A 48 3.13 -21.93 -24.64
C ASP A 48 4.53 -21.35 -24.77
N PRO A 49 5.54 -22.00 -24.15
CA PRO A 49 6.96 -21.65 -24.14
C PRO A 49 7.56 -21.79 -25.53
N GLY A 50 6.89 -22.55 -26.39
CA GLY A 50 7.29 -22.73 -27.78
C GLY A 50 7.19 -21.46 -28.60
N THR A 51 6.47 -20.45 -28.07
CA THR A 51 6.38 -19.18 -28.76
C THR A 51 7.53 -18.24 -28.34
N MET A 52 8.46 -18.74 -27.52
CA MET A 52 9.61 -17.95 -27.12
C MET A 52 10.92 -18.60 -27.52
N SER A 53 11.92 -17.77 -27.71
CA SER A 53 13.23 -18.24 -28.10
C SER A 53 14.03 -18.84 -26.95
N PRO A 54 15.03 -19.66 -27.27
CA PRO A 54 16.03 -20.24 -26.40
C PRO A 54 16.83 -19.16 -25.71
N ILE A 55 17.09 -18.06 -26.40
CA ILE A 55 17.80 -17.00 -25.75
C ILE A 55 16.94 -16.27 -24.73
N GLN A 56 15.63 -16.25 -24.97
CA GLN A 56 14.72 -15.60 -24.04
C GLN A 56 14.67 -16.29 -22.68
N HIS A 57 14.43 -17.61 -22.67
CA HIS A 57 14.38 -18.32 -21.37
C HIS A 57 15.27 -19.54 -21.25
N GLY A 58 16.20 -19.73 -22.15
CA GLY A 58 17.02 -20.91 -22.10
C GLY A 58 16.26 -22.08 -22.70
N GLU A 59 16.74 -23.28 -22.41
CA GLU A 59 16.12 -24.49 -22.92
C GLU A 59 14.68 -24.67 -22.45
N VAL A 60 13.85 -25.22 -23.32
CA VAL A 60 12.47 -25.52 -23.02
C VAL A 60 12.35 -27.01 -22.75
N PHE A 61 11.79 -27.36 -21.60
CA PHE A 61 11.70 -28.76 -21.22
C PHE A 61 10.63 -29.53 -21.97
N VAL A 62 11.00 -30.73 -22.42
CA VAL A 62 10.05 -31.60 -23.08
C VAL A 62 9.61 -32.67 -22.12
N THR A 63 8.32 -32.72 -21.85
CA THR A 63 7.77 -33.72 -20.95
C THR A 63 7.50 -35.01 -21.69
N GLU A 64 7.27 -36.06 -20.93
CA GLU A 64 6.98 -37.38 -21.48
C GLU A 64 5.81 -37.36 -22.44
N ASP A 65 4.75 -36.65 -22.05
CA ASP A 65 3.55 -36.57 -22.86
C ASP A 65 3.64 -35.57 -24.04
N GLY A 66 4.84 -35.02 -24.29
CA GLY A 66 5.04 -34.13 -25.41
C GLY A 66 4.82 -32.66 -25.11
N ALA A 67 4.34 -32.34 -23.90
CA ALA A 67 4.12 -30.95 -23.59
C ALA A 67 5.42 -30.20 -23.48
N GLU A 68 5.42 -28.97 -23.95
CA GLU A 68 6.58 -28.13 -23.81
C GLU A 68 6.37 -27.32 -22.55
N THR A 69 7.40 -27.15 -21.75
CA THR A 69 7.22 -26.46 -20.51
C THR A 69 8.45 -25.78 -19.96
N ASP A 70 8.31 -25.27 -18.75
CA ASP A 70 9.39 -24.57 -18.08
C ASP A 70 10.55 -25.49 -17.79
N LEU A 71 11.76 -24.99 -18.04
CA LEU A 71 13.02 -25.70 -17.81
C LEU A 71 13.09 -26.39 -16.43
N ASP A 72 12.50 -25.76 -15.42
CA ASP A 72 12.50 -26.28 -14.07
C ASP A 72 11.79 -27.61 -13.91
N LEU A 73 10.98 -27.99 -14.88
CA LEU A 73 10.30 -29.25 -14.82
C LEU A 73 11.35 -30.35 -15.04
N GLY A 74 12.39 -30.04 -15.81
CA GLY A 74 13.49 -30.96 -16.03
C GLY A 74 14.32 -31.02 -14.77
N HIS A 75 14.41 -29.88 -14.09
CA HIS A 75 15.12 -29.81 -12.83
C HIS A 75 14.42 -30.68 -11.80
N TYR A 76 13.09 -30.74 -11.88
CA TYR A 76 12.33 -31.60 -10.98
C TYR A 76 12.63 -33.06 -11.28
N GLU A 77 12.76 -33.39 -12.56
CA GLU A 77 13.10 -34.76 -12.97
C GLU A 77 14.47 -35.17 -12.41
N ARG A 78 15.35 -34.20 -12.20
CA ARG A 78 16.66 -34.48 -11.64
C ARG A 78 16.71 -34.59 -10.12
N PHE A 79 15.57 -34.48 -9.44
CA PHE A 79 15.52 -34.67 -8.00
C PHE A 79 14.47 -35.66 -7.52
N ILE A 80 13.50 -35.97 -8.36
CA ILE A 80 12.49 -36.93 -7.93
C ILE A 80 12.16 -37.87 -9.07
N ARG A 81 11.87 -39.12 -8.74
CA ARG A 81 11.61 -40.12 -9.75
C ARG A 81 10.18 -40.14 -10.29
N THR A 82 9.37 -39.18 -9.90
CA THR A 82 8.01 -39.13 -10.40
C THR A 82 8.04 -38.42 -11.75
N LYS A 83 6.96 -38.54 -12.51
CA LYS A 83 6.96 -37.96 -13.84
C LYS A 83 6.14 -36.71 -13.97
N MET A 84 6.74 -35.72 -14.61
CA MET A 84 6.03 -34.48 -14.89
C MET A 84 5.18 -34.64 -16.14
N SER A 85 4.12 -33.87 -16.20
CA SER A 85 3.19 -33.89 -17.32
C SER A 85 2.71 -32.50 -17.57
N ARG A 86 1.89 -32.33 -18.59
CA ARG A 86 1.24 -31.06 -18.86
C ARG A 86 0.51 -30.46 -17.64
N ARG A 87 0.10 -31.31 -16.69
CA ARG A 87 -0.63 -30.88 -15.51
C ARG A 87 0.26 -30.26 -14.46
N ASN A 88 1.57 -30.33 -14.68
CA ASN A 88 2.51 -29.85 -13.73
C ASN A 88 3.00 -28.43 -14.02
N ASN A 89 2.47 -27.81 -15.08
CA ASN A 89 2.93 -26.47 -15.40
C ASN A 89 2.08 -25.81 -16.45
N PHE A 90 1.60 -24.61 -16.13
CA PHE A 90 0.79 -23.83 -17.04
C PHE A 90 0.97 -22.35 -16.78
N THR A 91 0.63 -21.53 -17.77
CA THR A 91 0.89 -20.10 -17.68
C THR A 91 -0.33 -19.25 -17.45
N THR A 92 -0.08 -17.97 -17.20
CA THR A 92 -1.15 -17.01 -17.00
C THR A 92 -1.94 -16.87 -18.27
N GLY A 93 -1.24 -16.77 -19.39
CA GLY A 93 -1.88 -16.70 -20.69
C GLY A 93 -2.76 -17.90 -20.93
N ARG A 94 -2.26 -19.08 -20.58
CA ARG A 94 -3.04 -20.30 -20.72
C ARG A 94 -4.36 -20.19 -20.01
N ILE A 95 -4.32 -19.67 -18.78
CA ILE A 95 -5.53 -19.51 -18.00
C ILE A 95 -6.53 -18.66 -18.70
N TYR A 96 -6.09 -17.52 -19.20
CA TYR A 96 -7.02 -16.61 -19.85
C TYR A 96 -7.59 -17.21 -21.10
N SER A 97 -6.77 -17.94 -21.84
CA SER A 97 -7.26 -18.57 -23.05
C SER A 97 -8.40 -19.48 -22.72
N ASP A 98 -8.20 -20.31 -21.71
CA ASP A 98 -9.21 -21.25 -21.29
C ASP A 98 -10.47 -20.57 -20.80
N VAL A 99 -10.31 -19.57 -19.95
CA VAL A 99 -11.46 -18.88 -19.39
C VAL A 99 -12.26 -18.15 -20.43
N LEU A 100 -11.57 -17.45 -21.31
CA LEU A 100 -12.23 -16.72 -22.36
C LEU A 100 -12.96 -17.65 -23.30
N ARG A 101 -12.39 -18.82 -23.53
CA ARG A 101 -13.03 -19.78 -24.38
C ARG A 101 -14.30 -20.28 -23.71
N LYS A 102 -14.24 -20.50 -22.38
CA LYS A 102 -15.42 -20.91 -21.63
C LYS A 102 -16.49 -19.85 -21.71
N GLU A 103 -16.08 -18.59 -21.58
CA GLU A 103 -17.00 -17.48 -21.73
C GLU A 103 -17.71 -17.52 -23.04
N ARG A 104 -16.93 -17.68 -24.10
CA ARG A 104 -17.45 -17.70 -25.44
C ARG A 104 -18.50 -18.80 -25.58
N ARG A 105 -18.22 -19.97 -25.02
CA ARG A 105 -19.15 -21.08 -25.00
C ARG A 105 -20.37 -20.92 -24.08
N GLY A 106 -20.53 -19.78 -23.40
CA GLY A 106 -21.67 -19.53 -22.55
C GLY A 106 -21.55 -20.20 -21.18
N ASP A 107 -20.34 -20.61 -20.81
CA ASP A 107 -20.11 -21.35 -19.57
C ASP A 107 -20.44 -20.58 -18.32
N TYR A 108 -20.46 -19.26 -18.38
CA TYR A 108 -20.73 -18.49 -17.19
C TYR A 108 -22.15 -17.94 -17.20
N LEU A 109 -22.97 -18.43 -18.12
CA LEU A 109 -24.40 -18.14 -18.18
C LEU A 109 -24.84 -16.67 -18.06
N GLY A 110 -24.06 -15.74 -18.63
CA GLY A 110 -24.45 -14.34 -18.58
C GLY A 110 -23.84 -13.57 -17.40
N ALA A 111 -23.08 -14.26 -16.56
CA ALA A 111 -22.45 -13.63 -15.42
C ALA A 111 -21.17 -12.89 -15.83
N THR A 112 -20.77 -11.95 -14.97
CA THR A 112 -19.55 -11.21 -15.19
C THR A 112 -18.40 -12.11 -14.87
N VAL A 113 -17.46 -12.21 -15.77
CA VAL A 113 -16.29 -12.99 -15.49
C VAL A 113 -15.29 -12.05 -14.86
N GLN A 114 -14.88 -12.36 -13.65
CA GLN A 114 -13.98 -11.51 -12.92
C GLN A 114 -12.78 -12.27 -12.43
N VAL A 115 -11.69 -11.55 -12.14
CA VAL A 115 -10.51 -12.19 -11.61
C VAL A 115 -10.93 -12.99 -10.41
N ILE A 116 -11.59 -12.30 -9.52
CA ILE A 116 -12.19 -12.94 -8.40
C ILE A 116 -13.67 -12.97 -8.70
N PRO A 117 -14.27 -14.15 -8.73
CA PRO A 117 -13.75 -15.48 -8.44
C PRO A 117 -13.37 -16.34 -9.63
N HIS A 118 -13.55 -15.87 -10.85
CA HIS A 118 -13.46 -16.80 -11.96
C HIS A 118 -12.06 -17.16 -12.39
N ILE A 119 -11.15 -16.20 -12.37
CA ILE A 119 -9.80 -16.51 -12.79
C ILE A 119 -9.15 -17.33 -11.71
N THR A 120 -9.41 -16.97 -10.46
CA THR A 120 -8.84 -17.72 -9.38
C THR A 120 -9.41 -19.12 -9.32
N ASN A 121 -10.67 -19.33 -9.75
CA ASN A 121 -11.20 -20.68 -9.76
C ASN A 121 -10.51 -21.53 -10.78
N ALA A 122 -10.19 -20.95 -11.93
CA ALA A 122 -9.45 -21.68 -12.95
C ALA A 122 -8.15 -22.20 -12.37
N ILE A 123 -7.47 -21.33 -11.62
CA ILE A 123 -6.22 -21.68 -10.98
C ILE A 123 -6.42 -22.78 -9.95
N LYS A 124 -7.42 -22.61 -9.10
CA LYS A 124 -7.72 -23.53 -8.03
C LYS A 124 -7.97 -24.92 -8.55
N GLU A 125 -8.69 -25.00 -9.66
CA GLU A 125 -9.01 -26.26 -10.27
C GLU A 125 -7.77 -26.95 -10.78
N ARG A 126 -6.89 -26.20 -11.43
CA ARG A 126 -5.67 -26.78 -11.95
C ARG A 126 -4.77 -27.30 -10.85
N VAL A 127 -4.73 -26.60 -9.72
CA VAL A 127 -3.92 -27.07 -8.62
C VAL A 127 -4.43 -28.37 -8.06
N LEU A 128 -5.74 -28.45 -7.84
CA LEU A 128 -6.32 -29.66 -7.30
C LEU A 128 -6.14 -30.82 -8.26
N GLU A 129 -6.21 -30.55 -9.56
CA GLU A 129 -5.98 -31.55 -10.58
C GLU A 129 -4.62 -32.18 -10.45
N GLY A 130 -3.58 -31.36 -10.49
CA GLY A 130 -2.23 -31.86 -10.45
C GLY A 130 -1.87 -32.54 -9.13
N GLY A 131 -2.40 -32.05 -8.02
CA GLY A 131 -2.10 -32.65 -6.73
C GLY A 131 -2.96 -33.86 -6.37
N GLU A 132 -3.89 -34.24 -7.24
CA GLU A 132 -4.77 -35.35 -6.95
C GLU A 132 -4.04 -36.66 -6.79
N GLY A 133 -4.28 -37.32 -5.66
CA GLY A 133 -3.70 -38.62 -5.38
C GLY A 133 -2.28 -38.57 -4.81
N HIS A 134 -1.81 -37.39 -4.42
CA HIS A 134 -0.47 -37.31 -3.88
C HIS A 134 -0.48 -36.94 -2.39
N ASP A 135 0.56 -37.36 -1.69
CA ASP A 135 0.66 -37.08 -0.26
C ASP A 135 1.07 -35.65 -0.04
N VAL A 136 2.12 -35.25 -0.74
CA VAL A 136 2.64 -33.91 -0.63
C VAL A 136 2.82 -33.28 -1.98
N VAL A 137 2.27 -32.09 -2.13
CA VAL A 137 2.36 -31.36 -3.37
C VAL A 137 3.11 -30.07 -3.19
N LEU A 138 4.23 -29.92 -3.87
CA LEU A 138 4.93 -28.66 -3.78
C LEU A 138 4.47 -27.78 -4.91
N VAL A 139 4.22 -26.51 -4.62
CA VAL A 139 3.78 -25.61 -5.65
C VAL A 139 4.69 -24.40 -5.70
N GLU A 140 5.43 -24.27 -6.79
CA GLU A 140 6.32 -23.13 -6.95
C GLU A 140 5.60 -21.99 -7.59
N ILE A 141 5.61 -20.85 -6.92
CA ILE A 141 4.97 -19.68 -7.45
C ILE A 141 5.99 -18.81 -8.11
N GLY A 142 5.90 -18.67 -9.43
CA GLY A 142 6.82 -17.84 -10.17
C GLY A 142 6.55 -16.35 -9.93
N GLY A 143 7.44 -15.52 -10.44
CA GLY A 143 7.30 -14.08 -10.26
C GLY A 143 7.94 -13.65 -8.95
N THR A 144 7.80 -12.38 -8.62
CA THR A 144 8.36 -11.86 -7.38
C THR A 144 7.27 -11.27 -6.51
N VAL A 145 7.31 -11.58 -5.22
CA VAL A 145 6.28 -11.08 -4.32
C VAL A 145 6.32 -9.57 -4.23
N GLY A 146 5.16 -8.96 -4.42
CA GLY A 146 5.00 -7.53 -4.42
C GLY A 146 4.72 -7.01 -5.82
N ASP A 147 5.02 -7.82 -6.83
CA ASP A 147 4.76 -7.44 -8.20
C ASP A 147 3.37 -7.89 -8.63
N ILE A 148 2.74 -7.08 -9.48
CA ILE A 148 1.35 -7.35 -9.85
C ILE A 148 1.21 -8.58 -10.72
N GLU A 149 2.29 -8.94 -11.41
CA GLU A 149 2.36 -10.11 -12.27
C GLU A 149 1.88 -11.43 -11.68
N SER A 150 1.77 -11.56 -10.36
CA SER A 150 1.34 -12.83 -9.83
C SER A 150 0.39 -12.72 -8.66
N LEU A 151 -0.19 -11.54 -8.46
CA LEU A 151 -1.10 -11.38 -7.33
C LEU A 151 -2.34 -12.27 -7.39
N PRO A 152 -2.95 -12.51 -8.57
CA PRO A 152 -4.08 -13.39 -8.78
C PRO A 152 -3.79 -14.79 -8.29
N PHE A 153 -2.56 -15.24 -8.47
CA PHE A 153 -2.20 -16.58 -8.06
C PHE A 153 -2.10 -16.63 -6.57
N LEU A 154 -1.52 -15.58 -6.00
CA LEU A 154 -1.35 -15.50 -4.57
C LEU A 154 -2.70 -15.46 -3.88
N GLU A 155 -3.66 -14.81 -4.52
CA GLU A 155 -5.01 -14.77 -4.01
C GLU A 155 -5.69 -16.11 -4.07
N ALA A 156 -5.53 -16.82 -5.19
CA ALA A 156 -6.13 -18.14 -5.31
C ALA A 156 -5.61 -19.05 -4.23
N ILE A 157 -4.31 -18.94 -3.94
CA ILE A 157 -3.68 -19.72 -2.90
C ILE A 157 -4.25 -19.45 -1.56
N ARG A 158 -4.37 -18.17 -1.22
CA ARG A 158 -4.92 -17.77 0.05
C ARG A 158 -6.26 -18.42 0.26
N GLN A 159 -7.12 -18.32 -0.75
CA GLN A 159 -8.44 -18.90 -0.70
C GLN A 159 -8.39 -20.37 -0.41
N MET A 160 -7.53 -21.10 -1.13
CA MET A 160 -7.41 -22.53 -0.93
C MET A 160 -6.87 -22.86 0.43
N ALA A 161 -5.94 -22.06 0.94
CA ALA A 161 -5.39 -22.31 2.25
C ALA A 161 -6.51 -22.30 3.28
N VAL A 162 -7.43 -21.36 3.14
CA VAL A 162 -8.56 -21.24 4.03
C VAL A 162 -9.55 -22.39 3.83
N GLU A 163 -9.92 -22.65 2.58
CA GLU A 163 -10.89 -23.69 2.29
C GLU A 163 -10.40 -25.09 2.63
N ILE A 164 -9.14 -25.36 2.34
CA ILE A 164 -8.54 -26.64 2.64
C ILE A 164 -8.32 -26.82 4.12
N GLY A 165 -7.76 -25.80 4.76
CA GLY A 165 -7.46 -25.86 6.18
C GLY A 165 -5.96 -25.84 6.39
N ARG A 166 -5.52 -25.15 7.44
CA ARG A 166 -4.10 -24.98 7.71
C ARG A 166 -3.39 -26.27 8.04
N GLU A 167 -4.12 -27.25 8.53
CA GLU A 167 -3.55 -28.55 8.82
C GLU A 167 -3.04 -29.28 7.57
N HIS A 168 -3.37 -28.79 6.38
CA HIS A 168 -2.87 -29.41 5.18
C HIS A 168 -2.10 -28.44 4.32
N THR A 169 -1.66 -27.30 4.86
CA THR A 169 -0.89 -26.40 4.02
C THR A 169 0.17 -25.58 4.76
N LEU A 170 1.30 -25.38 4.09
CA LEU A 170 2.40 -24.57 4.64
C LEU A 170 2.89 -23.49 3.68
N PHE A 171 3.39 -22.40 4.24
CA PHE A 171 3.95 -21.32 3.43
C PHE A 171 5.44 -21.17 3.57
N MET A 172 6.15 -21.51 2.52
CA MET A 172 7.59 -21.38 2.49
C MET A 172 7.98 -20.16 1.67
N HIS A 173 8.95 -19.40 2.15
CA HIS A 173 9.32 -18.19 1.46
C HIS A 173 10.80 -17.89 1.45
N LEU A 174 11.32 -17.70 0.25
CA LEU A 174 12.72 -17.38 0.04
C LEU A 174 12.99 -15.91 0.08
N THR A 175 14.11 -15.57 0.68
CA THR A 175 14.56 -14.21 0.77
C THR A 175 16.03 -14.10 0.49
N LEU A 176 16.53 -12.89 0.59
CA LEU A 176 17.92 -12.59 0.41
C LEU A 176 18.45 -11.90 1.61
N VAL A 177 19.54 -12.44 2.14
CA VAL A 177 20.24 -11.85 3.25
C VAL A 177 21.62 -11.51 2.73
N PRO A 178 21.73 -10.42 1.98
CA PRO A 178 22.90 -9.97 1.25
C PRO A 178 24.00 -9.53 2.17
N TYR A 179 25.22 -9.75 1.73
CA TYR A 179 26.38 -9.35 2.50
C TYR A 179 26.87 -7.99 2.07
N MET A 180 26.92 -7.08 3.02
CA MET A 180 27.38 -5.74 2.78
C MET A 180 28.80 -5.56 3.27
N ALA A 181 29.75 -5.82 2.37
CA ALA A 181 31.18 -5.74 2.64
C ALA A 181 31.59 -4.40 3.21
N ALA A 182 30.96 -3.33 2.77
CA ALA A 182 31.25 -2.00 3.30
C ALA A 182 31.01 -1.94 4.80
N SER A 183 29.99 -2.65 5.28
CA SER A 183 29.69 -2.70 6.70
C SER A 183 30.36 -3.90 7.33
N GLY A 184 30.71 -4.87 6.50
CA GLY A 184 31.35 -6.09 6.95
C GLY A 184 30.32 -7.08 7.48
N GLU A 185 29.05 -6.92 7.11
CA GLU A 185 28.03 -7.82 7.64
C GLU A 185 26.83 -7.94 6.73
N VAL A 186 26.03 -8.96 6.96
CA VAL A 186 24.82 -9.16 6.19
C VAL A 186 23.68 -8.35 6.79
N LYS A 187 22.67 -8.06 5.98
CA LYS A 187 21.53 -7.28 6.45
C LYS A 187 20.24 -8.10 6.41
N THR A 188 19.29 -7.83 7.30
CA THR A 188 18.04 -8.60 7.31
C THR A 188 16.83 -7.78 6.92
N LYS A 189 16.98 -6.45 6.97
CA LYS A 189 15.88 -5.54 6.67
C LYS A 189 15.02 -5.92 5.46
N PRO A 190 15.58 -6.19 4.27
CA PRO A 190 14.88 -6.61 3.06
C PRO A 190 13.93 -7.76 3.33
N THR A 191 14.36 -8.70 4.15
CA THR A 191 13.57 -9.87 4.49
C THR A 191 12.37 -9.50 5.28
N GLN A 192 12.59 -8.62 6.24
CA GLN A 192 11.52 -8.19 7.09
C GLN A 192 10.42 -7.59 6.25
N HIS A 193 10.80 -6.77 5.26
CA HIS A 193 9.82 -6.16 4.42
C HIS A 193 9.14 -7.14 3.49
N SER A 194 9.89 -8.12 2.99
CA SER A 194 9.32 -9.12 2.10
C SER A 194 8.18 -9.86 2.78
N VAL A 195 8.42 -10.24 4.02
CA VAL A 195 7.40 -10.90 4.81
C VAL A 195 6.20 -10.01 5.01
N LYS A 196 6.43 -8.74 5.33
CA LYS A 196 5.33 -7.80 5.49
C LYS A 196 4.48 -7.73 4.23
N GLU A 197 5.12 -7.84 3.07
CA GLU A 197 4.39 -7.79 1.83
C GLU A 197 3.46 -8.99 1.70
N LEU A 198 3.95 -10.18 2.02
CA LEU A 198 3.05 -11.32 1.98
C LEU A 198 1.91 -11.17 2.94
N LEU A 199 2.19 -10.64 4.11
CA LEU A 199 1.16 -10.46 5.07
C LEU A 199 0.09 -9.52 4.57
N SER A 200 0.48 -8.48 3.85
CA SER A 200 -0.50 -7.51 3.35
C SER A 200 -1.47 -8.11 2.34
N ILE A 201 -1.17 -9.29 1.80
CA ILE A 201 -2.06 -9.93 0.86
C ILE A 201 -2.67 -11.19 1.46
N GLY A 202 -2.68 -11.29 2.79
CA GLY A 202 -3.33 -12.40 3.48
C GLY A 202 -2.48 -13.63 3.70
N ILE A 203 -1.16 -13.54 3.51
CA ILE A 203 -0.30 -14.70 3.68
C ILE A 203 0.71 -14.58 4.81
N GLN A 204 0.63 -15.48 5.77
CA GLN A 204 1.58 -15.57 6.88
C GLN A 204 2.52 -16.75 6.67
N PRO A 205 3.81 -16.50 6.44
CA PRO A 205 4.87 -17.47 6.25
C PRO A 205 5.04 -18.37 7.43
N ASP A 206 5.37 -19.61 7.15
CA ASP A 206 5.64 -20.59 8.18
C ASP A 206 7.11 -20.95 8.21
N ILE A 207 7.72 -21.00 7.02
CA ILE A 207 9.12 -21.39 6.86
C ILE A 207 9.88 -20.36 6.07
N LEU A 208 11.03 -19.94 6.58
CA LEU A 208 11.83 -18.96 5.87
C LEU A 208 13.14 -19.53 5.36
N ILE A 209 13.50 -19.18 4.13
CA ILE A 209 14.75 -19.61 3.53
C ILE A 209 15.65 -18.41 3.27
N CYS A 210 16.78 -18.35 3.94
CA CYS A 210 17.68 -17.21 3.81
C CYS A 210 18.79 -17.43 2.82
N ARG A 211 18.59 -17.00 1.59
CA ARG A 211 19.61 -17.18 0.57
C ARG A 211 20.72 -16.19 0.75
N SER A 212 21.95 -16.68 0.65
CA SER A 212 23.10 -15.80 0.76
C SER A 212 24.31 -16.51 0.24
N ASP A 213 25.44 -15.82 0.28
CA ASP A 213 26.71 -16.43 -0.09
C ASP A 213 27.44 -16.98 1.13
N ARG A 214 26.75 -17.08 2.27
CA ARG A 214 27.38 -17.53 3.50
C ARG A 214 26.35 -17.82 4.56
N ALA A 215 26.71 -18.68 5.50
CA ALA A 215 25.79 -19.04 6.55
C ALA A 215 25.36 -17.83 7.35
N VAL A 216 24.08 -17.75 7.64
CA VAL A 216 23.54 -16.66 8.41
C VAL A 216 23.59 -17.04 9.89
N PRO A 217 24.17 -16.19 10.75
CA PRO A 217 24.30 -16.38 12.19
C PRO A 217 22.96 -16.59 12.84
N ALA A 218 22.94 -17.44 13.86
CA ALA A 218 21.73 -17.78 14.60
C ALA A 218 21.07 -16.55 15.17
N ASN A 219 21.87 -15.58 15.57
CA ASN A 219 21.37 -14.34 16.11
C ASN A 219 20.53 -13.61 15.10
N GLU A 220 20.96 -13.65 13.85
CA GLU A 220 20.27 -12.92 12.81
C GLU A 220 19.02 -13.66 12.45
N ARG A 221 19.09 -14.97 12.51
CA ARG A 221 17.96 -15.82 12.24
C ARG A 221 16.89 -15.58 13.30
N ALA A 222 17.34 -15.38 14.54
CA ALA A 222 16.45 -15.08 15.65
C ALA A 222 15.77 -13.73 15.47
N LYS A 223 16.53 -12.75 15.01
CA LYS A 223 15.98 -11.42 14.77
C LYS A 223 14.87 -11.48 13.73
N ILE A 224 15.11 -12.28 12.69
CA ILE A 224 14.12 -12.48 11.65
C ILE A 224 12.89 -13.16 12.22
N ALA A 225 13.11 -14.22 12.98
CA ALA A 225 12.06 -14.98 13.62
C ALA A 225 11.13 -14.05 14.38
N LEU A 226 11.73 -13.14 15.14
CA LEU A 226 10.97 -12.15 15.88
C LEU A 226 10.05 -11.34 15.03
N PHE A 227 10.62 -10.68 14.04
CA PHE A 227 9.84 -9.75 13.24
C PHE A 227 8.86 -10.40 12.29
N CYS A 228 9.02 -11.69 12.03
CA CYS A 228 8.15 -12.34 11.08
C CYS A 228 7.07 -13.23 11.67
N ASN A 229 7.01 -13.32 13.01
CA ASN A 229 6.05 -14.23 13.67
C ASN A 229 6.35 -15.69 13.35
N VAL A 230 7.63 -16.03 13.26
CA VAL A 230 8.03 -17.38 12.89
C VAL A 230 8.97 -17.94 13.95
N PRO A 231 8.83 -19.20 14.34
CA PRO A 231 9.70 -19.91 15.27
C PRO A 231 11.12 -19.92 14.74
N GLU A 232 12.09 -19.82 15.63
CA GLU A 232 13.50 -19.77 15.22
C GLU A 232 13.89 -20.99 14.42
N LYS A 233 13.39 -22.14 14.86
CA LYS A 233 13.64 -23.42 14.20
C LYS A 233 13.13 -23.48 12.77
N ALA A 234 12.22 -22.59 12.39
CA ALA A 234 11.68 -22.57 11.06
C ALA A 234 12.42 -21.58 10.16
N VAL A 235 13.44 -20.91 10.70
CA VAL A 235 14.24 -20.00 9.91
C VAL A 235 15.49 -20.74 9.47
N ILE A 236 15.50 -21.12 8.21
CA ILE A 236 16.56 -21.92 7.61
C ILE A 236 17.57 -21.09 6.85
N SER A 237 18.86 -21.33 7.09
CA SER A 237 19.91 -20.59 6.38
C SER A 237 20.35 -21.35 5.14
N LEU A 238 20.53 -20.65 4.03
CA LEU A 238 20.98 -21.36 2.83
C LEU A 238 22.02 -20.58 2.05
N LYS A 239 23.27 -20.89 2.39
CA LYS A 239 24.44 -20.32 1.76
C LYS A 239 24.68 -20.89 0.39
N ASP A 240 25.35 -20.14 -0.46
CA ASP A 240 25.69 -20.63 -1.79
C ASP A 240 26.68 -21.78 -1.76
N VAL A 241 26.43 -22.76 -2.61
CA VAL A 241 27.29 -23.94 -2.74
C VAL A 241 27.63 -24.21 -4.19
N ASP A 242 28.63 -25.05 -4.41
CA ASP A 242 29.10 -25.38 -5.75
C ASP A 242 28.36 -26.56 -6.41
N SER A 243 27.28 -27.02 -5.81
CA SER A 243 26.50 -28.11 -6.41
C SER A 243 25.15 -28.21 -5.81
N ILE A 244 24.15 -28.23 -6.69
CA ILE A 244 22.77 -28.37 -6.29
C ILE A 244 22.44 -29.72 -5.69
N TYR A 245 23.35 -30.68 -5.83
CA TYR A 245 23.07 -31.98 -5.30
C TYR A 245 23.45 -32.07 -3.83
N LYS A 246 24.03 -30.98 -3.29
CA LYS A 246 24.40 -30.89 -1.90
C LYS A 246 23.32 -30.22 -1.07
N ILE A 247 22.26 -29.75 -1.72
CA ILE A 247 21.25 -29.01 -1.00
C ILE A 247 20.38 -29.87 -0.09
N PRO A 248 19.93 -31.07 -0.51
CA PRO A 248 19.18 -32.02 0.29
C PRO A 248 19.89 -32.27 1.61
N GLY A 249 21.23 -32.34 1.55
CA GLY A 249 22.02 -32.53 2.74
C GLY A 249 21.86 -31.38 3.70
N LEU A 250 21.94 -30.16 3.17
CA LEU A 250 21.80 -28.97 4.00
C LEU A 250 20.41 -28.82 4.63
N LEU A 251 19.39 -29.11 3.85
CA LEU A 251 18.03 -28.96 4.35
C LEU A 251 17.75 -29.98 5.42
N LYS A 252 18.27 -31.19 5.20
CA LYS A 252 18.16 -32.26 6.16
C LYS A 252 18.89 -31.90 7.42
N SER A 253 20.09 -31.35 7.27
CA SER A 253 20.92 -30.94 8.39
C SER A 253 20.19 -29.99 9.33
N GLN A 254 19.40 -29.09 8.77
CA GLN A 254 18.68 -28.16 9.62
C GLN A 254 17.30 -28.63 10.09
N GLY A 255 16.93 -29.88 9.79
CA GLY A 255 15.68 -30.47 10.29
C GLY A 255 14.40 -30.00 9.61
N LEU A 256 14.51 -29.48 8.39
CA LEU A 256 13.36 -28.95 7.68
C LEU A 256 12.24 -29.95 7.48
N ASP A 257 12.58 -31.13 6.99
CA ASP A 257 11.61 -32.15 6.69
C ASP A 257 10.90 -32.70 7.91
N ASP A 258 11.60 -32.79 9.03
CA ASP A 258 10.98 -33.23 10.28
C ASP A 258 9.92 -32.27 10.69
N TYR A 259 10.22 -30.98 10.61
CA TYR A 259 9.26 -29.96 10.91
C TYR A 259 8.01 -30.16 10.08
N ILE A 260 8.20 -30.34 8.78
CA ILE A 260 7.11 -30.53 7.86
C ILE A 260 6.22 -31.71 8.19
N CYS A 261 6.81 -32.86 8.47
CA CYS A 261 6.01 -34.03 8.80
C CYS A 261 5.26 -33.81 10.10
N LYS A 262 5.86 -33.08 11.04
CA LYS A 262 5.15 -32.78 12.26
C LYS A 262 3.94 -31.91 11.98
N ARG A 263 4.10 -30.94 11.08
CA ARG A 263 2.99 -30.06 10.72
C ARG A 263 1.89 -30.81 10.01
N PHE A 264 5.63 -31.49 10.65
CA PHE A 264 4.51 -31.77 9.78
C PHE A 264 3.88 -33.13 10.02
N SER A 265 4.19 -33.78 11.15
CA SER A 265 3.64 -35.09 11.46
C SER A 265 3.79 -36.12 10.34
N LEU A 266 4.90 -36.08 9.62
CA LEU A 266 5.11 -37.01 8.53
C LEU A 266 5.98 -38.18 8.94
N ASN A 267 5.56 -39.37 8.54
CA ASN A 267 6.34 -40.56 8.83
C ASN A 267 7.31 -40.78 7.70
N CYS A 268 8.35 -39.97 7.70
CA CYS A 268 9.35 -39.94 6.63
C CYS A 268 10.43 -41.03 6.80
N PRO A 269 10.63 -41.89 5.80
CA PRO A 269 11.67 -42.90 5.69
C PRO A 269 13.04 -42.27 5.66
N GLU A 270 14.04 -42.97 6.19
CA GLU A 270 15.43 -42.51 6.21
C GLU A 270 15.92 -42.06 4.83
N ALA A 271 16.46 -40.84 4.76
CA ALA A 271 16.94 -40.29 3.50
C ALA A 271 18.02 -41.13 2.87
N ASN A 272 17.83 -41.44 1.60
CA ASN A 272 18.88 -42.12 0.84
C ASN A 272 19.68 -41.10 0.08
N LEU A 273 20.75 -40.61 0.69
CA LEU A 273 21.58 -39.59 0.06
C LEU A 273 22.82 -40.19 -0.61
N SER A 274 22.86 -41.53 -0.73
CA SER A 274 24.03 -42.19 -1.29
C SER A 274 24.32 -41.79 -2.72
N GLU A 275 23.30 -41.34 -3.44
CA GLU A 275 23.49 -40.89 -4.81
C GLU A 275 24.35 -39.65 -4.82
N TRP A 276 24.18 -38.82 -3.81
CA TRP A 276 24.93 -37.59 -3.73
C TRP A 276 26.31 -37.90 -3.23
N GLU A 277 26.40 -38.88 -2.33
CA GLU A 277 27.68 -39.30 -1.80
C GLU A 277 28.55 -39.82 -2.92
N GLN A 278 27.95 -40.56 -3.84
CA GLN A 278 28.64 -41.05 -5.02
C GLN A 278 29.20 -39.91 -5.82
N VAL A 279 28.35 -38.93 -6.11
CA VAL A 279 28.74 -37.77 -6.86
C VAL A 279 29.91 -37.07 -6.20
N ILE A 280 29.82 -36.89 -4.88
CA ILE A 280 30.86 -36.26 -4.10
C ILE A 280 32.16 -37.02 -4.18
N PHE A 281 32.08 -38.34 -4.02
CA PHE A 281 33.25 -39.19 -4.09
C PHE A 281 33.97 -39.04 -5.39
N GLU A 282 33.20 -39.11 -6.47
CA GLU A 282 33.76 -39.01 -7.79
C GLU A 282 34.34 -37.62 -8.01
N GLU A 283 33.62 -36.59 -7.56
CA GLU A 283 34.08 -35.20 -7.65
C GLU A 283 35.42 -35.00 -6.98
N ALA A 284 35.54 -35.52 -5.76
CA ALA A 284 36.74 -35.37 -4.97
C ALA A 284 37.84 -36.36 -5.35
N ASN A 285 37.60 -37.24 -6.31
CA ASN A 285 38.60 -38.21 -6.69
C ASN A 285 38.66 -38.47 -8.19
N PRO A 286 38.95 -37.45 -9.00
CA PRO A 286 39.11 -37.53 -10.44
C PRO A 286 40.43 -38.23 -10.70
N VAL A 287 40.53 -38.90 -11.84
CA VAL A 287 41.75 -39.58 -12.19
C VAL A 287 42.60 -38.71 -13.11
N SER A 288 41.29 -38.22 -15.53
CA SER A 288 41.84 -37.38 -16.58
C SER A 288 41.07 -36.08 -16.79
N GLU A 289 41.37 -35.40 -17.89
CA GLU A 289 40.70 -34.16 -18.27
C GLU A 289 40.80 -33.91 -19.78
N VAL A 290 39.75 -33.34 -20.34
CA VAL A 290 39.73 -32.99 -21.77
C VAL A 290 39.12 -31.62 -22.02
N THR A 291 39.49 -31.00 -23.13
CA THR A 291 38.92 -29.71 -23.50
C THR A 291 38.06 -29.85 -24.74
N ILE A 292 36.82 -29.41 -24.61
CA ILE A 292 35.85 -29.53 -25.67
C ILE A 292 35.34 -28.16 -26.08
N GLY A 293 35.49 -27.83 -27.35
CA GLY A 293 35.01 -26.53 -27.81
C GLY A 293 33.54 -26.59 -28.13
N MET A 294 32.82 -25.54 -27.79
CA MET A 294 31.40 -25.43 -28.08
C MET A 294 31.15 -24.21 -28.94
N VAL A 295 30.89 -24.45 -30.22
CA VAL A 295 30.69 -23.35 -31.15
C VAL A 295 29.24 -23.08 -31.36
N GLY A 296 28.80 -21.88 -31.03
CA GLY A 296 27.38 -21.58 -31.14
C GLY A 296 27.04 -20.11 -31.25
N LYS A 297 25.97 -19.72 -30.57
CA LYS A 297 25.43 -18.37 -30.72
C LYS A 297 24.99 -17.74 -29.42
N TYR A 298 24.40 -18.54 -28.53
CA TYR A 298 23.88 -18.02 -27.29
C TYR A 298 24.84 -18.23 -26.13
N ILE A 299 26.13 -18.32 -26.43
CA ILE A 299 27.14 -18.61 -25.42
C ILE A 299 27.32 -17.51 -24.38
N GLU A 300 26.75 -16.34 -24.62
CA GLU A 300 26.79 -15.27 -23.65
C GLU A 300 25.94 -15.56 -22.42
N LEU A 301 25.11 -16.59 -22.51
CA LEU A 301 24.31 -17.02 -21.39
C LEU A 301 24.29 -18.52 -21.29
N PRO A 302 25.23 -19.12 -20.55
CA PRO A 302 25.43 -20.56 -20.31
C PRO A 302 24.14 -21.36 -20.31
N ASP A 303 23.12 -20.83 -19.64
CA ASP A 303 21.80 -21.44 -19.50
C ASP A 303 21.19 -21.91 -20.83
N ALA A 304 21.51 -21.22 -21.92
CA ALA A 304 21.02 -21.55 -23.25
C ALA A 304 21.41 -22.94 -23.68
N TYR A 305 22.54 -23.42 -23.20
CA TYR A 305 23.00 -24.73 -23.56
C TYR A 305 23.14 -25.60 -22.30
N LYS A 306 22.40 -25.26 -21.25
CA LYS A 306 22.47 -25.93 -19.95
C LYS A 306 22.33 -27.43 -20.03
N SER A 307 21.30 -27.89 -20.74
CA SER A 307 21.06 -29.31 -20.84
C SER A 307 22.21 -30.03 -21.54
N VAL A 308 22.85 -29.34 -22.47
CA VAL A 308 23.97 -29.89 -23.19
C VAL A 308 25.19 -29.99 -22.30
N ILE A 309 25.43 -28.91 -21.57
CA ILE A 309 26.54 -28.83 -20.64
C ILE A 309 26.49 -29.94 -19.63
N GLU A 310 25.29 -30.19 -19.09
CA GLU A 310 25.13 -31.23 -18.11
C GLU A 310 25.28 -32.60 -18.74
N ALA A 311 24.82 -32.76 -19.97
CA ALA A 311 24.98 -34.03 -20.66
C ALA A 311 26.46 -34.35 -20.83
N LEU A 312 27.26 -33.34 -21.18
CA LEU A 312 28.70 -33.49 -21.29
C LEU A 312 29.32 -33.88 -19.98
N LYS A 313 28.85 -33.24 -18.91
CA LYS A 313 29.32 -33.54 -17.57
C LYS A 313 29.11 -34.99 -17.23
N HIS A 314 27.93 -35.51 -17.55
CA HIS A 314 27.57 -36.88 -17.25
C HIS A 314 28.44 -37.87 -18.00
N GLY A 315 28.76 -37.56 -19.26
CA GLY A 315 29.66 -38.42 -20.02
C GLY A 315 31.01 -38.48 -19.32
N GLY A 316 31.47 -37.30 -18.86
CA GLY A 316 32.72 -37.18 -18.14
C GLY A 316 32.70 -37.97 -16.83
N LEU A 317 31.56 -37.97 -16.14
CA LEU A 317 31.47 -38.73 -14.90
C LEU A 317 31.68 -40.20 -15.15
N LYS A 318 31.10 -40.72 -16.22
CA LYS A 318 31.24 -42.13 -16.52
C LYS A 318 32.65 -42.49 -16.95
N ASN A 319 33.34 -41.56 -17.59
CA ASN A 319 34.71 -41.82 -17.98
C ASN A 319 35.74 -41.24 -17.01
N ARG A 320 35.30 -40.78 -15.83
CA ARG A 320 36.20 -40.20 -14.84
C ARG A 320 37.14 -39.18 -15.48
N VAL A 321 36.56 -38.23 -16.19
CA VAL A 321 37.35 -37.24 -16.87
C VAL A 321 36.71 -35.86 -16.82
N SER A 322 37.51 -34.86 -16.50
CA SER A 322 37.02 -33.50 -16.38
C SER A 322 36.67 -32.93 -17.74
N VAL A 323 35.55 -32.21 -17.80
CA VAL A 323 35.11 -31.60 -19.04
C VAL A 323 35.27 -30.08 -19.02
N ASN A 324 36.20 -29.58 -19.83
CA ASN A 324 36.46 -28.17 -19.95
C ASN A 324 35.82 -27.60 -21.21
N ILE A 325 34.70 -26.91 -21.07
CA ILE A 325 34.03 -26.37 -22.24
C ILE A 325 34.52 -24.98 -22.63
N LYS A 326 34.93 -24.85 -23.89
CA LYS A 326 35.34 -23.55 -24.42
C LYS A 326 34.20 -22.95 -25.20
N LEU A 327 33.65 -21.85 -24.71
CA LEU A 327 32.57 -21.26 -25.48
C LEU A 327 33.11 -20.43 -26.62
N ILE A 328 32.59 -20.71 -27.80
CA ILE A 328 33.03 -20.08 -29.02
C ILE A 328 31.90 -19.48 -29.82
N ASP A 329 32.03 -18.21 -30.16
CA ASP A 329 31.03 -17.59 -30.99
C ASP A 329 31.29 -17.93 -32.42
N SER A 330 30.36 -18.61 -33.05
CA SER A 330 30.45 -18.97 -34.44
C SER A 330 30.72 -17.77 -35.38
N GLN A 331 30.32 -16.58 -34.96
CA GLN A 331 30.54 -15.37 -35.72
C GLN A 331 32.02 -14.98 -35.68
N ASP A 332 32.71 -15.37 -34.60
CA ASP A 332 34.13 -15.11 -34.47
C ASP A 332 34.88 -16.10 -35.33
N VAL A 333 34.33 -17.30 -35.48
CA VAL A 333 34.94 -18.24 -36.40
C VAL A 333 34.87 -17.64 -37.79
N GLU A 334 33.76 -16.98 -38.11
CA GLU A 334 33.67 -16.30 -39.39
C GLU A 334 34.67 -15.14 -39.51
N THR A 335 34.89 -14.42 -38.41
CA THR A 335 35.82 -13.30 -38.38
C THR A 335 37.29 -13.71 -38.24
N ARG A 336 37.63 -14.23 -37.07
CA ARG A 336 38.98 -14.66 -36.75
C ARG A 336 39.40 -15.90 -37.50
N GLY A 337 38.47 -16.84 -37.64
CA GLY A 337 38.79 -18.07 -38.36
C GLY A 337 39.08 -19.22 -37.41
N VAL A 338 39.43 -20.36 -38.02
CA VAL A 338 39.72 -21.63 -37.34
C VAL A 338 40.82 -21.60 -36.27
N GLU A 339 41.58 -20.50 -36.14
CA GLU A 339 42.58 -20.39 -35.09
C GLU A 339 41.97 -20.58 -33.71
N ILE A 340 40.69 -20.26 -33.60
CA ILE A 340 39.89 -20.41 -32.41
C ILE A 340 39.77 -21.86 -31.96
N LEU A 341 39.72 -22.73 -32.96
CA LEU A 341 39.49 -24.15 -32.79
C LEU A 341 40.76 -24.92 -32.44
N LYS A 342 41.88 -24.21 -32.33
CA LYS A 342 43.13 -24.84 -31.97
C LYS A 342 43.20 -25.04 -30.46
N GLY A 343 43.96 -26.05 -30.03
CA GLY A 343 44.11 -26.33 -28.61
C GLY A 343 42.95 -27.11 -28.01
N LEU A 344 42.12 -27.69 -28.88
CA LEU A 344 40.96 -28.44 -28.43
C LEU A 344 41.15 -29.93 -28.64
N ASP A 345 40.56 -30.73 -27.75
CA ASP A 345 40.64 -32.17 -27.85
C ASP A 345 39.43 -32.67 -28.60
N ALA A 346 38.33 -31.94 -28.48
CA ALA A 346 37.13 -32.29 -29.19
C ALA A 346 36.32 -31.09 -29.55
N ILE A 347 35.47 -31.26 -30.54
CA ILE A 347 34.62 -30.22 -31.06
C ILE A 347 33.15 -30.56 -30.91
N LEU A 348 32.38 -29.62 -30.39
CA LEU A 348 30.96 -29.82 -30.25
C LEU A 348 30.15 -28.66 -30.77
N VAL A 349 29.08 -29.00 -31.49
CA VAL A 349 28.19 -28.00 -32.03
C VAL A 349 26.74 -28.30 -31.63
N PRO A 350 26.16 -27.50 -30.73
CA PRO A 350 24.82 -27.58 -30.17
C PRO A 350 23.76 -27.13 -31.18
N GLY A 351 22.50 -27.43 -30.85
CA GLY A 351 21.38 -27.06 -31.70
C GLY A 351 20.95 -25.60 -31.48
N GLY A 352 19.79 -25.23 -32.04
CA GLY A 352 19.26 -23.88 -31.88
C GLY A 352 18.61 -23.35 -33.16
N PHE A 353 18.20 -22.08 -33.12
CA PHE A 353 17.56 -21.44 -34.27
C PHE A 353 18.21 -20.09 -34.58
N GLY A 354 18.23 -19.72 -35.86
CA GLY A 354 18.82 -18.46 -36.31
C GLY A 354 20.11 -18.69 -37.10
N TYR A 355 20.34 -17.89 -38.14
CA TYR A 355 21.55 -18.04 -38.96
C TYR A 355 22.76 -17.49 -38.22
N ARG A 356 22.82 -16.18 -38.06
CA ARG A 356 23.95 -15.58 -37.36
C ARG A 356 25.27 -16.16 -37.87
N GLY A 357 26.02 -16.85 -37.01
CA GLY A 357 27.32 -17.39 -37.40
C GLY A 357 27.31 -18.81 -38.00
N VAL A 358 26.17 -19.28 -38.51
CA VAL A 358 26.11 -20.62 -39.15
C VAL A 358 27.18 -20.92 -40.16
N GLU A 359 27.64 -19.95 -40.93
CA GLU A 359 28.68 -20.28 -41.88
C GLU A 359 29.96 -20.63 -41.13
N GLY A 360 30.21 -19.92 -40.03
CA GLY A 360 31.34 -20.21 -39.16
C GLY A 360 31.17 -21.59 -38.53
N MET A 361 29.93 -21.95 -38.23
CA MET A 361 29.64 -23.28 -37.68
C MET A 361 30.05 -24.33 -38.69
N ILE A 362 29.74 -24.08 -39.97
CA ILE A 362 30.11 -24.97 -41.05
C ILE A 362 31.61 -25.08 -41.15
N THR A 363 32.29 -23.94 -41.06
CA THR A 363 33.74 -23.89 -41.08
C THR A 363 34.32 -24.77 -39.98
N THR A 364 33.72 -24.69 -38.79
CA THR A 364 34.14 -25.50 -37.67
C THR A 364 33.92 -26.98 -37.93
N ALA A 365 32.75 -27.33 -38.47
CA ALA A 365 32.45 -28.72 -38.78
C ALA A 365 33.48 -29.27 -39.72
N ARG A 366 33.80 -28.47 -40.74
CA ARG A 366 34.82 -28.80 -41.71
C ARG A 366 36.14 -29.04 -41.04
N PHE A 367 36.52 -28.11 -40.18
CA PHE A 367 37.76 -28.19 -39.43
C PHE A 367 37.89 -29.49 -38.66
N ALA A 368 36.89 -29.80 -37.86
CA ALA A 368 36.91 -31.02 -37.04
C ALA A 368 36.93 -32.27 -37.91
N ARG A 369 36.15 -32.24 -38.99
CA ARG A 369 36.10 -33.36 -39.91
C ARG A 369 37.44 -33.61 -40.55
N GLU A 370 37.94 -32.60 -41.25
CA GLU A 370 39.17 -32.70 -41.98
C GLU A 370 40.39 -32.91 -41.10
N ASN A 371 40.35 -32.42 -39.86
CA ASN A 371 41.49 -32.63 -38.98
C ASN A 371 41.30 -33.80 -38.01
N ASN A 372 40.27 -34.64 -38.21
CA ASN A 372 40.07 -35.80 -37.36
C ASN A 372 39.98 -35.51 -35.87
N ILE A 373 39.21 -34.48 -35.49
CA ILE A 373 39.10 -34.10 -34.09
C ILE A 373 37.72 -34.42 -33.51
N PRO A 374 37.58 -35.57 -32.81
CA PRO A 374 36.34 -35.98 -32.07
C PRO A 374 35.19 -34.97 -32.15
N TYR A 375 34.28 -35.18 -33.08
CA TYR A 375 33.18 -34.25 -33.30
C TYR A 375 31.78 -34.74 -32.91
N LEU A 376 31.04 -33.89 -32.22
CA LEU A 376 29.64 -34.21 -31.88
C LEU A 376 28.69 -33.07 -32.27
N GLY A 377 27.77 -33.37 -33.19
CA GLY A 377 26.79 -32.38 -33.64
C GLY A 377 25.36 -32.74 -33.26
N ILE A 378 24.61 -31.76 -32.77
CA ILE A 378 23.23 -31.98 -32.36
C ILE A 378 22.25 -31.01 -33.03
N CYS A 379 21.22 -31.58 -33.67
CA CYS A 379 20.16 -30.84 -34.35
C CYS A 379 20.75 -29.89 -35.38
N LEU A 380 20.78 -28.59 -35.07
CA LEU A 380 21.39 -27.61 -35.96
C LEU A 380 22.82 -27.98 -36.29
N GLY A 381 23.55 -28.53 -35.32
CA GLY A 381 24.92 -28.95 -35.56
C GLY A 381 24.98 -30.03 -36.64
N MET A 382 23.96 -30.90 -36.66
CA MET A 382 23.86 -31.92 -37.69
C MET A 382 23.60 -31.29 -39.04
N GLN A 383 22.69 -30.30 -39.07
CA GLN A 383 22.34 -29.59 -40.30
C GLN A 383 23.58 -28.96 -40.90
N VAL A 384 24.37 -28.34 -40.03
CA VAL A 384 25.63 -27.73 -40.36
C VAL A 384 26.63 -28.72 -40.91
N ALA A 385 26.80 -29.83 -40.22
CA ALA A 385 27.71 -30.88 -40.64
C ALA A 385 27.30 -31.45 -41.98
N LEU A 386 25.99 -31.58 -42.20
CA LEU A 386 25.45 -32.07 -43.44
C LEU A 386 25.90 -31.18 -44.58
N ILE A 387 25.72 -29.87 -44.40
CA ILE A 387 26.15 -28.89 -45.38
C ILE A 387 27.63 -28.93 -45.63
N ASP A 388 28.41 -28.97 -44.56
CA ASP A 388 29.85 -29.10 -44.66
C ASP A 388 30.30 -30.20 -45.57
N TYR A 389 29.90 -31.42 -45.23
CA TYR A 389 30.27 -32.57 -46.00
C TYR A 389 29.75 -32.48 -47.44
N ALA A 390 28.49 -32.13 -47.57
CA ALA A 390 27.85 -32.06 -48.86
C ALA A 390 28.58 -31.11 -49.80
N ARG A 391 28.86 -29.91 -49.31
CA ARG A 391 29.51 -28.90 -50.13
C ARG A 391 30.97 -29.19 -50.43
N HIS A 392 31.69 -29.70 -49.43
CA HIS A 392 33.13 -29.88 -49.59
C HIS A 392 33.57 -31.30 -49.93
N VAL A 393 32.64 -32.24 -49.98
CA VAL A 393 33.01 -33.60 -50.35
C VAL A 393 32.10 -34.10 -51.46
N ALA A 394 30.79 -33.92 -51.28
CA ALA A 394 29.85 -34.33 -52.32
C ALA A 394 29.75 -33.26 -53.43
N ASN A 395 30.50 -32.16 -53.28
CA ASN A 395 30.59 -31.07 -54.25
C ASN A 395 29.28 -30.34 -54.47
N MET A 396 28.51 -30.20 -53.41
CA MET A 396 27.23 -29.54 -53.51
C MET A 396 27.39 -28.09 -53.14
N GLU A 397 27.92 -27.34 -54.10
CA GLU A 397 28.16 -25.91 -53.97
C GLU A 397 26.96 -25.20 -53.40
N ASN A 398 27.17 -24.46 -52.33
CA ASN A 398 26.09 -23.78 -51.62
C ASN A 398 25.07 -24.74 -51.04
N ALA A 399 25.52 -25.90 -50.55
CA ALA A 399 24.59 -26.78 -49.87
C ALA A 399 23.96 -25.97 -48.76
N ASN A 400 22.65 -26.06 -48.61
CA ASN A 400 22.07 -25.20 -47.58
C ASN A 400 20.68 -25.64 -47.15
N SER A 401 20.08 -24.86 -46.25
CA SER A 401 18.75 -25.10 -45.77
C SER A 401 17.79 -24.06 -46.30
N THR A 402 16.60 -24.53 -46.66
CA THR A 402 15.55 -23.66 -47.18
C THR A 402 15.02 -22.71 -46.13
N GLU A 403 15.33 -22.97 -44.86
CA GLU A 403 14.92 -22.08 -43.79
C GLU A 403 15.70 -20.77 -43.85
N PHE A 404 16.79 -20.75 -44.63
CA PHE A 404 17.58 -19.54 -44.75
C PHE A 404 17.61 -19.06 -46.18
N VAL A 405 17.60 -19.98 -47.14
CA VAL A 405 17.66 -19.59 -48.54
C VAL A 405 16.56 -20.27 -49.37
N PRO A 406 15.55 -19.51 -49.82
CA PRO A 406 14.43 -19.94 -50.66
C PRO A 406 14.88 -20.80 -51.83
N ASP A 407 15.95 -20.40 -52.49
CA ASP A 407 16.47 -21.23 -53.56
C ASP A 407 17.92 -21.54 -53.31
N CYS A 408 18.14 -22.53 -52.45
CA CYS A 408 19.45 -22.98 -52.06
C CYS A 408 20.27 -23.52 -53.22
N LYS A 409 19.57 -24.05 -54.23
CA LYS A 409 20.14 -24.77 -55.38
C LYS A 409 20.58 -26.20 -55.00
N TYR A 410 20.97 -26.42 -53.75
CA TYR A 410 21.34 -27.71 -53.21
C TYR A 410 20.79 -27.81 -51.79
N PRO A 411 19.47 -27.56 -51.62
CA PRO A 411 18.72 -27.65 -50.36
C PRO A 411 18.93 -28.98 -49.64
N VAL A 412 20.04 -29.11 -48.92
CA VAL A 412 20.26 -30.37 -48.19
C VAL A 412 19.29 -30.51 -47.03
N VAL A 413 18.75 -29.39 -46.54
CA VAL A 413 17.73 -29.42 -45.50
C VAL A 413 16.49 -28.64 -45.95
N ALA A 414 15.32 -29.24 -45.76
CA ALA A 414 14.07 -28.60 -46.18
C ALA A 414 12.88 -29.27 -45.53
N LEU A 415 11.70 -28.68 -45.66
CA LEU A 415 10.53 -29.34 -45.14
C LEU A 415 10.27 -30.50 -46.05
N ILE A 416 9.64 -31.57 -45.55
CA ILE A 416 9.39 -32.73 -46.39
C ILE A 416 8.65 -32.35 -47.66
N THR A 417 7.63 -31.50 -47.53
CA THR A 417 6.91 -30.97 -48.67
C THR A 417 7.84 -30.22 -49.62
N GLU A 418 8.79 -29.49 -49.04
CA GLU A 418 9.77 -28.71 -49.78
C GLU A 418 10.93 -29.50 -50.37
N TRP A 419 10.98 -30.81 -50.14
CA TRP A 419 12.09 -31.57 -50.68
C TRP A 419 12.16 -31.47 -52.17
N ARG A 420 13.34 -31.15 -52.65
CA ARG A 420 13.57 -31.03 -54.07
C ARG A 420 15.03 -31.19 -54.43
N ASP A 421 15.30 -31.42 -55.69
CA ASP A 421 16.68 -31.55 -56.13
C ASP A 421 17.18 -30.21 -56.65
N GLU A 422 18.42 -30.21 -57.13
CA GLU A 422 19.06 -29.02 -57.68
C GLU A 422 18.45 -28.52 -58.99
N ASN A 423 17.60 -29.34 -59.61
CA ASN A 423 16.95 -28.99 -60.85
C ASN A 423 15.51 -28.51 -60.62
N GLY A 424 15.13 -28.37 -59.34
CA GLY A 424 13.80 -27.89 -59.01
C GLY A 424 12.72 -28.97 -58.99
N ASN A 425 13.11 -30.24 -59.15
CA ASN A 425 12.11 -31.30 -59.13
C ASN A 425 11.81 -31.59 -57.67
N VAL A 426 10.57 -31.85 -57.33
CA VAL A 426 10.23 -31.99 -55.92
C VAL A 426 9.88 -33.42 -55.54
N GLU A 427 9.38 -33.58 -54.31
CA GLU A 427 8.98 -34.85 -53.68
C GLU A 427 10.18 -35.51 -53.02
N THR A 438 4.44 -30.30 -39.06
CA THR A 438 4.92 -29.09 -38.40
C THR A 438 6.26 -29.34 -37.76
N MET A 439 6.28 -29.39 -36.42
CA MET A 439 7.49 -29.63 -35.68
C MET A 439 7.49 -30.99 -35.01
N ARG A 440 8.58 -31.72 -35.20
CA ARG A 440 8.73 -32.99 -34.54
C ARG A 440 9.07 -32.76 -33.11
N LEU A 441 8.21 -33.26 -32.23
CA LEU A 441 8.35 -33.06 -30.82
C LEU A 441 8.25 -34.31 -29.99
N GLY A 442 9.03 -34.32 -28.91
CA GLY A 442 8.94 -35.36 -27.91
C GLY A 442 9.73 -36.58 -28.24
N ALA A 443 9.60 -37.59 -27.38
CA ALA A 443 10.31 -38.83 -27.54
C ALA A 443 9.75 -39.63 -28.71
N GLN A 444 10.61 -39.98 -29.66
CA GLN A 444 10.21 -40.73 -30.83
C GLN A 444 11.15 -41.89 -31.12
N GLN A 445 10.62 -42.99 -31.63
CA GLN A 445 11.44 -44.15 -31.91
C GLN A 445 12.24 -43.99 -33.19
N CYS A 446 13.52 -44.32 -33.09
CA CYS A 446 14.44 -44.25 -34.20
C CYS A 446 14.98 -45.64 -34.51
N GLN A 447 15.16 -45.93 -35.78
CA GLN A 447 15.71 -47.21 -36.20
C GLN A 447 17.22 -47.11 -36.39
N LEU A 448 17.97 -47.82 -35.58
CA LEU A 448 19.40 -47.73 -35.76
C LEU A 448 19.89 -48.79 -36.70
N VAL A 449 20.93 -48.45 -37.45
CA VAL A 449 21.53 -49.41 -38.35
C VAL A 449 22.42 -50.28 -37.53
N ASP A 450 22.15 -51.58 -37.56
CA ASP A 450 22.89 -52.56 -36.77
C ASP A 450 24.40 -52.49 -36.92
N ASP A 451 24.87 -52.08 -38.08
CA ASP A 451 26.29 -51.97 -38.35
C ASP A 451 26.90 -50.62 -37.93
N SER A 452 26.11 -49.72 -37.35
CA SER A 452 26.62 -48.42 -36.96
C SER A 452 27.21 -48.43 -35.58
N LEU A 453 28.05 -47.44 -35.31
CA LEU A 453 28.67 -47.30 -34.01
C LEU A 453 27.62 -47.04 -32.95
N VAL A 454 26.73 -46.08 -33.21
CA VAL A 454 25.72 -45.72 -32.22
C VAL A 454 24.74 -46.83 -31.90
N ARG A 455 24.48 -47.73 -32.84
CA ARG A 455 23.64 -48.86 -32.54
C ARG A 455 24.29 -49.68 -31.45
N GLN A 456 25.60 -49.87 -31.61
CA GLN A 456 26.36 -50.61 -30.64
C GLN A 456 26.61 -49.82 -29.37
N LEU A 457 26.68 -48.49 -29.46
CA LEU A 457 26.85 -47.69 -28.25
C LEU A 457 25.62 -47.84 -27.36
N TYR A 458 24.45 -47.84 -27.99
CA TYR A 458 23.19 -48.04 -27.30
C TYR A 458 22.91 -49.51 -26.99
N ASN A 459 23.51 -50.40 -27.79
CA ASN A 459 23.32 -51.83 -27.66
C ASN A 459 21.88 -52.20 -27.95
N ALA A 460 21.30 -51.57 -28.95
CA ALA A 460 19.91 -51.87 -29.26
C ALA A 460 19.58 -51.51 -30.69
N PRO A 461 18.77 -52.35 -31.38
CA PRO A 461 18.23 -52.19 -32.73
C PRO A 461 17.58 -50.84 -32.94
N THR A 462 16.79 -50.42 -31.95
CA THR A 462 16.12 -49.14 -32.01
C THR A 462 16.27 -48.42 -30.70
N ILE A 463 15.99 -47.13 -30.73
CA ILE A 463 16.05 -46.28 -29.54
C ILE A 463 14.91 -45.30 -29.55
N VAL A 464 14.68 -44.66 -28.42
CA VAL A 464 13.67 -43.63 -28.35
C VAL A 464 14.30 -42.35 -27.80
N GLU A 465 14.25 -41.27 -28.57
CA GLU A 465 14.90 -40.01 -28.20
C GLU A 465 14.03 -38.79 -28.53
N ARG A 466 14.25 -37.69 -27.80
CA ARG A 466 13.40 -36.51 -27.97
C ARG A 466 13.75 -35.60 -29.14
N HIS A 467 12.72 -35.01 -29.74
CA HIS A 467 12.92 -34.10 -30.87
C HIS A 467 12.29 -32.72 -30.66
N ARG A 468 12.77 -31.76 -31.47
CA ARG A 468 12.25 -30.38 -31.49
C ARG A 468 12.65 -29.63 -32.76
N HIS A 469 12.17 -30.07 -33.91
CA HIS A 469 12.52 -29.37 -35.16
C HIS A 469 11.53 -29.59 -36.30
N ARG A 470 11.51 -28.66 -37.24
CA ARG A 470 10.55 -28.69 -38.33
C ARG A 470 11.13 -29.16 -39.65
N TYR A 471 12.41 -28.90 -39.86
CA TYR A 471 13.03 -29.22 -41.13
C TYR A 471 13.73 -30.56 -41.10
N GLU A 472 13.81 -31.21 -42.27
CA GLU A 472 14.39 -32.53 -42.41
C GLU A 472 15.45 -32.67 -43.48
N VAL A 473 16.19 -33.77 -43.41
CA VAL A 473 17.20 -34.02 -44.41
C VAL A 473 16.52 -34.31 -45.74
N ASN A 474 16.89 -33.55 -46.73
CA ASN A 474 16.29 -33.66 -48.03
C ASN A 474 16.76 -34.87 -48.77
N ASN A 475 15.99 -35.94 -48.67
CA ASN A 475 16.32 -37.18 -49.33
C ASN A 475 16.50 -37.10 -50.84
N MET A 476 15.99 -36.05 -51.49
CA MET A 476 16.19 -35.87 -52.93
C MET A 476 17.67 -35.79 -53.27
N LEU A 477 18.45 -35.22 -52.37
CA LEU A 477 19.88 -35.04 -52.56
C LEU A 477 20.71 -35.88 -51.60
N LEU A 478 20.06 -36.74 -50.84
CA LEU A 478 20.75 -37.56 -49.86
C LEU A 478 21.69 -38.51 -50.53
N LYS A 479 21.21 -39.20 -51.53
CA LYS A 479 22.02 -40.15 -52.26
C LYS A 479 23.32 -39.54 -52.76
N GLN A 480 23.33 -38.25 -53.07
CA GLN A 480 24.56 -37.58 -53.46
C GLN A 480 25.55 -37.57 -52.31
N ILE A 481 25.06 -37.16 -51.16
CA ILE A 481 25.84 -37.05 -49.95
C ILE A 481 26.30 -38.37 -49.38
N GLU A 482 25.36 -39.29 -49.24
CA GLU A 482 25.64 -40.61 -48.69
C GLU A 482 26.56 -41.40 -49.60
N ASP A 483 26.27 -41.42 -50.91
CA ASP A 483 27.12 -42.17 -51.84
C ASP A 483 28.52 -41.58 -51.93
N ALA A 484 28.67 -40.27 -51.69
CA ALA A 484 29.99 -39.65 -51.68
C ALA A 484 30.91 -40.25 -50.61
N GLY A 485 30.35 -40.95 -49.61
CA GLY A 485 31.12 -41.60 -48.58
C GLY A 485 30.75 -41.08 -47.20
N LEU A 486 29.51 -41.31 -46.80
CA LEU A 486 29.05 -40.87 -45.50
C LEU A 486 28.06 -41.89 -44.95
N ARG A 487 28.20 -42.23 -43.68
CA ARG A 487 27.35 -43.28 -43.13
C ARG A 487 26.08 -42.79 -42.45
N VAL A 488 24.94 -43.30 -42.88
CA VAL A 488 23.73 -43.00 -42.15
C VAL A 488 23.60 -44.08 -41.10
N ALA A 489 23.84 -43.69 -39.86
CA ALA A 489 23.83 -44.60 -38.74
C ALA A 489 22.44 -44.91 -38.23
N GLY A 490 21.47 -44.06 -38.57
CA GLY A 490 20.11 -44.35 -38.17
C GLY A 490 19.10 -43.54 -38.95
N ARG A 491 17.89 -44.06 -39.01
CA ARG A 491 16.78 -43.46 -39.73
C ARG A 491 15.58 -43.49 -38.81
N SER A 492 14.45 -42.91 -39.18
CA SER A 492 13.37 -42.83 -38.21
C SER A 492 12.28 -43.90 -38.33
N GLY A 493 11.13 -43.53 -38.87
CA GLY A 493 9.99 -44.43 -38.92
C GLY A 493 9.40 -44.53 -40.31
N ASP A 494 8.14 -44.11 -40.43
CA ASP A 494 7.37 -44.19 -41.66
C ASP A 494 8.13 -43.82 -42.93
N ASP A 495 8.77 -42.66 -42.93
CA ASP A 495 9.53 -42.21 -44.08
C ASP A 495 11.04 -42.39 -43.94
N GLN A 496 11.47 -43.14 -42.91
CA GLN A 496 12.89 -43.38 -42.63
C GLN A 496 13.70 -42.13 -42.80
N LEU A 497 13.40 -41.13 -41.98
CA LEU A 497 14.07 -39.86 -42.07
C LEU A 497 15.42 -40.02 -41.44
N VAL A 498 16.42 -39.30 -41.94
CA VAL A 498 17.76 -39.48 -41.41
C VAL A 498 17.86 -38.97 -39.99
N GLU A 499 18.27 -39.86 -39.08
CA GLU A 499 18.40 -39.51 -37.69
C GLU A 499 19.85 -39.35 -37.25
N ILE A 500 20.71 -40.28 -37.65
CA ILE A 500 22.10 -40.21 -37.21
C ILE A 500 23.08 -40.44 -38.35
N ILE A 501 24.12 -39.61 -38.39
CA ILE A 501 25.20 -39.75 -39.37
C ILE A 501 26.60 -39.88 -38.75
N GLU A 502 27.41 -40.78 -39.32
CA GLU A 502 28.77 -41.06 -38.89
C GLU A 502 29.76 -40.89 -40.06
N VAL A 503 30.96 -40.39 -39.77
CA VAL A 503 31.97 -40.27 -40.84
C VAL A 503 32.87 -41.51 -40.93
N PRO A 504 32.79 -42.28 -42.03
CA PRO A 504 33.51 -43.51 -42.35
C PRO A 504 34.93 -43.62 -41.80
N ASN A 505 35.73 -42.57 -41.97
CA ASN A 505 37.13 -42.66 -41.55
C ASN A 505 37.52 -41.66 -40.48
N HIS A 506 36.55 -41.01 -39.88
CA HIS A 506 36.87 -40.09 -38.83
C HIS A 506 36.92 -40.87 -37.53
N PRO A 507 37.92 -40.66 -36.67
CA PRO A 507 38.10 -41.29 -35.38
C PRO A 507 36.82 -41.31 -34.56
N TRP A 508 36.09 -40.19 -34.54
CA TRP A 508 34.84 -40.19 -33.82
C TRP A 508 34.03 -38.97 -34.25
N PHE A 509 33.23 -39.09 -35.30
CA PHE A 509 32.42 -37.97 -35.77
C PHE A 509 31.01 -38.40 -35.97
N VAL A 510 30.12 -37.90 -35.14
CA VAL A 510 28.73 -38.28 -35.27
C VAL A 510 27.84 -37.05 -35.19
N ALA A 511 26.63 -37.17 -35.72
CA ALA A 511 25.68 -36.08 -35.60
C ALA A 511 24.25 -36.61 -35.61
N CYS A 512 23.34 -35.96 -34.87
CA CYS A 512 21.96 -36.47 -34.85
C CYS A 512 20.85 -35.41 -34.76
N GLN A 513 19.63 -35.81 -35.15
CA GLN A 513 18.42 -34.97 -35.14
C GLN A 513 17.80 -34.81 -33.76
N PHE A 514 17.89 -35.85 -32.95
CA PHE A 514 17.31 -35.85 -31.62
C PHE A 514 18.15 -35.13 -30.58
N HIS A 515 17.57 -35.00 -29.40
CA HIS A 515 18.14 -34.30 -28.27
C HIS A 515 18.47 -35.19 -27.10
N PRO A 516 19.57 -35.93 -27.15
CA PRO A 516 20.04 -36.89 -26.16
C PRO A 516 20.28 -36.25 -24.79
N GLU A 517 20.51 -34.94 -24.79
CA GLU A 517 20.73 -34.17 -23.57
C GLU A 517 19.51 -34.07 -22.66
N PHE A 518 18.35 -34.49 -23.13
CA PHE A 518 17.18 -34.48 -22.28
C PHE A 518 16.93 -35.86 -21.69
N THR A 519 17.78 -36.83 -21.99
CA THR A 519 17.60 -38.16 -21.46
C THR A 519 18.74 -38.52 -20.53
N SER A 520 19.89 -37.89 -20.74
CA SER A 520 21.04 -38.14 -19.89
C SER A 520 20.80 -37.80 -18.43
N THR A 521 21.31 -38.69 -17.56
CA THR A 521 21.18 -38.47 -16.12
C THR A 521 22.55 -38.63 -15.49
N PRO A 522 22.75 -38.16 -14.27
CA PRO A 522 23.98 -38.24 -13.51
C PRO A 522 24.25 -39.64 -13.01
N ARG A 523 23.20 -40.43 -12.90
CA ARG A 523 23.34 -41.78 -12.40
C ARG A 523 23.45 -42.81 -13.54
N ASP A 524 22.80 -42.54 -14.66
CA ASP A 524 22.83 -43.47 -15.80
C ASP A 524 23.83 -43.05 -16.86
N GLY A 525 24.04 -41.75 -17.00
CA GLY A 525 24.94 -41.23 -18.02
C GLY A 525 24.21 -41.20 -19.36
N HIS A 526 24.93 -41.53 -20.42
CA HIS A 526 24.37 -41.60 -21.78
C HIS A 526 25.45 -41.96 -22.79
N PRO A 527 25.40 -43.18 -23.34
CA PRO A 527 26.33 -43.77 -24.33
C PRO A 527 27.00 -42.79 -25.28
N LEU A 528 26.22 -41.84 -25.81
CA LEU A 528 26.73 -40.93 -26.81
C LEU A 528 27.79 -40.00 -26.26
N PHE A 529 27.50 -39.43 -25.11
CA PHE A 529 28.39 -38.48 -24.50
C PHE A 529 29.55 -39.19 -23.88
N ALA A 530 29.30 -40.43 -23.46
CA ALA A 530 30.38 -41.24 -22.94
C ALA A 530 31.39 -41.49 -24.04
N GLY A 531 30.90 -41.85 -25.24
CA GLY A 531 31.76 -42.09 -26.38
C GLY A 531 32.48 -40.83 -26.83
N PHE A 532 31.76 -39.71 -26.86
CA PHE A 532 32.30 -38.43 -27.28
C PHE A 532 33.44 -37.96 -26.40
N VAL A 533 33.19 -37.93 -25.11
CA VAL A 533 34.18 -37.49 -24.17
C VAL A 533 35.36 -38.46 -24.16
N LYS A 534 35.06 -39.75 -24.25
CA LYS A 534 36.11 -40.75 -24.33
C LYS A 534 36.99 -40.50 -25.52
N ALA A 535 36.37 -40.23 -26.66
CA ALA A 535 37.09 -39.94 -27.88
C ALA A 535 37.96 -38.73 -27.72
N ALA A 536 37.47 -37.73 -26.99
CA ALA A 536 38.25 -36.54 -26.72
C ALA A 536 39.54 -36.91 -26.03
N SER A 537 39.43 -37.78 -25.02
CA SER A 537 40.58 -38.25 -24.28
C SER A 537 41.53 -39.03 -25.17
N GLU A 538 40.98 -39.91 -25.97
CA GLU A 538 41.76 -40.75 -26.87
C GLU A 538 42.55 -39.91 -27.83
N PHE A 539 41.89 -38.90 -28.38
CA PHE A 539 42.49 -37.95 -29.28
C PHE A 539 43.57 -37.16 -28.58
N GLN A 540 43.26 -36.69 -27.39
CA GLN A 540 44.23 -35.95 -26.59
C GLN A 540 45.52 -36.74 -26.44
N LYS A 541 45.39 -38.01 -26.11
CA LYS A 541 46.55 -38.87 -25.94
C LYS A 541 47.20 -39.16 -27.27
N ARG A 542 46.38 -39.31 -28.31
CA ARG A 542 46.84 -39.52 -29.68
C ARG A 542 47.76 -38.38 -30.12
N GLN A 543 47.39 -37.16 -29.73
CA GLN A 543 48.15 -35.96 -30.03
C GLN A 543 49.24 -35.66 -29.00
N ALA A 544 49.51 -36.59 -28.09
CA ALA A 544 50.53 -36.39 -27.07
C ALA A 544 51.44 -37.60 -26.99
N MET B 1 -2.85 22.74 -34.62
CA MET B 1 -3.87 22.28 -33.68
C MET B 1 -3.41 21.05 -32.92
N THR B 2 -3.36 21.17 -31.60
CA THR B 2 -2.97 20.04 -30.76
C THR B 2 -4.11 19.61 -29.87
N THR B 3 -4.37 18.31 -29.86
CA THR B 3 -5.43 17.74 -29.07
C THR B 3 -5.14 17.80 -27.58
N ASN B 4 -6.14 18.24 -26.82
CA ASN B 4 -6.08 18.30 -25.37
C ASN B 4 -6.92 17.19 -24.78
N TYR B 5 -6.49 16.64 -23.65
CA TYR B 5 -7.20 15.52 -23.06
C TYR B 5 -7.59 15.77 -21.62
N ILE B 6 -8.74 15.27 -21.22
CA ILE B 6 -9.13 15.32 -19.83
C ILE B 6 -9.58 13.96 -19.42
N PHE B 7 -8.97 13.44 -18.37
CA PHE B 7 -9.32 12.11 -17.92
C PHE B 7 -10.25 12.20 -16.75
N VAL B 8 -11.26 11.33 -16.75
CA VAL B 8 -12.24 11.31 -15.69
C VAL B 8 -12.27 9.99 -14.96
N THR B 9 -12.00 10.07 -13.66
CA THR B 9 -12.01 8.90 -12.81
C THR B 9 -12.93 9.14 -11.63
N GLY B 10 -13.24 8.08 -10.90
CA GLY B 10 -14.10 8.19 -9.72
C GLY B 10 -13.66 7.19 -8.67
N GLY B 11 -13.77 7.60 -7.41
CA GLY B 11 -13.36 6.76 -6.29
C GLY B 11 -14.43 6.73 -5.23
N VAL B 12 -14.09 6.15 -4.08
CA VAL B 12 -15.01 6.05 -2.96
C VAL B 12 -16.05 5.01 -3.35
N VAL B 13 -17.17 5.43 -3.90
CA VAL B 13 -18.20 4.50 -4.34
C VAL B 13 -18.54 4.69 -5.80
N SER B 14 -19.14 3.68 -6.38
CA SER B 14 -19.59 3.74 -7.76
C SER B 14 -20.97 4.37 -7.81
N SER B 15 -21.52 4.48 -9.01
CA SER B 15 -22.86 5.03 -9.23
C SER B 15 -22.90 6.52 -8.98
N LEU B 16 -21.82 7.22 -9.30
CA LEU B 16 -21.79 8.66 -9.11
C LEU B 16 -22.20 9.41 -10.37
N GLY B 17 -22.17 8.73 -11.52
CA GLY B 17 -22.56 9.38 -12.76
C GLY B 17 -21.37 10.01 -13.45
N LYS B 18 -20.30 9.22 -13.60
CA LYS B 18 -19.10 9.69 -14.27
C LYS B 18 -19.40 10.06 -15.72
N GLY B 19 -20.17 9.22 -16.40
CA GLY B 19 -20.52 9.46 -17.79
C GLY B 19 -21.38 10.70 -17.94
N ILE B 20 -22.31 10.88 -16.99
CA ILE B 20 -23.19 12.03 -17.00
C ILE B 20 -22.42 13.32 -16.83
N ALA B 21 -21.53 13.34 -15.86
CA ALA B 21 -20.71 14.51 -15.60
C ALA B 21 -19.87 14.87 -16.79
N ALA B 22 -19.23 13.86 -17.38
CA ALA B 22 -18.37 14.07 -18.55
C ALA B 22 -19.18 14.60 -19.72
N ALA B 23 -20.35 14.02 -19.95
CA ALA B 23 -21.20 14.43 -21.04
C ALA B 23 -21.66 15.87 -20.86
N SER B 24 -22.00 16.25 -19.63
CA SER B 24 -22.44 17.60 -19.34
C SER B 24 -21.32 18.60 -19.64
N LEU B 25 -20.10 18.22 -19.26
CA LEU B 25 -18.94 19.05 -19.57
C LEU B 25 -18.76 19.21 -21.06
N ALA B 26 -18.83 18.09 -21.78
CA ALA B 26 -18.67 18.10 -23.22
C ALA B 26 -19.68 19.03 -23.86
N ALA B 27 -20.92 19.01 -23.36
CA ALA B 27 -21.96 19.88 -23.89
C ALA B 27 -21.53 21.34 -23.78
N ILE B 28 -20.93 21.69 -22.65
CA ILE B 28 -20.45 23.03 -22.46
C ILE B 28 -19.32 23.36 -23.41
N LEU B 29 -18.40 22.43 -23.56
CA LEU B 29 -17.25 22.66 -24.42
C LEU B 29 -17.72 22.85 -25.86
N GLU B 30 -18.75 22.11 -26.26
CA GLU B 30 -19.40 22.29 -27.54
C GLU B 30 -19.97 23.70 -27.60
N ALA B 31 -20.65 24.10 -26.52
CA ALA B 31 -21.24 25.43 -26.40
C ALA B 31 -20.18 26.54 -26.41
N ARG B 32 -18.92 26.20 -26.07
CA ARG B 32 -17.81 27.16 -26.14
C ARG B 32 -17.18 27.18 -27.54
N GLY B 33 -17.74 26.43 -28.49
CA GLY B 33 -17.24 26.39 -29.86
C GLY B 33 -16.04 25.46 -30.03
N LEU B 34 -15.87 24.50 -29.14
CA LEU B 34 -14.70 23.63 -29.23
C LEU B 34 -15.01 22.26 -29.81
N ASN B 35 -14.09 21.73 -30.60
CA ASN B 35 -14.24 20.38 -31.15
C ASN B 35 -13.99 19.36 -30.07
N VAL B 36 -15.03 19.07 -29.31
CA VAL B 36 -14.90 18.13 -28.23
C VAL B 36 -15.53 16.79 -28.55
N THR B 37 -14.85 15.73 -28.14
CA THR B 37 -15.35 14.38 -28.30
C THR B 37 -15.17 13.62 -27.00
N ILE B 38 -15.51 12.34 -27.03
CA ILE B 38 -15.48 11.57 -25.81
C ILE B 38 -15.41 10.07 -26.04
N MET B 39 -14.65 9.40 -25.18
CA MET B 39 -14.48 7.96 -25.24
C MET B 39 -14.61 7.36 -23.85
N LYS B 40 -14.98 6.08 -23.80
CA LYS B 40 -15.09 5.39 -22.53
C LYS B 40 -14.33 4.07 -22.53
N LEU B 41 -13.52 3.86 -21.50
CA LEU B 41 -12.79 2.63 -21.36
C LEU B 41 -13.42 1.77 -20.31
N ASP B 42 -13.60 0.49 -20.63
CA ASP B 42 -14.25 -0.41 -19.72
C ASP B 42 -13.29 -1.43 -19.14
N PRO B 43 -13.51 -1.85 -17.90
CA PRO B 43 -12.76 -2.81 -17.10
C PRO B 43 -13.32 -4.20 -17.23
N TYR B 44 -14.01 -4.48 -18.32
CA TYR B 44 -14.66 -5.75 -18.44
C TYR B 44 -13.90 -6.71 -19.30
N ILE B 45 -14.03 -7.99 -18.98
CA ILE B 45 -13.37 -9.04 -19.70
C ILE B 45 -14.18 -9.38 -20.92
N ASN B 46 -15.48 -9.10 -20.88
CA ASN B 46 -16.28 -9.38 -22.04
C ASN B 46 -15.74 -8.57 -23.19
N VAL B 47 -15.55 -9.20 -24.33
CA VAL B 47 -15.04 -8.49 -25.47
C VAL B 47 -16.12 -7.58 -26.04
N ASP B 48 -17.29 -8.16 -26.28
CA ASP B 48 -18.42 -7.40 -26.75
C ASP B 48 -19.60 -7.50 -25.79
N PRO B 49 -20.38 -6.43 -25.63
CA PRO B 49 -21.56 -6.29 -24.77
C PRO B 49 -22.69 -7.18 -25.25
N GLY B 50 -22.61 -7.63 -26.50
CA GLY B 50 -23.59 -8.54 -27.08
C GLY B 50 -23.59 -9.91 -26.41
N THR B 51 -22.53 -10.22 -25.64
CA THR B 51 -22.47 -11.48 -24.93
C THR B 51 -23.10 -11.36 -23.54
N MET B 52 -23.63 -10.17 -23.21
CA MET B 52 -24.25 -9.96 -21.92
C MET B 52 -25.71 -9.56 -22.03
N SER B 53 -26.44 -9.88 -20.99
CA SER B 53 -27.85 -9.55 -20.91
C SER B 53 -28.06 -8.09 -20.57
N PRO B 54 -29.26 -7.57 -20.86
CA PRO B 54 -29.71 -6.23 -20.55
C PRO B 54 -30.03 -6.13 -19.08
N ILE B 55 -30.34 -7.24 -18.45
CA ILE B 55 -30.53 -7.17 -17.02
C ILE B 55 -29.18 -6.99 -16.33
N GLN B 56 -28.12 -7.51 -16.94
CA GLN B 56 -26.79 -7.37 -16.38
C GLN B 56 -26.25 -5.93 -16.43
N HIS B 57 -26.37 -5.26 -17.59
CA HIS B 57 -25.87 -3.88 -17.69
C HIS B 57 -26.85 -2.83 -18.18
N GLY B 58 -28.06 -3.21 -18.50
CA GLY B 58 -29.00 -2.27 -19.06
C GLY B 58 -28.90 -2.35 -20.58
N GLU B 59 -29.61 -1.46 -21.25
CA GLU B 59 -29.62 -1.43 -22.71
C GLU B 59 -28.23 -1.27 -23.31
N VAL B 60 -28.00 -1.99 -24.40
CA VAL B 60 -26.74 -1.93 -25.11
C VAL B 60 -26.90 -0.92 -26.23
N PHE B 61 -26.04 0.09 -26.24
CA PHE B 61 -26.14 1.16 -27.22
C PHE B 61 -25.73 0.74 -28.62
N VAL B 62 -26.52 1.17 -29.59
CA VAL B 62 -26.20 0.89 -30.98
C VAL B 62 -25.65 2.11 -31.64
N THR B 63 -24.42 2.03 -32.11
CA THR B 63 -23.79 3.15 -32.79
C THR B 63 -24.18 3.18 -34.24
N GLU B 64 -23.90 4.30 -34.88
CA GLU B 64 -24.19 4.49 -36.30
C GLU B 64 -23.57 3.42 -37.17
N ASP B 65 -22.31 3.09 -36.88
CA ASP B 65 -21.58 2.09 -37.64
C ASP B 65 -21.93 0.65 -37.28
N GLY B 66 -22.96 0.44 -36.45
CA GLY B 66 -23.41 -0.89 -36.13
C GLY B 66 -22.74 -1.50 -34.90
N ALA B 67 -21.75 -0.82 -34.34
CA ALA B 67 -21.09 -1.39 -33.18
C ALA B 67 -22.01 -1.41 -31.98
N GLU B 68 -21.92 -2.49 -31.21
CA GLU B 68 -22.67 -2.57 -29.97
C GLU B 68 -21.77 -2.05 -28.89
N THR B 69 -22.31 -1.23 -28.00
CA THR B 69 -21.46 -0.66 -26.99
C THR B 69 -22.14 -0.28 -25.69
N ASP B 70 -21.39 0.37 -24.83
CA ASP B 70 -21.86 0.78 -23.52
C ASP B 70 -22.97 1.82 -23.62
N LEU B 71 -24.02 1.62 -22.82
CA LEU B 71 -25.17 2.52 -22.69
C LEU B 71 -24.79 4.02 -22.66
N ASP B 72 -23.69 4.34 -21.98
CA ASP B 72 -23.21 5.71 -21.84
C ASP B 72 -22.84 6.38 -23.13
N LEU B 73 -22.65 5.61 -24.19
CA LEU B 73 -22.33 6.18 -25.48
C LEU B 73 -23.57 6.88 -26.00
N GLY B 74 -24.75 6.36 -25.62
CA GLY B 74 -26.02 6.98 -25.98
C GLY B 74 -26.18 8.23 -25.17
N HIS B 75 -25.69 8.19 -23.94
CA HIS B 75 -25.74 9.35 -23.08
C HIS B 75 -24.89 10.46 -23.66
N TYR B 76 -23.78 10.10 -24.30
CA TYR B 76 -22.93 11.08 -24.96
C TYR B 76 -23.65 11.71 -26.13
N GLU B 77 -24.42 10.88 -26.86
CA GLU B 77 -25.22 11.36 -27.98
C GLU B 77 -26.28 12.36 -27.52
N ARG B 78 -26.72 12.23 -26.27
CA ARG B 78 -27.72 13.16 -25.74
C ARG B 78 -27.15 14.48 -25.22
N PHE B 79 -25.84 14.69 -25.32
CA PHE B 79 -25.25 15.96 -24.94
C PHE B 79 -24.50 16.66 -26.04
N ILE B 80 -23.87 15.90 -26.93
CA ILE B 80 -23.14 16.55 -28.01
C ILE B 80 -23.55 16.06 -29.37
N ARG B 81 -23.21 16.86 -30.37
CA ARG B 81 -23.58 16.61 -31.76
C ARG B 81 -22.60 15.75 -32.53
N THR B 82 -21.57 15.23 -31.89
CA THR B 82 -20.63 14.40 -32.61
C THR B 82 -21.16 12.99 -32.64
N LYS B 83 -20.56 12.14 -33.46
CA LYS B 83 -21.05 10.78 -33.57
C LYS B 83 -20.12 9.77 -32.96
N MET B 84 -20.68 8.93 -32.11
CA MET B 84 -19.92 7.85 -31.51
C MET B 84 -19.73 6.74 -32.52
N SER B 85 -18.61 6.05 -32.40
CA SER B 85 -18.27 4.95 -33.28
C SER B 85 -17.62 3.88 -32.45
N ARG B 86 -17.29 2.77 -33.09
CA ARG B 86 -16.54 1.70 -32.44
C ARG B 86 -15.25 2.18 -31.74
N ARG B 87 -14.69 3.30 -32.19
CA ARG B 87 -13.46 3.84 -31.65
C ARG B 87 -13.67 4.57 -30.35
N ASN B 88 -14.92 4.75 -29.97
CA ASN B 88 -15.24 5.50 -28.79
C ASN B 88 -15.48 4.62 -27.57
N ASN B 89 -15.27 3.31 -27.69
CA ASN B 89 -15.52 2.46 -26.54
C ASN B 89 -15.00 1.05 -26.70
N PHE B 90 -14.20 0.61 -25.73
CA PHE B 90 -13.70 -0.75 -25.75
C PHE B 90 -13.37 -1.29 -24.36
N THR B 91 -13.30 -2.62 -24.26
CA THR B 91 -13.11 -3.31 -23.00
C THR B 91 -11.73 -3.89 -22.81
N THR B 92 -11.52 -4.42 -21.61
CA THR B 92 -10.26 -5.04 -21.24
C THR B 92 -10.06 -6.30 -22.05
N GLY B 93 -11.11 -7.11 -22.14
CA GLY B 93 -11.09 -8.33 -22.91
C GLY B 93 -10.74 -8.04 -24.36
N ARG B 94 -11.33 -6.98 -24.91
CA ARG B 94 -11.02 -6.58 -26.27
C ARG B 94 -9.54 -6.39 -26.47
N ILE B 95 -8.91 -5.69 -25.53
CA ILE B 95 -7.49 -5.45 -25.58
C ILE B 95 -6.71 -6.74 -25.64
N TYR B 96 -7.04 -7.66 -24.74
CA TYR B 96 -6.31 -8.91 -24.69
C TYR B 96 -6.49 -9.72 -25.94
N SER B 97 -7.68 -9.71 -26.49
CA SER B 97 -7.93 -10.44 -27.71
C SER B 97 -6.99 -9.98 -28.79
N ASP B 98 -6.90 -8.67 -28.95
CA ASP B 98 -6.05 -8.09 -29.95
C ASP B 98 -4.59 -8.39 -29.70
N VAL B 99 -4.14 -8.21 -28.47
CA VAL B 99 -2.75 -8.43 -28.14
C VAL B 99 -2.33 -9.86 -28.30
N LEU B 100 -3.17 -10.78 -27.83
CA LEU B 100 -2.88 -12.19 -27.94
C LEU B 100 -2.85 -12.62 -29.40
N ARG B 101 -3.69 -11.99 -30.22
CA ARG B 101 -3.68 -12.31 -31.63
C ARG B 101 -2.37 -11.84 -32.24
N LYS B 102 -1.89 -10.66 -31.82
CA LYS B 102 -0.60 -10.15 -32.27
C LYS B 102 0.52 -11.08 -31.83
N GLU B 103 0.40 -11.61 -30.61
CA GLU B 103 1.36 -12.59 -30.15
C GLU B 103 1.42 -13.76 -31.10
N ARG B 104 0.25 -14.28 -31.40
CA ARG B 104 0.10 -15.45 -32.25
C ARG B 104 0.71 -15.23 -33.62
N ARG B 105 0.54 -14.02 -34.14
CA ARG B 105 1.09 -13.66 -35.44
C ARG B 105 2.57 -13.28 -35.43
N GLY B 106 3.22 -13.32 -34.27
CA GLY B 106 4.64 -13.03 -34.20
C GLY B 106 4.95 -11.54 -34.20
N ASP B 107 3.96 -10.69 -33.93
CA ASP B 107 4.15 -9.25 -33.98
C ASP B 107 5.06 -8.70 -32.90
N TYR B 108 5.38 -9.51 -31.90
CA TYR B 108 6.28 -9.06 -30.85
C TYR B 108 7.66 -9.68 -31.02
N LEU B 109 7.89 -10.35 -32.14
CA LEU B 109 9.19 -10.87 -32.53
C LEU B 109 9.96 -11.70 -31.49
N GLY B 110 9.26 -12.49 -30.68
CA GLY B 110 9.94 -13.32 -29.70
C GLY B 110 10.10 -12.66 -28.33
N ALA B 111 9.62 -11.44 -28.18
CA ALA B 111 9.69 -10.71 -26.92
C ALA B 111 8.60 -11.15 -25.95
N THR B 112 8.83 -10.85 -24.68
CA THR B 112 7.89 -11.13 -23.63
C THR B 112 6.78 -10.12 -23.70
N VAL B 113 5.56 -10.57 -23.72
CA VAL B 113 4.48 -9.61 -23.70
C VAL B 113 4.15 -9.38 -22.24
N GLN B 114 4.30 -8.14 -21.83
CA GLN B 114 4.09 -7.77 -20.44
C GLN B 114 2.92 -6.84 -20.31
N VAL B 115 2.58 -6.49 -19.08
CA VAL B 115 1.54 -5.50 -18.87
C VAL B 115 2.15 -4.17 -19.25
N ILE B 116 3.35 -3.96 -18.74
CA ILE B 116 4.13 -2.81 -19.09
C ILE B 116 5.40 -3.30 -19.77
N PRO B 117 5.60 -2.99 -21.05
CA PRO B 117 4.78 -2.24 -21.98
C PRO B 117 3.83 -3.20 -22.65
N HIS B 118 3.47 -2.97 -23.89
CA HIS B 118 2.64 -3.87 -24.70
C HIS B 118 1.17 -3.70 -24.39
N ILE B 119 0.71 -4.18 -23.23
CA ILE B 119 -0.70 -4.04 -22.93
C ILE B 119 -1.07 -2.58 -22.80
N THR B 120 -0.27 -1.82 -22.05
CA THR B 120 -0.55 -0.40 -21.94
C THR B 120 -0.33 0.32 -23.24
N ASN B 121 0.53 -0.19 -24.11
CA ASN B 121 0.75 0.43 -25.40
C ASN B 121 -0.49 0.33 -26.25
N ALA B 122 -1.12 -0.83 -26.23
CA ALA B 122 -2.34 -1.05 -26.97
C ALA B 122 -3.37 -0.01 -26.58
N ILE B 123 -3.48 0.24 -25.27
CA ILE B 123 -4.41 1.22 -24.77
C ILE B 123 -4.07 2.60 -25.28
N LYS B 124 -2.81 2.98 -25.18
CA LYS B 124 -2.36 4.31 -25.59
C LYS B 124 -2.66 4.57 -27.04
N GLU B 125 -2.45 3.57 -27.88
CA GLU B 125 -2.69 3.72 -29.31
C GLU B 125 -4.15 3.88 -29.61
N ARG B 126 -5.00 3.17 -28.88
CA ARG B 126 -6.42 3.31 -29.09
C ARG B 126 -6.93 4.68 -28.69
N VAL B 127 -6.36 5.24 -27.62
CA VAL B 127 -6.76 6.56 -27.20
C VAL B 127 -6.39 7.60 -28.22
N LEU B 128 -5.16 7.52 -28.72
CA LEU B 128 -4.70 8.47 -29.71
C LEU B 128 -5.51 8.37 -30.99
N GLU B 129 -5.91 7.15 -31.34
CA GLU B 129 -6.75 6.92 -32.49
C GLU B 129 -8.06 7.68 -32.40
N GLY B 130 -8.79 7.43 -31.32
CA GLY B 130 -10.09 8.06 -31.15
C GLY B 130 -10.04 9.57 -31.00
N GLY B 131 -8.99 10.08 -30.36
CA GLY B 131 -8.88 11.52 -30.14
C GLY B 131 -8.30 12.29 -31.33
N GLU B 132 -7.93 11.59 -32.40
CA GLU B 132 -7.32 12.24 -33.54
C GLU B 132 -8.23 13.25 -34.20
N GLY B 133 -7.72 14.47 -34.37
CA GLY B 133 -8.44 15.53 -35.04
C GLY B 133 -9.40 16.32 -34.15
N HIS B 134 -9.36 16.10 -32.85
CA HIS B 134 -10.26 16.82 -31.97
C HIS B 134 -9.52 17.82 -31.09
N ASP B 135 -10.22 18.87 -30.68
CA ASP B 135 -9.63 19.88 -29.82
C ASP B 135 -9.52 19.36 -28.41
N VAL B 136 -10.61 18.79 -27.92
CA VAL B 136 -10.67 18.25 -26.58
C VAL B 136 -11.24 16.86 -26.57
N VAL B 137 -10.56 15.96 -25.88
CA VAL B 137 -11.03 14.61 -25.78
C VAL B 137 -11.26 14.20 -24.35
N LEU B 138 -12.48 13.84 -24.03
CA LEU B 138 -12.74 13.38 -22.68
C LEU B 138 -12.62 11.88 -22.65
N VAL B 139 -11.96 11.36 -21.63
CA VAL B 139 -11.83 9.93 -21.51
C VAL B 139 -12.33 9.45 -20.18
N GLU B 140 -13.40 8.66 -20.19
CA GLU B 140 -13.94 8.14 -18.97
C GLU B 140 -13.34 6.81 -18.63
N ILE B 141 -12.79 6.72 -17.43
CA ILE B 141 -12.22 5.47 -16.98
C ILE B 141 -13.20 4.72 -16.12
N GLY B 142 -13.65 3.58 -16.63
CA GLY B 142 -14.55 2.72 -15.88
C GLY B 142 -13.84 2.08 -14.72
N GLY B 143 -14.61 1.56 -13.77
CA GLY B 143 -14.04 0.95 -12.59
C GLY B 143 -13.89 1.97 -11.48
N THR B 144 -13.46 1.52 -10.32
CA THR B 144 -13.27 2.41 -9.18
C THR B 144 -11.82 2.49 -8.78
N VAL B 145 -11.36 3.68 -8.47
CA VAL B 145 -9.97 3.87 -8.10
C VAL B 145 -9.62 3.10 -6.84
N GLY B 146 -8.53 2.34 -6.93
CA GLY B 146 -8.05 1.51 -5.86
C GLY B 146 -8.32 0.03 -6.14
N ASP B 147 -9.19 -0.23 -7.12
CA ASP B 147 -9.48 -1.60 -7.49
C ASP B 147 -8.60 -2.06 -8.64
N ILE B 148 -8.23 -3.34 -8.61
CA ILE B 148 -7.26 -3.84 -9.58
C ILE B 148 -7.83 -3.90 -10.99
N GLU B 149 -9.15 -3.96 -11.08
CA GLU B 149 -9.87 -4.00 -12.35
C GLU B 149 -9.50 -2.94 -13.38
N SER B 150 -8.86 -1.83 -12.98
CA SER B 150 -8.56 -0.82 -13.98
C SER B 150 -7.20 -0.18 -13.81
N LEU B 151 -6.32 -0.82 -13.04
CA LEU B 151 -5.01 -0.22 -12.82
C LEU B 151 -4.18 -0.07 -14.10
N PRO B 152 -4.21 -1.04 -15.05
CA PRO B 152 -3.54 -0.99 -16.34
C PRO B 152 -3.92 0.25 -17.13
N PHE B 153 -5.18 0.65 -17.03
CA PHE B 153 -5.65 1.80 -17.76
C PHE B 153 -5.11 3.05 -17.14
N LEU B 154 -5.12 3.06 -15.83
CA LEU B 154 -4.64 4.21 -15.08
C LEU B 154 -3.16 4.40 -15.34
N GLU B 155 -2.45 3.30 -15.48
CA GLU B 155 -1.05 3.33 -15.82
C GLU B 155 -0.79 3.85 -17.22
N ALA B 156 -1.57 3.39 -18.18
CA ALA B 156 -1.42 3.87 -19.55
C ALA B 156 -1.60 5.36 -19.60
N ILE B 157 -2.57 5.88 -18.82
CA ILE B 157 -2.82 7.30 -18.77
C ILE B 157 -1.64 8.05 -18.24
N ARG B 158 -1.10 7.58 -17.12
CA ARG B 158 0.05 8.21 -16.50
C ARG B 158 1.15 8.37 -17.52
N GLN B 159 1.43 7.29 -18.25
CA GLN B 159 2.44 7.31 -19.28
C GLN B 159 2.17 8.39 -20.30
N MET B 160 0.94 8.44 -20.80
CA MET B 160 0.58 9.45 -21.79
C MET B 160 0.66 10.85 -21.26
N ALA B 161 0.34 11.03 -19.98
CA ALA B 161 0.43 12.35 -19.40
C ALA B 161 1.86 12.85 -19.51
N VAL B 162 2.80 11.96 -19.25
CA VAL B 162 4.21 12.29 -19.36
C VAL B 162 4.64 12.47 -20.81
N GLU B 163 4.23 11.54 -21.66
CA GLU B 163 4.59 11.56 -23.07
C GLU B 163 4.07 12.81 -23.79
N ILE B 164 2.82 13.13 -23.53
CA ILE B 164 2.18 14.28 -24.13
C ILE B 164 2.63 15.59 -23.53
N GLY B 165 2.66 15.64 -22.21
CA GLY B 165 3.00 16.85 -21.49
C GLY B 165 1.78 17.32 -20.74
N ARG B 166 1.98 17.85 -19.54
CA ARG B 166 0.86 18.24 -18.70
C ARG B 166 0.12 19.45 -19.23
N GLU B 167 0.75 20.22 -20.11
CA GLU B 167 0.10 21.34 -20.73
C GLU B 167 -1.05 20.94 -21.66
N HIS B 168 -1.18 19.64 -21.97
CA HIS B 168 -2.29 19.20 -22.77
C HIS B 168 -3.14 18.16 -22.07
N THR B 169 -3.02 18.06 -20.75
CA THR B 169 -3.87 17.10 -20.08
C THR B 169 -4.25 17.46 -18.66
N LEU B 170 -5.49 17.13 -18.30
CA LEU B 170 -6.01 17.40 -16.95
C LEU B 170 -6.57 16.16 -16.28
N PHE B 171 -6.46 16.11 -14.97
CA PHE B 171 -7.03 15.01 -14.21
C PHE B 171 -8.26 15.39 -13.41
N MET B 172 -9.39 14.88 -13.84
CA MET B 172 -10.65 15.14 -13.15
C MET B 172 -11.05 13.92 -12.34
N HIS B 173 -11.56 14.17 -11.13
CA HIS B 173 -11.91 13.06 -10.27
C HIS B 173 -13.16 13.28 -9.46
N LEU B 174 -14.07 12.32 -9.56
CA LEU B 174 -15.33 12.34 -8.84
C LEU B 174 -15.23 11.62 -7.53
N THR B 175 -15.83 12.22 -6.53
CA THR B 175 -15.87 11.65 -5.21
C THR B 175 -17.25 11.76 -4.62
N LEU B 176 -17.37 11.29 -3.40
CA LEU B 176 -18.59 11.35 -2.65
C LEU B 176 -18.36 12.05 -1.35
N VAL B 177 -19.19 13.03 -1.09
CA VAL B 177 -19.16 13.77 0.14
C VAL B 177 -20.51 13.51 0.80
N PRO B 178 -20.67 12.33 1.39
CA PRO B 178 -21.90 11.79 1.94
C PRO B 178 -22.36 12.56 3.14
N TYR B 179 -23.68 12.61 3.29
CA TYR B 179 -24.28 13.28 4.41
C TYR B 179 -24.57 12.32 5.53
N MET B 180 -24.06 12.66 6.70
CA MET B 180 -24.27 11.83 7.87
C MET B 180 -25.23 12.49 8.82
N ALA B 181 -26.50 12.13 8.67
CA ALA B 181 -27.60 12.68 9.47
C ALA B 181 -27.39 12.53 10.96
N ALA B 182 -26.76 11.43 11.37
CA ALA B 182 -26.46 11.20 12.78
C ALA B 182 -25.59 12.32 13.34
N SER B 183 -24.69 12.84 12.51
CA SER B 183 -23.83 13.93 12.91
C SER B 183 -24.44 15.25 12.48
N GLY B 184 -25.33 15.19 11.50
CA GLY B 184 -25.99 16.35 10.96
C GLY B 184 -25.11 17.07 9.94
N GLU B 185 -24.11 16.37 9.39
CA GLU B 185 -23.22 17.02 8.45
C GLU B 185 -22.58 16.06 7.48
N VAL B 186 -22.03 16.61 6.41
CA VAL B 186 -21.32 15.80 5.42
C VAL B 186 -19.89 15.58 5.86
N LYS B 187 -19.28 14.51 5.35
CA LYS B 187 -17.88 14.22 5.70
C LYS B 187 -16.96 14.27 4.49
N THR B 188 -15.69 14.64 4.68
CA THR B 188 -14.78 14.75 3.54
C THR B 188 -13.62 13.75 3.57
N LYS B 189 -13.57 12.92 4.60
CA LYS B 189 -12.45 12.02 4.73
C LYS B 189 -12.31 10.98 3.61
N PRO B 190 -13.39 10.34 3.13
CA PRO B 190 -13.39 9.40 2.03
C PRO B 190 -12.72 10.01 0.80
N THR B 191 -13.01 11.28 0.57
CA THR B 191 -12.44 12.02 -0.55
C THR B 191 -10.96 12.16 -0.41
N GLN B 192 -10.53 12.52 0.78
CA GLN B 192 -9.13 12.69 1.05
C GLN B 192 -8.38 11.41 0.71
N HIS B 193 -8.94 10.28 1.12
CA HIS B 193 -8.29 9.02 0.86
C HIS B 193 -8.30 8.64 -0.61
N SER B 194 -9.39 8.95 -1.33
CA SER B 194 -9.44 8.63 -2.74
C SER B 194 -8.32 9.29 -3.49
N VAL B 195 -8.10 10.56 -3.18
CA VAL B 195 -7.03 11.31 -3.79
C VAL B 195 -5.69 10.70 -3.47
N LYS B 196 -5.48 10.32 -2.21
CA LYS B 196 -4.24 9.67 -1.83
C LYS B 196 -4.00 8.42 -2.66
N GLU B 197 -5.06 7.69 -2.97
CA GLU B 197 -4.92 6.49 -3.76
C GLU B 197 -4.47 6.81 -5.16
N LEU B 198 -5.04 7.85 -5.76
CA LEU B 198 -4.58 8.25 -7.09
C LEU B 198 -3.13 8.63 -7.07
N LEU B 199 -2.73 9.35 -6.04
CA LEU B 199 -1.36 9.75 -5.96
C LEU B 199 -0.44 8.56 -5.88
N SER B 200 -0.84 7.52 -5.16
CA SER B 200 0.01 6.34 -5.03
C SER B 200 0.25 5.61 -6.33
N ILE B 201 -0.54 5.90 -7.38
CA ILE B 201 -0.35 5.27 -8.65
C ILE B 201 0.16 6.27 -9.69
N GLY B 202 0.75 7.38 -9.21
CA GLY B 202 1.36 8.37 -10.10
C GLY B 202 0.43 9.45 -10.63
N ILE B 203 -0.76 9.60 -10.04
CA ILE B 203 -1.70 10.60 -10.53
C ILE B 203 -2.06 11.69 -9.53
N GLN B 204 -1.78 12.94 -9.90
CA GLN B 204 -2.15 14.11 -9.11
C GLN B 204 -3.34 14.81 -9.75
N PRO B 205 -4.51 14.80 -9.13
CA PRO B 205 -5.74 15.44 -9.54
C PRO B 205 -5.60 16.91 -9.73
N ASP B 206 -6.30 17.42 -10.72
CA ASP B 206 -6.32 18.84 -10.99
C ASP B 206 -7.69 19.44 -10.66
N ILE B 207 -8.73 18.66 -10.94
CA ILE B 207 -10.11 19.09 -10.73
C ILE B 207 -10.90 18.09 -9.92
N LEU B 208 -11.60 18.57 -8.89
CA LEU B 208 -12.38 17.67 -8.06
C LEU B 208 -13.87 17.91 -8.18
N ILE B 209 -14.63 16.81 -8.26
CA ILE B 209 -16.09 16.87 -8.33
C ILE B 209 -16.69 16.23 -7.08
N CYS B 210 -17.40 17.01 -6.29
CA CYS B 210 -17.97 16.50 -5.04
C CYS B 210 -19.42 16.12 -5.16
N ARG B 211 -19.67 14.84 -5.42
CA ARG B 211 -21.04 14.38 -5.56
C ARG B 211 -21.70 14.23 -4.21
N SER B 212 -22.92 14.70 -4.13
CA SER B 212 -23.67 14.58 -2.89
C SER B 212 -25.13 14.83 -3.16
N ASP B 213 -25.93 14.76 -2.12
CA ASP B 213 -27.34 15.08 -2.22
C ASP B 213 -27.60 16.54 -1.84
N ARG B 214 -26.54 17.36 -1.75
CA ARG B 214 -26.69 18.74 -1.34
C ARG B 214 -25.40 19.51 -1.58
N ALA B 215 -25.53 20.81 -1.74
CA ALA B 215 -24.36 21.62 -1.99
C ALA B 215 -23.37 21.51 -0.86
N VAL B 216 -22.10 21.36 -1.22
CA VAL B 216 -21.04 21.26 -0.24
C VAL B 216 -20.54 22.67 0.07
N PRO B 217 -20.48 23.05 1.35
CA PRO B 217 -20.03 24.33 1.87
C PRO B 217 -18.63 24.64 1.40
N ALA B 218 -18.39 25.92 1.13
CA ALA B 218 -17.10 26.41 0.67
C ALA B 218 -15.99 26.05 1.62
N ASN B 219 -16.30 26.04 2.91
CA ASN B 219 -15.35 25.69 3.92
C ASN B 219 -14.86 24.28 3.74
N GLU B 220 -15.77 23.39 3.37
CA GLU B 220 -15.42 22.00 3.24
C GLU B 220 -14.64 21.80 1.98
N ARG B 221 -15.00 22.57 0.96
CA ARG B 221 -14.31 22.54 -0.30
C ARG B 221 -12.88 23.01 -0.10
N ALA B 222 -12.70 24.01 0.76
CA ALA B 222 -11.38 24.52 1.10
C ALA B 222 -10.55 23.48 1.84
N LYS B 223 -11.18 22.76 2.75
CA LYS B 223 -10.50 21.72 3.50
C LYS B 223 -9.98 20.65 2.56
N ILE B 224 -10.81 20.30 1.58
CA ILE B 224 -10.43 19.34 0.58
C ILE B 224 -9.27 19.86 -0.24
N ALA B 225 -9.39 21.10 -0.69
CA ALA B 225 -8.36 21.76 -1.48
C ALA B 225 -7.01 21.64 -0.79
N LEU B 226 -7.00 21.90 0.51
CA LEU B 226 -5.80 21.77 1.30
C LEU B 226 -5.17 20.41 1.21
N PHE B 227 -5.94 19.41 1.59
CA PHE B 227 -5.38 18.07 1.68
C PHE B 227 -5.08 17.41 0.35
N CYS B 228 -5.63 17.92 -0.73
CA CYS B 228 -5.44 17.30 -2.02
C CYS B 228 -4.45 18.00 -2.93
N ASN B 229 -3.85 19.11 -2.48
CA ASN B 229 -2.94 19.89 -3.33
C ASN B 229 -3.68 20.49 -4.53
N VAL B 230 -4.92 20.91 -4.33
CA VAL B 230 -5.73 21.44 -5.42
C VAL B 230 -6.24 22.82 -5.05
N PRO B 231 -6.21 23.78 -5.95
CA PRO B 231 -6.72 25.13 -5.80
C PRO B 231 -8.20 25.08 -5.45
N GLU B 232 -8.65 25.99 -4.59
CA GLU B 232 -10.04 26.01 -4.15
C GLU B 232 -11.00 26.16 -5.31
N LYS B 233 -10.59 26.93 -6.31
CA LYS B 233 -11.41 27.19 -7.48
C LYS B 233 -11.60 25.95 -8.34
N ALA B 234 -10.76 24.94 -8.16
CA ALA B 234 -10.86 23.71 -8.91
C ALA B 234 -11.68 22.66 -8.15
N VAL B 235 -12.20 23.01 -6.97
CA VAL B 235 -13.04 22.09 -6.23
C VAL B 235 -14.48 22.45 -6.47
N ILE B 236 -15.13 21.64 -7.30
CA ILE B 236 -16.50 21.84 -7.76
C ILE B 236 -17.52 21.01 -6.99
N SER B 237 -18.61 21.62 -6.55
CA SER B 237 -19.65 20.87 -5.83
C SER B 237 -20.75 20.42 -6.78
N LEU B 238 -21.22 19.19 -6.62
CA LEU B 238 -22.29 18.72 -7.49
C LEU B 238 -23.33 17.91 -6.74
N LYS B 239 -24.35 18.63 -6.29
CA LYS B 239 -25.48 18.09 -5.58
C LYS B 239 -26.42 17.36 -6.51
N ASP B 240 -27.20 16.45 -5.97
CA ASP B 240 -28.18 15.72 -6.75
C ASP B 240 -29.26 16.63 -7.31
N VAL B 241 -29.64 16.36 -8.55
CA VAL B 241 -30.67 17.12 -9.25
C VAL B 241 -31.68 16.18 -9.89
N ASP B 242 -32.84 16.73 -10.25
CA ASP B 242 -33.90 15.96 -10.86
C ASP B 242 -33.85 15.90 -12.39
N SER B 243 -32.77 16.38 -12.98
CA SER B 243 -32.60 16.33 -14.42
C SER B 243 -31.17 16.54 -14.81
N ILE B 244 -30.66 15.62 -15.60
CA ILE B 244 -29.31 15.69 -16.08
C ILE B 244 -29.07 16.84 -17.03
N TYR B 245 -30.13 17.47 -17.50
CA TYR B 245 -29.93 18.54 -18.44
C TYR B 245 -29.72 19.86 -17.72
N LYS B 246 -29.77 19.83 -16.38
CA LYS B 246 -29.51 21.00 -15.56
C LYS B 246 -28.06 21.07 -15.10
N ILE B 247 -27.33 19.98 -15.30
CA ILE B 247 -25.96 19.92 -14.83
C ILE B 247 -25.00 20.87 -15.54
N PRO B 248 -25.03 20.98 -16.87
CA PRO B 248 -24.24 21.91 -17.67
C PRO B 248 -24.37 23.32 -17.09
N GLY B 249 -25.58 23.67 -16.67
CA GLY B 249 -25.82 24.96 -16.06
C GLY B 249 -25.02 25.11 -14.78
N LEU B 250 -25.03 24.08 -13.96
CA LEU B 250 -24.30 24.10 -12.70
C LEU B 250 -22.78 24.17 -12.90
N LEU B 251 -22.28 23.42 -13.87
CA LEU B 251 -20.85 23.39 -14.10
C LEU B 251 -20.38 24.73 -14.61
N LYS B 252 -21.20 25.32 -15.47
CA LYS B 252 -20.96 26.64 -15.99
C LYS B 252 -20.99 27.66 -14.88
N SER B 253 -21.98 27.54 -14.00
CA SER B 253 -22.13 28.43 -12.87
C SER B 253 -20.89 28.49 -12.01
N GLN B 254 -20.22 27.36 -11.82
CA GLN B 254 -19.02 27.34 -11.02
C GLN B 254 -17.71 27.64 -11.77
N GLY B 255 -17.80 27.97 -13.06
CA GLY B 255 -16.62 28.39 -13.83
C GLY B 255 -15.69 27.26 -14.26
N LEU B 256 -16.18 26.03 -14.30
CA LEU B 256 -15.34 24.89 -14.64
C LEU B 256 -14.67 25.00 -16.01
N ASP B 257 -15.46 25.31 -17.01
CA ASP B 257 -14.98 25.39 -18.37
C ASP B 257 -13.97 26.52 -18.59
N ASP B 258 -14.15 27.64 -17.89
CA ASP B 258 -13.19 28.73 -17.97
C ASP B 258 -11.84 28.28 -17.50
N TYR B 259 -11.85 27.57 -16.37
CA TYR B 259 -10.63 27.01 -15.83
C TYR B 259 -9.94 26.16 -16.87
N ILE B 260 -10.71 25.28 -17.49
CA ILE B 260 -10.19 24.37 -18.50
C ILE B 260 -9.55 25.07 -19.69
N CYS B 261 -10.25 26.05 -20.28
CA CYS B 261 -9.67 26.76 -21.41
C CYS B 261 -8.42 27.49 -21.00
N LYS B 262 -8.41 28.03 -19.78
CA LYS B 262 -7.23 28.69 -19.28
C LYS B 262 -6.06 27.72 -19.23
N ARG B 263 -6.32 26.51 -18.73
CA ARG B 263 -5.27 25.50 -18.64
C ARG B 263 -4.78 25.06 -20.00
N PHE B 264 -7.87 26.65 -19.01
CA PHE B 264 -7.33 25.86 -20.10
C PHE B 264 -7.01 26.66 -21.34
N SER B 265 -6.96 27.99 -21.23
CA SER B 265 -6.68 28.86 -22.37
C SER B 265 -7.55 28.56 -23.60
N LEU B 266 -8.80 28.21 -23.38
CA LEU B 266 -9.70 27.90 -24.46
C LEU B 266 -10.53 29.09 -24.88
N ASN B 267 -10.73 29.21 -26.18
CA ASN B 267 -11.59 30.24 -26.73
C ASN B 267 -12.96 29.61 -26.86
N CYS B 268 -13.79 29.86 -25.87
CA CYS B 268 -15.08 29.20 -25.79
C CYS B 268 -16.25 30.17 -26.04
N PRO B 269 -17.02 29.95 -27.09
CA PRO B 269 -18.24 30.66 -27.47
C PRO B 269 -19.29 30.53 -26.38
N GLU B 270 -20.13 31.54 -26.25
CA GLU B 270 -21.21 31.59 -25.25
C GLU B 270 -22.08 30.33 -25.27
N ALA B 271 -22.24 29.71 -24.10
CA ALA B 271 -23.02 28.47 -24.01
C ALA B 271 -24.44 28.63 -24.46
N ASN B 272 -24.86 27.73 -25.32
CA ASN B 272 -26.25 27.70 -25.73
C ASN B 272 -27.00 26.66 -24.91
N LEU B 273 -27.55 27.10 -23.79
CA LEU B 273 -28.29 26.20 -22.91
C LEU B 273 -29.79 26.26 -23.14
N SER B 274 -30.21 26.93 -24.21
CA SER B 274 -31.63 27.13 -24.50
C SER B 274 -32.37 25.83 -24.69
N GLU B 275 -31.66 24.77 -25.06
CA GLU B 275 -32.26 23.46 -25.22
C GLU B 275 -32.89 23.01 -23.92
N TRP B 276 -32.18 23.25 -22.82
CA TRP B 276 -32.70 22.83 -21.54
C TRP B 276 -33.61 23.86 -20.98
N GLU B 277 -33.42 25.12 -21.36
CA GLU B 277 -34.32 26.15 -20.91
C GLU B 277 -35.72 25.84 -21.41
N GLN B 278 -35.79 25.38 -22.66
CA GLN B 278 -37.02 24.93 -23.25
C GLN B 278 -37.61 23.79 -22.46
N VAL B 279 -36.78 22.78 -22.18
CA VAL B 279 -37.21 21.64 -21.41
C VAL B 279 -37.76 22.04 -20.07
N ILE B 280 -37.07 22.95 -19.39
CA ILE B 280 -37.48 23.46 -18.10
C ILE B 280 -38.80 24.15 -18.17
N PHE B 281 -38.98 25.02 -19.17
CA PHE B 281 -40.23 25.71 -19.36
C PHE B 281 -41.37 24.74 -19.50
N GLU B 282 -41.17 23.76 -20.36
CA GLU B 282 -42.17 22.76 -20.61
C GLU B 282 -42.43 21.91 -19.37
N GLU B 283 -41.36 21.53 -18.69
CA GLU B 283 -41.43 20.74 -17.45
C GLU B 283 -42.26 21.44 -16.40
N ALA B 284 -41.99 22.71 -16.20
CA ALA B 284 -42.67 23.52 -15.20
C ALA B 284 -44.03 24.03 -15.65
N ASN B 285 -44.44 23.73 -16.88
CA ASN B 285 -45.72 24.21 -17.37
C ASN B 285 -46.46 23.18 -18.21
N PRO B 286 -46.80 22.01 -17.66
CA PRO B 286 -47.56 20.97 -18.29
C PRO B 286 -48.99 21.43 -18.42
N VAL B 287 -49.70 20.92 -19.40
CA VAL B 287 -51.09 21.28 -19.60
C VAL B 287 -52.01 20.23 -19.02
N SER B 288 -51.77 17.95 -20.05
CA SER B 288 -52.52 16.78 -19.62
C SER B 288 -51.70 15.76 -18.86
N GLU B 289 -52.29 14.58 -18.65
CA GLU B 289 -51.68 13.45 -17.95
C GLU B 289 -52.26 12.10 -18.37
N VAL B 290 -51.39 11.14 -18.63
CA VAL B 290 -51.83 9.78 -18.98
C VAL B 290 -51.06 8.73 -18.21
N THR B 291 -51.68 7.56 -18.03
CA THR B 291 -51.01 6.46 -17.36
C THR B 291 -50.81 5.29 -18.29
N ILE B 292 -49.56 4.93 -18.47
CA ILE B 292 -49.20 3.84 -19.34
C ILE B 292 -48.66 2.70 -18.50
N GLY B 293 -49.16 1.50 -18.70
CA GLY B 293 -48.63 0.39 -17.93
C GLY B 293 -47.70 -0.43 -18.78
N MET B 294 -46.54 -0.73 -18.24
CA MET B 294 -45.56 -1.51 -18.97
C MET B 294 -45.39 -2.89 -18.38
N VAL B 295 -45.64 -3.90 -19.20
CA VAL B 295 -45.52 -5.28 -18.75
C VAL B 295 -44.24 -5.88 -19.24
N GLY B 296 -43.41 -6.35 -18.32
CA GLY B 296 -42.14 -6.90 -18.74
C GLY B 296 -41.48 -7.85 -17.75
N LYS B 297 -40.17 -7.74 -17.62
CA LYS B 297 -39.42 -8.69 -16.84
C LYS B 297 -38.33 -8.08 -15.98
N TYR B 298 -37.66 -7.08 -16.51
CA TYR B 298 -36.54 -6.48 -15.80
C TYR B 298 -36.95 -5.19 -15.10
N ILE B 299 -38.23 -5.07 -14.76
CA ILE B 299 -38.77 -3.85 -14.16
C ILE B 299 -38.23 -3.53 -12.78
N GLU B 300 -37.53 -4.47 -12.16
CA GLU B 300 -36.90 -4.24 -10.88
C GLU B 300 -35.71 -3.28 -11.01
N LEU B 301 -35.28 -3.01 -12.24
CA LEU B 301 -34.22 -2.07 -12.52
C LEU B 301 -34.55 -1.28 -13.76
N PRO B 302 -35.10 -0.07 -13.60
CA PRO B 302 -35.55 0.86 -14.63
C PRO B 302 -34.54 1.04 -15.75
N ASP B 303 -33.26 0.98 -15.40
CA ASP B 303 -32.17 1.10 -16.35
C ASP B 303 -32.30 0.12 -17.51
N ALA B 304 -32.87 -1.06 -17.24
CA ALA B 304 -33.07 -2.10 -18.24
C ALA B 304 -33.96 -1.63 -19.37
N TYR B 305 -34.85 -0.70 -19.10
CA TYR B 305 -35.73 -0.17 -20.11
C TYR B 305 -35.54 1.33 -20.24
N LYS B 306 -34.35 1.82 -19.89
CA LYS B 306 -34.04 3.24 -19.89
C LYS B 306 -34.33 3.95 -21.19
N SER B 307 -33.87 3.36 -22.28
CA SER B 307 -34.08 3.96 -23.59
C SER B 307 -35.56 4.07 -23.93
N VAL B 308 -36.34 3.11 -23.46
CA VAL B 308 -37.76 3.09 -23.68
C VAL B 308 -38.45 4.15 -22.87
N ILE B 309 -38.09 4.22 -21.60
CA ILE B 309 -38.64 5.20 -20.68
C ILE B 309 -38.44 6.61 -21.19
N GLU B 310 -37.24 6.88 -21.68
CA GLU B 310 -36.95 8.20 -22.19
C GLU B 310 -37.71 8.45 -23.48
N ALA B 311 -37.89 7.43 -24.31
CA ALA B 311 -38.67 7.58 -25.52
C ALA B 311 -40.11 7.95 -25.21
N LEU B 312 -40.68 7.34 -24.15
CA LEU B 312 -42.03 7.66 -23.70
C LEU B 312 -42.10 9.10 -23.28
N LYS B 313 -41.07 9.54 -22.57
CA LYS B 313 -40.97 10.91 -22.12
C LYS B 313 -40.98 11.87 -23.28
N HIS B 314 -40.21 11.55 -24.33
CA HIS B 314 -40.09 12.40 -25.51
C HIS B 314 -41.43 12.55 -26.23
N GLY B 315 -42.20 11.47 -26.30
CA GLY B 315 -43.53 11.55 -26.89
C GLY B 315 -44.40 12.49 -26.06
N GLY B 316 -44.32 12.34 -24.74
CA GLY B 316 -45.07 13.17 -23.80
C GLY B 316 -44.70 14.64 -23.91
N LEU B 317 -43.42 14.94 -24.15
CA LEU B 317 -43.01 16.33 -24.31
C LEU B 317 -43.69 16.98 -25.49
N LYS B 318 -43.77 16.24 -26.59
CA LYS B 318 -44.39 16.82 -27.78
C LYS B 318 -45.88 16.96 -27.63
N ASN B 319 -46.50 16.10 -26.83
CA ASN B 319 -47.93 16.22 -26.59
C ASN B 319 -48.26 16.96 -25.32
N ARG B 320 -47.27 17.60 -24.67
CA ARG B 320 -47.49 18.32 -23.43
C ARG B 320 -48.32 17.50 -22.46
N VAL B 321 -47.88 16.29 -22.18
CA VAL B 321 -48.63 15.42 -21.31
C VAL B 321 -47.74 14.61 -20.40
N SER B 322 -48.14 14.54 -19.13
CA SER B 322 -47.38 13.80 -18.14
C SER B 322 -47.53 12.31 -18.37
N VAL B 323 -46.45 11.57 -18.25
CA VAL B 323 -46.48 10.13 -18.47
C VAL B 323 -46.16 9.33 -17.21
N ASN B 324 -47.13 8.57 -16.75
CA ASN B 324 -46.94 7.69 -15.60
C ASN B 324 -46.61 6.31 -16.12
N ILE B 325 -45.65 5.63 -15.50
CA ILE B 325 -45.31 4.30 -15.95
C ILE B 325 -45.55 3.26 -14.87
N LYS B 326 -46.50 2.36 -15.10
CA LYS B 326 -46.74 1.31 -14.13
C LYS B 326 -45.82 0.15 -14.44
N LEU B 327 -45.08 -0.30 -13.45
CA LEU B 327 -44.20 -1.43 -13.68
C LEU B 327 -44.90 -2.71 -13.34
N ILE B 328 -45.13 -3.51 -14.36
CA ILE B 328 -45.84 -4.75 -14.22
C ILE B 328 -45.01 -5.96 -14.59
N ASP B 329 -44.94 -6.91 -13.67
CA ASP B 329 -44.24 -8.13 -13.97
C ASP B 329 -45.14 -9.05 -14.74
N SER B 330 -44.71 -9.45 -15.92
CA SER B 330 -45.45 -10.37 -16.76
C SER B 330 -45.85 -11.65 -16.04
N GLN B 331 -45.05 -12.05 -15.05
CA GLN B 331 -45.32 -13.25 -14.29
C GLN B 331 -46.50 -13.05 -13.35
N ASP B 332 -46.80 -11.80 -13.00
CA ASP B 332 -47.92 -11.48 -12.16
C ASP B 332 -49.18 -11.43 -12.99
N VAL B 333 -49.08 -10.96 -14.22
CA VAL B 333 -50.24 -11.00 -15.09
C VAL B 333 -50.55 -12.46 -15.36
N GLU B 334 -49.50 -13.24 -15.56
CA GLU B 334 -49.60 -14.66 -15.71
C GLU B 334 -50.31 -15.29 -14.48
N THR B 335 -49.89 -14.88 -13.29
CA THR B 335 -50.43 -15.40 -12.03
C THR B 335 -51.76 -14.77 -11.61
N ARG B 336 -51.72 -13.50 -11.24
CA ARG B 336 -52.88 -12.76 -10.76
C ARG B 336 -53.90 -12.51 -11.87
N GLY B 337 -53.41 -12.20 -13.06
CA GLY B 337 -54.30 -11.96 -14.18
C GLY B 337 -54.44 -10.50 -14.54
N VAL B 338 -55.29 -10.24 -15.53
CA VAL B 338 -55.57 -8.93 -16.11
C VAL B 338 -56.08 -7.86 -15.14
N GLU B 339 -56.40 -8.19 -13.89
CA GLU B 339 -56.81 -7.19 -12.91
C GLU B 339 -55.74 -6.11 -12.74
N ILE B 340 -54.50 -6.50 -12.99
CA ILE B 340 -53.33 -5.65 -12.94
C ILE B 340 -53.38 -4.55 -13.98
N LEU B 341 -53.98 -4.87 -15.11
CA LEU B 341 -54.04 -4.03 -16.27
C LEU B 341 -55.18 -3.01 -16.21
N LYS B 342 -55.94 -3.03 -15.11
CA LYS B 342 -57.02 -2.09 -14.94
C LYS B 342 -56.48 -0.75 -14.47
N GLY B 343 -57.19 0.33 -14.78
CA GLY B 343 -56.77 1.66 -14.37
C GLY B 343 -55.70 2.26 -15.28
N LEU B 344 -55.50 1.65 -16.45
CA LEU B 344 -54.49 2.13 -17.38
C LEU B 344 -55.12 2.79 -18.59
N ASP B 345 -54.44 3.78 -19.13
CA ASP B 345 -54.91 4.47 -20.32
C ASP B 345 -54.28 3.83 -21.54
N ALA B 346 -53.08 3.29 -21.36
CA ALA B 346 -52.42 2.62 -22.45
C ALA B 346 -51.55 1.49 -21.98
N ILE B 347 -51.29 0.58 -22.89
CA ILE B 347 -50.51 -0.60 -22.62
C ILE B 347 -49.22 -0.63 -23.43
N LEU B 348 -48.12 -0.86 -22.73
CA LEU B 348 -46.82 -0.94 -23.33
C LEU B 348 -46.14 -2.27 -23.11
N VAL B 349 -45.72 -2.90 -24.20
CA VAL B 349 -44.98 -4.14 -24.08
C VAL B 349 -43.67 -4.03 -24.87
N PRO B 350 -42.54 -3.90 -24.16
CA PRO B 350 -41.17 -3.75 -24.65
C PRO B 350 -40.57 -5.07 -25.11
N GLY B 351 -39.35 -4.99 -25.64
CA GLY B 351 -38.64 -6.17 -26.13
C GLY B 351 -37.80 -6.84 -25.05
N GLY B 352 -36.86 -7.70 -25.47
CA GLY B 352 -35.97 -8.39 -24.54
C GLY B 352 -35.87 -9.89 -24.84
N PHE B 353 -35.21 -10.61 -23.94
CA PHE B 353 -35.03 -12.07 -24.08
C PHE B 353 -35.46 -12.78 -22.80
N GLY B 354 -35.91 -14.03 -22.94
CA GLY B 354 -36.36 -14.83 -21.80
C GLY B 354 -37.85 -15.14 -21.85
N TYR B 355 -38.20 -16.42 -21.68
CA TYR B 355 -39.60 -16.84 -21.70
C TYR B 355 -40.31 -16.26 -20.50
N ARG B 356 -39.81 -16.59 -19.31
CA ARG B 356 -40.34 -16.10 -18.04
C ARG B 356 -41.86 -16.12 -17.98
N GLY B 357 -42.49 -14.95 -17.84
CA GLY B 357 -43.93 -14.85 -17.78
C GLY B 357 -44.53 -14.33 -19.09
N VAL B 358 -43.90 -14.64 -20.23
CA VAL B 358 -44.39 -14.22 -21.54
C VAL B 358 -45.86 -14.55 -21.78
N GLU B 359 -46.38 -15.59 -21.13
CA GLU B 359 -47.78 -15.92 -21.30
C GLU B 359 -48.65 -14.82 -20.70
N GLY B 360 -48.14 -14.15 -19.66
CA GLY B 360 -48.81 -13.02 -19.06
C GLY B 360 -48.68 -11.82 -20.00
N MET B 361 -47.57 -11.76 -20.74
CA MET B 361 -47.40 -10.70 -21.73
C MET B 361 -48.43 -10.88 -22.83
N ILE B 362 -48.65 -12.13 -23.23
CA ILE B 362 -49.64 -12.50 -24.24
C ILE B 362 -51.01 -12.16 -23.72
N THR B 363 -51.28 -12.52 -22.47
CA THR B 363 -52.52 -12.21 -21.79
C THR B 363 -52.79 -10.72 -21.83
N THR B 364 -51.75 -9.93 -21.58
CA THR B 364 -51.83 -8.48 -21.63
C THR B 364 -52.12 -7.97 -23.01
N ALA B 365 -51.43 -8.53 -24.01
CA ALA B 365 -51.65 -8.12 -25.39
C ALA B 365 -53.10 -8.36 -25.75
N ARG B 366 -53.62 -9.51 -25.37
CA ARG B 366 -54.99 -9.86 -25.59
C ARG B 366 -55.91 -8.88 -24.91
N PHE B 367 -55.59 -8.56 -23.67
CA PHE B 367 -56.38 -7.62 -22.90
C PHE B 367 -56.52 -6.28 -23.61
N ALA B 368 -55.39 -5.69 -23.99
CA ALA B 368 -55.37 -4.41 -24.67
C ALA B 368 -56.07 -4.46 -26.01
N ARG B 369 -55.80 -5.52 -26.77
CA ARG B 369 -56.41 -5.68 -28.07
C ARG B 369 -57.91 -5.83 -27.96
N GLU B 370 -58.35 -6.79 -27.17
CA GLU B 370 -59.76 -7.07 -27.00
C GLU B 370 -60.51 -5.90 -26.40
N ASN B 371 -59.88 -5.13 -25.53
CA ASN B 371 -60.57 -4.01 -24.92
C ASN B 371 -60.25 -2.65 -25.55
N ASN B 372 -59.62 -2.63 -26.73
CA ASN B 372 -59.34 -1.37 -27.42
C ASN B 372 -58.58 -0.34 -26.59
N ILE B 373 -57.51 -0.78 -25.92
CA ILE B 373 -56.74 0.11 -25.08
C ILE B 373 -55.37 0.43 -25.68
N PRO B 374 -55.22 1.59 -26.35
CA PRO B 374 -53.93 2.09 -26.91
C PRO B 374 -52.73 1.18 -26.64
N TYR B 375 -52.39 0.33 -27.60
CA TYR B 375 -51.33 -0.64 -27.43
C TYR B 375 -50.07 -0.40 -28.27
N LEU B 376 -48.90 -0.48 -27.62
CA LEU B 376 -47.62 -0.36 -28.32
C LEU B 376 -46.71 -1.55 -28.04
N GLY B 377 -46.29 -2.24 -29.10
CA GLY B 377 -45.40 -3.39 -28.96
C GLY B 377 -44.04 -3.18 -29.63
N ILE B 378 -42.97 -3.61 -28.94
CA ILE B 378 -41.62 -3.46 -29.47
C ILE B 378 -40.84 -4.78 -29.45
N CYS B 379 -40.23 -5.13 -30.59
CA CYS B 379 -39.44 -6.37 -30.72
C CYS B 379 -40.24 -7.52 -30.12
N LEU B 380 -39.69 -8.23 -29.13
CA LEU B 380 -40.43 -9.30 -28.46
C LEU B 380 -41.91 -8.99 -28.23
N GLY B 381 -42.23 -7.77 -27.81
CA GLY B 381 -43.62 -7.37 -27.56
C GLY B 381 -44.48 -7.54 -28.82
N MET B 382 -43.88 -7.32 -29.98
CA MET B 382 -44.56 -7.54 -31.25
C MET B 382 -44.80 -9.01 -31.44
N GLN B 383 -43.78 -9.81 -31.13
CA GLN B 383 -43.86 -11.27 -31.26
C GLN B 383 -44.95 -11.80 -30.35
N VAL B 384 -45.05 -11.22 -29.16
CA VAL B 384 -46.11 -11.53 -28.22
C VAL B 384 -47.47 -11.23 -28.77
N ALA B 385 -47.63 -10.03 -29.33
CA ALA B 385 -48.87 -9.62 -29.95
C ALA B 385 -49.23 -10.52 -31.12
N LEU B 386 -48.21 -10.93 -31.88
CA LEU B 386 -48.37 -11.83 -33.01
C LEU B 386 -49.01 -13.11 -32.52
N ILE B 387 -48.44 -13.67 -31.46
CA ILE B 387 -48.94 -14.88 -30.84
C ILE B 387 -50.36 -14.74 -30.31
N ASP B 388 -50.61 -13.65 -29.57
CA ASP B 388 -51.94 -13.35 -29.08
C ASP B 388 -52.99 -13.40 -30.14
N TYR B 389 -52.81 -12.56 -31.15
CA TYR B 389 -53.71 -12.45 -32.26
C TYR B 389 -53.85 -13.79 -32.96
N ALA B 390 -52.72 -14.44 -33.20
CA ALA B 390 -52.72 -15.71 -33.88
C ALA B 390 -53.57 -16.74 -33.15
N ARG B 391 -53.37 -16.89 -31.84
CA ARG B 391 -54.09 -17.90 -31.06
C ARG B 391 -55.58 -17.63 -30.92
N HIS B 392 -55.96 -16.36 -30.79
CA HIS B 392 -57.36 -16.07 -30.51
C HIS B 392 -58.18 -15.54 -31.66
N VAL B 393 -57.54 -15.04 -32.70
CA VAL B 393 -58.27 -14.55 -33.85
C VAL B 393 -58.06 -15.48 -35.02
N ALA B 394 -56.79 -15.77 -35.31
CA ALA B 394 -56.46 -16.67 -36.40
C ALA B 394 -56.64 -18.14 -35.99
N ASN B 395 -56.89 -18.36 -34.68
CA ASN B 395 -57.14 -19.67 -34.08
C ASN B 395 -55.96 -20.62 -34.14
N MET B 396 -54.78 -20.05 -34.08
CA MET B 396 -53.54 -20.79 -34.11
C MET B 396 -53.13 -21.19 -32.71
N GLU B 397 -53.92 -22.09 -32.13
CA GLU B 397 -53.69 -22.61 -30.78
C GLU B 397 -52.23 -22.94 -30.58
N ASN B 398 -51.67 -22.57 -29.45
CA ASN B 398 -50.26 -22.83 -29.15
C ASN B 398 -49.28 -22.09 -30.06
N ALA B 399 -49.72 -21.01 -30.69
CA ALA B 399 -48.78 -20.21 -31.48
C ALA B 399 -47.64 -19.80 -30.60
N ASN B 400 -46.43 -19.87 -31.14
CA ASN B 400 -45.28 -19.48 -30.34
C ASN B 400 -44.03 -19.36 -31.21
N SER B 401 -42.88 -19.22 -30.55
CA SER B 401 -41.59 -19.19 -31.21
C SER B 401 -40.86 -20.49 -31.03
N THR B 402 -40.11 -20.86 -32.06
CA THR B 402 -39.29 -22.06 -32.05
C THR B 402 -38.17 -21.99 -31.04
N GLU B 403 -37.82 -20.76 -30.64
CA GLU B 403 -36.78 -20.55 -29.64
C GLU B 403 -37.21 -21.03 -28.27
N PHE B 404 -38.52 -21.28 -28.09
CA PHE B 404 -38.99 -21.74 -26.79
C PHE B 404 -39.60 -23.12 -26.93
N VAL B 405 -40.25 -23.37 -28.06
CA VAL B 405 -40.85 -24.67 -28.29
C VAL B 405 -40.49 -25.15 -29.68
N PRO B 406 -39.54 -26.08 -29.81
CA PRO B 406 -39.03 -26.70 -31.02
C PRO B 406 -40.15 -27.12 -31.96
N ASP B 407 -41.21 -27.68 -31.39
CA ASP B 407 -42.33 -28.05 -32.22
C ASP B 407 -43.61 -27.43 -31.70
N CYS B 408 -43.75 -26.14 -31.96
CA CYS B 408 -44.92 -25.39 -31.58
C CYS B 408 -46.15 -25.93 -32.28
N LYS B 409 -45.92 -26.36 -33.54
CA LYS B 409 -46.95 -26.80 -34.50
C LYS B 409 -47.67 -25.59 -35.10
N TYR B 410 -47.29 -24.39 -34.63
CA TYR B 410 -47.83 -23.11 -35.00
C TYR B 410 -46.73 -22.05 -34.82
N PRO B 411 -45.45 -22.40 -35.07
CA PRO B 411 -44.28 -21.52 -34.96
C PRO B 411 -44.46 -20.18 -35.67
N VAL B 412 -45.15 -19.23 -35.06
CA VAL B 412 -45.32 -17.93 -35.72
C VAL B 412 -44.00 -17.16 -35.82
N VAL B 413 -43.05 -17.48 -34.94
CA VAL B 413 -41.73 -16.88 -35.00
C VAL B 413 -40.63 -17.95 -35.10
N ALA B 414 -39.69 -17.76 -36.02
CA ALA B 414 -38.63 -18.75 -36.24
C ALA B 414 -37.48 -18.16 -37.05
N LEU B 415 -36.39 -18.89 -37.13
CA LEU B 415 -35.28 -18.43 -37.96
C LEU B 415 -35.71 -18.64 -39.40
N ILE B 416 -35.12 -17.89 -40.32
CA ILE B 416 -35.49 -18.01 -41.72
C ILE B 416 -35.38 -19.45 -42.20
N THR B 417 -34.28 -20.10 -41.86
CA THR B 417 -34.08 -21.51 -42.17
C THR B 417 -35.17 -22.38 -41.53
N GLU B 418 -35.56 -22.01 -40.32
CA GLU B 418 -36.58 -22.72 -39.56
C GLU B 418 -38.02 -22.44 -39.96
N TRP B 419 -38.25 -21.56 -40.94
CA TRP B 419 -39.62 -21.27 -41.33
C TRP B 419 -40.35 -22.52 -41.77
N ARG B 420 -41.53 -22.72 -41.19
CA ARG B 420 -42.31 -23.89 -41.54
C ARG B 420 -43.77 -23.75 -41.16
N ASP B 421 -44.61 -24.61 -41.72
CA ASP B 421 -46.01 -24.55 -41.40
C ASP B 421 -46.35 -25.53 -40.27
N GLU B 422 -47.63 -25.61 -39.94
CA GLU B 422 -48.14 -26.48 -38.89
C GLU B 422 -48.00 -27.97 -39.19
N ASN B 423 -47.72 -28.31 -40.46
CA ASN B 423 -47.57 -29.68 -40.89
C ASN B 423 -46.10 -30.07 -41.01
N GLY B 424 -45.20 -29.17 -40.60
CA GLY B 424 -43.77 -29.45 -40.63
C GLY B 424 -43.12 -29.18 -41.99
N ASN B 425 -43.86 -28.60 -42.93
CA ASN B 425 -43.27 -28.30 -44.23
C ASN B 425 -42.46 -27.04 -44.07
N VAL B 426 -41.29 -26.97 -44.68
CA VAL B 426 -40.43 -25.81 -44.42
C VAL B 426 -40.34 -24.87 -45.61
N GLU B 427 -39.44 -23.89 -45.49
CA GLU B 427 -39.18 -22.83 -46.47
C GLU B 427 -40.20 -21.71 -46.31
N THR B 438 -28.41 -15.03 -39.28
CA THR B 438 -27.84 -14.94 -37.95
C THR B 438 -28.65 -13.99 -37.08
N MET B 439 -28.28 -12.71 -37.10
CA MET B 439 -28.96 -11.70 -36.31
C MET B 439 -28.98 -10.36 -37.03
N ARG B 440 -30.05 -9.61 -36.84
CA ARG B 440 -30.18 -8.30 -37.47
C ARG B 440 -29.88 -7.19 -36.50
N LEU B 441 -28.84 -6.43 -36.78
CA LEU B 441 -28.50 -5.31 -35.92
C LEU B 441 -28.24 -4.03 -36.67
N GLY B 442 -28.57 -2.91 -36.04
CA GLY B 442 -28.25 -1.59 -36.58
C GLY B 442 -29.39 -0.97 -37.34
N ALA B 443 -29.15 0.23 -37.86
CA ALA B 443 -30.18 0.95 -38.58
C ALA B 443 -30.40 0.33 -39.95
N GLN B 444 -31.64 -0.04 -40.25
CA GLN B 444 -31.97 -0.65 -41.54
C GLN B 444 -33.22 -0.02 -42.15
N GLN B 445 -33.24 0.08 -43.48
CA GLN B 445 -34.37 0.67 -44.17
C GLN B 445 -35.54 -0.26 -44.27
N CYS B 446 -36.70 0.24 -43.90
CA CYS B 446 -37.91 -0.53 -43.96
C CYS B 446 -38.89 0.09 -44.94
N GLN B 447 -39.61 -0.75 -45.66
CA GLN B 447 -40.61 -0.28 -46.61
C GLN B 447 -41.96 -0.11 -45.94
N LEU B 448 -42.42 1.11 -45.82
CA LEU B 448 -43.69 1.30 -45.17
C LEU B 448 -44.81 1.17 -46.18
N VAL B 449 -45.94 0.65 -45.72
CA VAL B 449 -47.09 0.54 -46.60
C VAL B 449 -47.75 1.89 -46.66
N ASP B 450 -47.88 2.43 -47.86
CA ASP B 450 -48.45 3.76 -48.07
C ASP B 450 -49.79 4.00 -47.39
N ASP B 451 -50.59 2.95 -47.27
CA ASP B 451 -51.90 3.05 -46.65
C ASP B 451 -51.88 2.85 -45.13
N SER B 452 -50.71 2.65 -44.53
CA SER B 452 -50.61 2.43 -43.10
C SER B 452 -50.49 3.73 -42.34
N LEU B 453 -50.81 3.67 -41.05
CA LEU B 453 -50.66 4.84 -40.22
C LEU B 453 -49.19 5.19 -40.07
N VAL B 454 -48.36 4.21 -39.72
CA VAL B 454 -46.91 4.44 -39.58
C VAL B 454 -46.24 5.13 -40.76
N ARG B 455 -46.72 4.86 -41.97
CA ARG B 455 -46.19 5.53 -43.14
C ARG B 455 -46.47 6.99 -43.02
N GLN B 456 -47.70 7.30 -42.63
CA GLN B 456 -48.13 8.67 -42.45
C GLN B 456 -47.54 9.29 -41.19
N LEU B 457 -47.22 8.47 -40.18
CA LEU B 457 -46.59 8.99 -38.99
C LEU B 457 -45.20 9.51 -39.31
N TYR B 458 -44.50 8.83 -40.23
CA TYR B 458 -43.19 9.30 -40.65
C TYR B 458 -43.26 10.17 -41.88
N ASN B 459 -44.42 10.19 -42.55
CA ASN B 459 -44.62 10.99 -43.74
C ASN B 459 -43.65 10.60 -44.83
N ALA B 460 -43.42 9.29 -44.96
CA ALA B 460 -42.50 8.84 -45.96
C ALA B 460 -42.74 7.39 -46.31
N PRO B 461 -42.55 7.00 -47.57
CA PRO B 461 -42.65 5.66 -48.15
C PRO B 461 -41.83 4.64 -47.38
N THR B 462 -40.67 5.04 -46.90
CA THR B 462 -39.79 4.15 -46.16
C THR B 462 -39.28 4.84 -44.92
N ILE B 463 -38.58 4.09 -44.09
CA ILE B 463 -37.99 4.67 -42.90
C ILE B 463 -36.84 3.81 -42.41
N VAL B 464 -35.78 4.44 -41.92
CA VAL B 464 -34.64 3.71 -41.42
C VAL B 464 -34.67 3.69 -39.89
N GLU B 465 -34.67 2.49 -39.33
CA GLU B 465 -34.76 2.31 -37.87
C GLU B 465 -33.83 1.19 -37.38
N ARG B 466 -33.43 1.26 -36.12
CA ARG B 466 -32.48 0.30 -35.57
C ARG B 466 -33.05 -1.05 -35.19
N HIS B 467 -32.25 -2.09 -35.36
CA HIS B 467 -32.65 -3.43 -35.02
C HIS B 467 -31.65 -4.14 -34.10
N ARG B 468 -32.15 -5.16 -33.43
CA ARG B 468 -31.32 -6.05 -32.61
C ARG B 468 -32.11 -7.32 -32.30
N HIS B 469 -32.09 -8.29 -33.22
CA HIS B 469 -32.85 -9.51 -32.98
C HIS B 469 -32.62 -10.62 -34.03
N ARG B 470 -32.74 -11.89 -33.59
CA ARG B 470 -32.47 -13.07 -34.42
C ARG B 470 -33.63 -13.78 -35.12
N TYR B 471 -34.82 -13.83 -34.50
CA TYR B 471 -35.91 -14.62 -35.09
C TYR B 471 -36.89 -13.75 -35.86
N GLU B 472 -37.52 -14.31 -36.89
CA GLU B 472 -38.42 -13.53 -37.73
C GLU B 472 -39.80 -14.14 -37.88
N VAL B 473 -40.72 -13.33 -38.41
CA VAL B 473 -42.06 -13.82 -38.62
C VAL B 473 -42.01 -14.91 -39.68
N ASN B 474 -42.53 -16.05 -39.29
CA ASN B 474 -42.54 -17.27 -40.08
C ASN B 474 -42.76 -17.10 -41.56
N ASN B 475 -43.90 -16.52 -41.94
CA ASN B 475 -44.28 -16.32 -43.34
C ASN B 475 -45.17 -17.45 -43.85
N MET B 476 -44.83 -18.69 -43.50
CA MET B 476 -45.61 -19.86 -43.90
C MET B 476 -46.99 -19.77 -43.29
N LEU B 477 -47.03 -19.37 -42.03
CA LEU B 477 -48.27 -19.22 -41.29
C LEU B 477 -48.75 -17.79 -41.23
N LEU B 478 -47.90 -16.85 -41.64
CA LEU B 478 -48.25 -15.45 -41.66
C LEU B 478 -49.54 -15.18 -42.37
N LYS B 479 -49.70 -15.78 -43.54
CA LYS B 479 -50.91 -15.61 -44.33
C LYS B 479 -52.19 -15.93 -43.57
N GLN B 480 -52.12 -16.81 -42.56
CA GLN B 480 -53.28 -17.12 -41.74
C GLN B 480 -53.62 -15.94 -40.86
N ILE B 481 -52.58 -15.39 -40.26
CA ILE B 481 -52.68 -14.27 -39.36
C ILE B 481 -53.10 -12.98 -40.05
N GLU B 482 -52.42 -12.67 -41.14
CA GLU B 482 -52.69 -11.47 -41.89
C GLU B 482 -54.08 -11.52 -42.50
N ASP B 483 -54.43 -12.65 -43.14
CA ASP B 483 -55.75 -12.78 -43.73
C ASP B 483 -56.86 -12.76 -42.70
N ALA B 484 -56.58 -13.22 -41.47
CA ALA B 484 -57.57 -13.18 -40.40
C ALA B 484 -58.02 -11.74 -40.07
N GLY B 485 -57.25 -10.73 -40.48
CA GLY B 485 -57.61 -9.35 -40.26
C GLY B 485 -56.56 -8.60 -39.45
N LEU B 486 -55.36 -8.52 -40.01
CA LEU B 486 -54.28 -7.79 -39.38
C LEU B 486 -53.52 -7.04 -40.45
N ARG B 487 -53.25 -5.78 -40.21
CA ARG B 487 -52.59 -5.00 -41.23
C ARG B 487 -51.10 -5.01 -41.08
N VAL B 488 -50.39 -5.45 -42.11
CA VAL B 488 -48.96 -5.30 -42.07
C VAL B 488 -48.70 -3.89 -42.51
N ALA B 489 -48.27 -3.07 -41.59
CA ALA B 489 -48.06 -1.67 -41.81
C ALA B 489 -46.76 -1.39 -42.52
N GLY B 490 -45.85 -2.37 -42.51
CA GLY B 490 -44.58 -2.21 -43.22
C GLY B 490 -43.76 -3.48 -43.23
N ARG B 491 -42.97 -3.61 -44.28
CA ARG B 491 -42.14 -4.76 -44.52
C ARG B 491 -40.69 -4.35 -44.66
N SER B 492 -39.77 -5.29 -44.57
CA SER B 492 -38.36 -4.98 -44.64
C SER B 492 -37.88 -4.73 -46.07
N GLY B 493 -36.65 -5.13 -46.35
CA GLY B 493 -36.05 -4.95 -47.66
C GLY B 493 -36.15 -6.20 -48.49
N ASP B 494 -35.00 -6.81 -48.75
CA ASP B 494 -34.89 -7.99 -49.60
C ASP B 494 -35.93 -9.08 -49.37
N ASP B 495 -36.22 -9.41 -48.11
CA ASP B 495 -37.18 -10.46 -47.83
C ASP B 495 -38.58 -9.97 -47.45
N GLN B 496 -38.80 -8.66 -47.48
CA GLN B 496 -40.11 -8.08 -47.15
C GLN B 496 -40.71 -8.66 -45.87
N LEU B 497 -39.91 -8.67 -44.82
CA LEU B 497 -40.30 -9.25 -43.56
C LEU B 497 -41.22 -8.32 -42.81
N VAL B 498 -42.18 -8.86 -42.10
CA VAL B 498 -43.13 -8.05 -41.36
C VAL B 498 -42.45 -7.18 -40.30
N GLU B 499 -42.14 -5.95 -40.67
CA GLU B 499 -41.51 -5.01 -39.76
C GLU B 499 -42.46 -4.40 -38.78
N ILE B 500 -43.68 -4.16 -39.21
CA ILE B 500 -44.64 -3.51 -38.35
C ILE B 500 -46.09 -3.79 -38.72
N ILE B 501 -46.92 -3.95 -37.68
CA ILE B 501 -48.35 -4.23 -37.86
C ILE B 501 -49.26 -3.27 -37.13
N GLU B 502 -50.50 -3.21 -37.61
CA GLU B 502 -51.55 -2.38 -37.04
C GLU B 502 -52.88 -3.14 -36.99
N VAL B 503 -53.66 -2.93 -35.94
CA VAL B 503 -54.95 -3.61 -35.86
C VAL B 503 -56.09 -2.79 -36.46
N PRO B 504 -56.71 -3.28 -37.56
CA PRO B 504 -57.79 -2.67 -38.36
C PRO B 504 -58.82 -1.85 -37.58
N ASN B 505 -59.32 -2.37 -36.47
CA ASN B 505 -60.36 -1.66 -35.75
C ASN B 505 -59.98 -1.25 -34.35
N HIS B 506 -58.70 -1.31 -34.04
CA HIS B 506 -58.26 -0.88 -32.73
C HIS B 506 -57.95 0.59 -32.81
N PRO B 507 -58.36 1.41 -31.85
CA PRO B 507 -58.15 2.85 -31.76
C PRO B 507 -56.69 3.23 -31.98
N TRP B 508 -55.77 2.43 -31.47
CA TRP B 508 -54.37 2.70 -31.69
C TRP B 508 -53.59 1.47 -31.30
N PHE B 509 -53.16 0.71 -32.29
CA PHE B 509 -52.44 -0.51 -32.01
C PHE B 509 -51.33 -0.66 -32.99
N VAL B 510 -50.13 -0.47 -32.49
CA VAL B 510 -48.95 -0.54 -33.32
C VAL B 510 -47.89 -1.45 -32.70
N ALA B 511 -47.32 -2.35 -33.48
CA ALA B 511 -46.26 -3.19 -32.96
C ALA B 511 -45.18 -3.41 -34.01
N CYS B 512 -43.91 -3.31 -33.61
CA CYS B 512 -42.82 -3.42 -34.60
C CYS B 512 -41.54 -4.12 -34.13
N GLN B 513 -40.74 -4.53 -35.12
CA GLN B 513 -39.45 -5.20 -34.95
C GLN B 513 -38.31 -4.25 -34.62
N PHE B 514 -38.39 -3.03 -35.12
CA PHE B 514 -37.34 -2.05 -34.90
C PHE B 514 -37.41 -1.39 -33.54
N HIS B 515 -36.37 -0.61 -33.23
CA HIS B 515 -36.20 0.05 -31.96
C HIS B 515 -36.22 1.56 -32.01
N PRO B 516 -37.41 2.17 -32.09
CA PRO B 516 -37.65 3.61 -32.18
C PRO B 516 -37.12 4.34 -30.95
N GLU B 517 -36.95 3.62 -29.84
CA GLU B 517 -36.43 4.20 -28.61
C GLU B 517 -34.97 4.62 -28.71
N PHE B 518 -34.26 4.20 -29.76
CA PHE B 518 -32.88 4.62 -29.93
C PHE B 518 -32.77 5.76 -30.92
N THR B 519 -33.91 6.24 -31.41
CA THR B 519 -33.88 7.30 -32.40
C THR B 519 -34.59 8.55 -31.91
N SER B 520 -35.46 8.41 -30.90
CA SER B 520 -36.16 9.60 -30.41
C SER B 520 -35.20 10.56 -29.73
N THR B 521 -35.56 11.84 -29.75
CA THR B 521 -34.77 12.86 -29.10
C THR B 521 -35.70 13.76 -28.32
N PRO B 522 -35.19 14.56 -27.39
CA PRO B 522 -35.95 15.51 -26.59
C PRO B 522 -36.34 16.72 -27.43
N ARG B 523 -35.56 16.96 -28.48
CA ARG B 523 -35.81 18.08 -29.36
C ARG B 523 -36.76 17.75 -30.50
N ASP B 524 -36.74 16.50 -30.97
CA ASP B 524 -37.58 16.09 -32.10
C ASP B 524 -38.75 15.20 -31.70
N GLY B 525 -38.58 14.41 -30.65
CA GLY B 525 -39.61 13.48 -30.24
C GLY B 525 -39.49 12.24 -31.10
N HIS B 526 -40.63 11.67 -31.48
CA HIS B 526 -40.68 10.50 -32.33
C HIS B 526 -42.12 10.06 -32.57
N PRO B 527 -42.63 10.25 -33.80
CA PRO B 527 -43.98 9.94 -34.26
C PRO B 527 -44.72 8.79 -33.58
N LEU B 528 -44.04 7.67 -33.30
CA LEU B 528 -44.75 6.53 -32.75
C LEU B 528 -45.08 6.69 -31.29
N PHE B 529 -44.24 7.44 -30.59
CA PHE B 529 -44.48 7.69 -29.19
C PHE B 529 -45.41 8.85 -29.07
N ALA B 530 -45.35 9.74 -30.04
CA ALA B 530 -46.27 10.85 -30.06
C ALA B 530 -47.68 10.32 -30.26
N GLY B 531 -47.85 9.39 -31.20
CA GLY B 531 -49.13 8.79 -31.47
C GLY B 531 -49.62 7.94 -30.31
N PHE B 532 -48.72 7.13 -29.73
CA PHE B 532 -49.06 6.26 -28.62
C PHE B 532 -49.54 7.01 -27.42
N VAL B 533 -48.76 7.98 -26.99
CA VAL B 533 -49.10 8.77 -25.83
C VAL B 533 -50.37 9.57 -26.09
N LYS B 534 -50.49 10.15 -27.28
CA LYS B 534 -51.70 10.87 -27.64
C LYS B 534 -52.91 9.96 -27.55
N ALA B 535 -52.79 8.74 -28.07
CA ALA B 535 -53.85 7.77 -28.02
C ALA B 535 -54.24 7.48 -26.61
N ALA B 536 -53.25 7.42 -25.71
CA ALA B 536 -53.53 7.20 -24.31
C ALA B 536 -54.43 8.29 -23.79
N SER B 537 -54.12 9.53 -24.15
CA SER B 537 -54.92 10.68 -23.75
C SER B 537 -56.31 10.59 -24.31
N GLU B 538 -56.41 10.25 -25.59
CA GLU B 538 -57.69 10.15 -26.27
C GLU B 538 -58.57 9.16 -25.56
N PHE B 539 -58.01 7.99 -25.32
CA PHE B 539 -58.66 6.90 -24.63
C PHE B 539 -59.09 7.34 -23.26
N GLN B 540 -58.19 7.96 -22.53
CA GLN B 540 -58.46 8.48 -21.20
C GLN B 540 -59.69 9.38 -21.19
N LYS B 541 -59.76 10.29 -22.16
CA LYS B 541 -60.88 11.21 -22.24
C LYS B 541 -62.16 10.51 -22.65
N ARG B 542 -62.02 9.48 -23.48
CA ARG B 542 -63.14 8.67 -23.90
C ARG B 542 -63.69 7.88 -22.72
N GLN B 543 -62.80 7.42 -21.85
CA GLN B 543 -63.18 6.68 -20.66
C GLN B 543 -63.46 7.62 -19.50
N ALA B 544 -64.42 8.51 -19.70
CA ALA B 544 -64.78 9.50 -18.71
C ALA B 544 -66.12 10.14 -19.07
N MET C 1 18.56 36.99 -4.23
CA MET C 1 19.09 35.66 -3.96
C MET C 1 18.08 34.77 -3.29
N THR C 2 17.71 33.68 -3.95
CA THR C 2 16.77 32.73 -3.37
C THR C 2 17.43 31.38 -3.17
N THR C 3 17.27 30.85 -1.97
CA THR C 3 17.86 29.57 -1.60
C THR C 3 17.25 28.40 -2.37
N ASN C 4 18.13 27.55 -2.89
CA ASN C 4 17.77 26.34 -3.59
C ASN C 4 18.01 25.13 -2.70
N TYR C 5 17.17 24.12 -2.80
CA TYR C 5 17.29 22.96 -1.94
C TYR C 5 17.39 21.66 -2.71
N ILE C 6 18.17 20.74 -2.18
CA ILE C 6 18.22 19.41 -2.76
C ILE C 6 18.03 18.43 -1.65
N PHE C 7 17.06 17.54 -1.81
CA PHE C 7 16.79 16.57 -0.78
C PHE C 7 17.42 15.27 -1.14
N VAL C 8 18.00 14.62 -0.14
CA VAL C 8 18.67 13.35 -0.35
C VAL C 8 18.04 12.23 0.45
N THR C 9 17.56 11.24 -0.28
CA THR C 9 16.95 10.06 0.32
C THR C 9 17.61 8.83 -0.24
N GLY C 10 17.23 7.68 0.28
CA GLY C 10 17.81 6.42 -0.17
C GLY C 10 16.96 5.25 0.29
N GLY C 11 17.09 4.14 -0.41
CA GLY C 11 16.28 2.98 -0.09
C GLY C 11 16.89 1.67 -0.52
N VAL C 12 16.07 0.63 -0.46
CA VAL C 12 16.37 -0.78 -0.77
C VAL C 12 17.13 -1.43 0.38
N VAL C 13 18.24 -0.84 0.76
CA VAL C 13 19.01 -1.23 1.92
C VAL C 13 19.54 0.00 2.62
N SER C 14 20.00 -0.18 3.84
CA SER C 14 20.63 0.90 4.57
C SER C 14 22.10 0.91 4.24
N SER C 15 22.80 1.86 4.82
CA SER C 15 24.25 1.92 4.75
C SER C 15 24.79 2.11 3.34
N LEU C 16 24.16 2.97 2.56
CA LEU C 16 24.66 3.25 1.23
C LEU C 16 25.62 4.42 1.20
N GLY C 17 25.67 5.20 2.27
CA GLY C 17 26.57 6.34 2.31
C GLY C 17 25.91 7.60 1.81
N LYS C 18 24.70 7.87 2.33
CA LYS C 18 23.97 9.07 1.94
C LYS C 18 24.74 10.32 2.32
N GLY C 19 25.33 10.32 3.51
CA GLY C 19 26.11 11.46 3.97
C GLY C 19 27.34 11.68 3.11
N ILE C 20 27.98 10.58 2.71
CA ILE C 20 29.16 10.66 1.86
C ILE C 20 28.84 11.27 0.53
N ALA C 21 27.75 10.81 -0.09
CA ALA C 21 27.34 11.32 -1.38
C ALA C 21 27.02 12.80 -1.30
N ALA C 22 26.26 13.18 -0.26
CA ALA C 22 25.85 14.56 -0.08
C ALA C 22 27.04 15.47 0.15
N ALA C 23 27.98 15.03 0.98
CA ALA C 23 29.15 15.81 1.28
C ALA C 23 30.00 16.02 0.05
N SER C 24 30.14 14.97 -0.76
CA SER C 24 30.92 15.03 -1.99
C SER C 24 30.31 16.04 -2.95
N LEU C 25 28.99 16.03 -3.06
CA LEU C 25 28.30 16.98 -3.88
C LEU C 25 28.54 18.39 -3.41
N ALA C 26 28.37 18.61 -2.11
CA ALA C 26 28.55 19.91 -1.52
C ALA C 26 29.95 20.43 -1.78
N ALA C 27 30.94 19.55 -1.69
CA ALA C 27 32.32 19.92 -1.96
C ALA C 27 32.44 20.50 -3.35
N ILE C 28 31.81 19.85 -4.31
CA ILE C 28 31.82 20.31 -5.68
C ILE C 28 31.13 21.64 -5.81
N LEU C 29 29.98 21.78 -5.18
CA LEU C 29 29.22 23.01 -5.26
C LEU C 29 30.00 24.18 -4.69
N GLU C 30 30.75 23.93 -3.62
CA GLU C 30 31.66 24.94 -3.08
C GLU C 30 32.72 25.23 -4.13
N ALA C 31 33.25 24.17 -4.75
CA ALA C 31 34.26 24.31 -5.81
C ALA C 31 33.70 25.05 -7.03
N ARG C 32 32.36 25.08 -7.20
CA ARG C 32 31.71 25.86 -8.26
C ARG C 32 31.47 27.30 -7.83
N GLY C 33 31.94 27.68 -6.64
CA GLY C 33 31.77 29.03 -6.14
C GLY C 33 30.41 29.30 -5.52
N LEU C 34 29.70 28.24 -5.09
CA LEU C 34 28.37 28.44 -4.54
C LEU C 34 28.30 28.35 -3.03
N ASN C 35 27.46 29.19 -2.43
CA ASN C 35 27.24 29.15 -0.99
C ASN C 35 26.41 27.94 -0.63
N VAL C 36 27.08 26.81 -0.47
CA VAL C 36 26.38 25.59 -0.16
C VAL C 36 26.56 25.16 1.28
N THR C 37 25.47 24.66 1.86
CA THR C 37 25.48 24.14 3.21
C THR C 37 24.74 22.82 3.25
N ILE C 38 24.60 22.27 4.44
CA ILE C 38 24.01 20.96 4.58
C ILE C 38 23.47 20.66 5.97
N MET C 39 22.33 19.99 6.00
CA MET C 39 21.70 19.60 7.25
C MET C 39 21.26 18.16 7.19
N LYS C 40 21.14 17.53 8.36
CA LYS C 40 20.68 16.14 8.43
C LYS C 40 19.54 15.97 9.42
N LEU C 41 18.48 15.31 8.96
CA LEU C 41 17.35 15.04 9.82
C LEU C 41 17.35 13.58 10.23
N ASP C 42 17.14 13.34 11.52
CA ASP C 42 17.20 12.00 12.04
C ASP C 42 15.84 11.44 12.47
N PRO C 43 15.66 10.12 12.29
CA PRO C 43 14.50 9.31 12.60
C PRO C 43 14.57 8.74 14.00
N TYR C 44 15.32 9.38 14.88
CA TYR C 44 15.48 8.81 16.20
C TYR C 44 14.70 9.56 17.23
N ILE C 45 14.26 8.82 18.23
CA ILE C 45 13.50 9.35 19.33
C ILE C 45 14.41 9.98 20.34
N ASN C 46 15.67 9.55 20.36
CA ASN C 46 16.58 10.16 21.29
C ASN C 46 16.64 11.62 20.97
N VAL C 47 16.56 12.44 22.00
CA VAL C 47 16.57 13.88 21.78
C VAL C 47 17.98 14.30 21.48
N ASP C 48 18.89 13.91 22.35
CA ASP C 48 20.30 14.17 22.17
C ASP C 48 21.10 12.86 22.13
N PRO C 49 22.15 12.79 21.29
CA PRO C 49 23.05 11.67 21.09
C PRO C 49 23.88 11.37 22.32
N GLY C 50 23.94 12.34 23.25
CA GLY C 50 24.63 12.18 24.52
C GLY C 50 23.99 11.13 25.41
N THR C 51 22.74 10.75 25.09
CA THR C 51 22.05 9.73 25.86
C THR C 51 22.35 8.33 25.31
N MET C 52 23.19 8.24 24.27
CA MET C 52 23.54 6.96 23.69
C MET C 52 25.02 6.68 23.73
N SER C 53 25.34 5.40 23.76
CA SER C 53 26.72 4.97 23.81
C SER C 53 27.43 5.05 22.47
N PRO C 54 28.77 5.13 22.50
CA PRO C 54 29.68 5.07 21.38
C PRO C 54 29.51 3.78 20.61
N ILE C 55 29.22 2.69 21.30
CA ILE C 55 29.00 1.46 20.57
C ILE C 55 27.69 1.48 19.81
N GLN C 56 26.70 2.20 20.35
CA GLN C 56 25.41 2.28 19.68
C GLN C 56 25.46 2.98 18.32
N HIS C 57 26.05 4.17 18.27
CA HIS C 57 26.15 4.90 16.99
C HIS C 57 27.54 5.31 16.55
N GLY C 58 28.55 4.93 17.28
CA GLY C 58 29.89 5.38 16.95
C GLY C 58 30.13 6.71 17.64
N GLU C 59 31.19 7.39 17.25
CA GLU C 59 31.55 8.67 17.82
C GLU C 59 30.46 9.73 17.67
N VAL C 60 30.33 10.56 18.68
CA VAL C 60 29.37 11.65 18.69
C VAL C 60 30.12 12.91 18.31
N PHE C 61 29.62 13.62 17.31
CA PHE C 61 30.31 14.80 16.80
C PHE C 61 30.18 16.02 17.69
N VAL C 62 31.30 16.70 17.92
CA VAL C 62 31.29 17.92 18.68
C VAL C 62 31.41 19.12 17.78
N THR C 63 30.37 19.96 17.81
CA THR C 63 30.32 21.15 17.01
C THR C 63 30.99 22.32 17.70
N GLU C 64 31.22 23.38 16.94
CA GLU C 64 31.81 24.60 17.45
C GLU C 64 31.06 25.17 18.62
N ASP C 65 29.73 25.22 18.49
CA ASP C 65 28.87 25.78 19.53
C ASP C 65 28.61 24.82 20.71
N GLY C 66 29.30 23.68 20.74
CA GLY C 66 29.19 22.76 21.86
C GLY C 66 28.09 21.73 21.69
N ALA C 67 27.31 21.83 20.63
CA ALA C 67 26.25 20.85 20.45
C ALA C 67 26.81 19.48 20.17
N GLU C 68 26.17 18.47 20.74
CA GLU C 68 26.53 17.11 20.45
C GLU C 68 25.63 16.67 19.34
N THR C 69 26.19 16.03 18.33
CA THR C 69 25.36 15.69 17.20
C THR C 69 25.81 14.48 16.39
N ASP C 70 25.14 14.28 15.26
CA ASP C 70 25.42 13.16 14.39
C ASP C 70 26.82 13.24 13.80
N LEU C 71 27.51 12.10 13.87
CA LEU C 71 28.86 11.92 13.35
C LEU C 71 29.07 12.44 11.92
N ASP C 72 28.02 12.34 11.10
CA ASP C 72 28.08 12.75 9.71
C ASP C 72 28.32 14.25 9.55
N LEU C 73 28.06 15.04 10.59
CA LEU C 73 28.35 16.45 10.51
C LEU C 73 29.84 16.69 10.55
N GLY C 74 30.58 15.72 11.10
CA GLY C 74 32.02 15.82 11.08
C GLY C 74 32.44 15.65 9.66
N HIS C 75 31.80 14.70 8.98
CA HIS C 75 32.10 14.48 7.58
C HIS C 75 31.76 15.69 6.75
N TYR C 76 30.68 16.37 7.11
CA TYR C 76 30.29 17.57 6.38
C TYR C 76 31.35 18.65 6.51
N GLU C 77 31.90 18.82 7.71
CA GLU C 77 32.96 19.80 7.88
C GLU C 77 34.27 19.37 7.23
N ARG C 78 34.43 18.09 6.96
CA ARG C 78 35.63 17.66 6.26
C ARG C 78 35.58 17.94 4.77
N PHE C 79 34.43 18.37 4.24
CA PHE C 79 34.34 18.63 2.81
C PHE C 79 34.02 20.06 2.46
N ILE C 80 33.25 20.73 3.29
CA ILE C 80 33.00 22.13 3.01
C ILE C 80 33.47 22.97 4.15
N ARG C 81 33.75 24.22 3.85
CA ARG C 81 34.31 25.12 4.85
C ARG C 81 33.30 25.85 5.71
N THR C 82 32.03 25.48 5.61
CA THR C 82 31.02 26.10 6.46
C THR C 82 31.00 25.34 7.76
N LYS C 83 30.32 25.89 8.76
CA LYS C 83 30.30 25.22 10.05
C LYS C 83 28.99 24.54 10.35
N MET C 84 29.10 23.35 10.92
CA MET C 84 27.93 22.57 11.31
C MET C 84 27.49 22.94 12.70
N SER C 85 26.52 23.85 12.79
CA SER C 85 26.01 24.32 14.06
C SER C 85 24.94 23.39 14.54
N ARG C 86 24.41 23.65 15.72
CA ARG C 86 23.25 22.93 16.24
C ARG C 86 22.05 22.93 15.27
N ARG C 87 21.98 23.93 14.39
CA ARG C 87 20.88 24.07 13.44
C ARG C 87 21.03 23.13 12.27
N ASN C 88 22.16 22.45 12.18
CA ASN C 88 22.43 21.59 11.08
C ASN C 88 22.06 20.14 11.36
N ASN C 89 21.43 19.86 12.50
CA ASN C 89 21.05 18.48 12.80
C ASN C 89 20.14 18.35 14.00
N PHE C 90 19.03 17.64 13.78
CA PHE C 90 18.11 17.39 14.87
C PHE C 90 17.31 16.12 14.65
N THR C 91 16.77 15.57 15.75
CA THR C 91 16.09 14.30 15.72
C THR C 91 14.59 14.40 15.81
N THR C 92 13.96 13.24 15.67
CA THR C 92 12.52 13.14 15.70
C THR C 92 12.02 13.42 17.11
N GLY C 93 12.69 12.85 18.10
CA GLY C 93 12.36 13.08 19.49
C GLY C 93 12.48 14.54 19.84
N ARG C 94 13.55 15.19 19.34
CA ARG C 94 13.73 16.62 19.56
C ARG C 94 12.51 17.40 19.15
N ILE C 95 11.98 17.07 17.97
CA ILE C 95 10.80 17.74 17.47
C ILE C 95 9.64 17.61 18.41
N TYR C 96 9.38 16.39 18.85
CA TYR C 96 8.24 16.16 19.72
C TYR C 96 8.38 16.87 21.03
N SER C 97 9.60 16.91 21.57
CA SER C 97 9.83 17.59 22.81
C SER C 97 9.41 19.03 22.69
N ASP C 98 9.87 19.67 21.62
CA ASP C 98 9.56 21.05 21.38
C ASP C 98 8.07 21.29 21.20
N VAL C 99 7.43 20.47 20.38
CA VAL C 99 6.01 20.64 20.11
C VAL C 99 5.16 20.42 21.33
N LEU C 100 5.46 19.38 22.07
CA LEU C 100 4.71 19.09 23.29
C LEU C 100 4.84 20.21 24.28
N ARG C 101 6.04 20.79 24.36
CA ARG C 101 6.25 21.91 25.24
C ARG C 101 5.43 23.11 24.81
N LYS C 102 5.39 23.37 23.51
CA LYS C 102 4.60 24.46 22.97
C LYS C 102 3.14 24.28 23.32
N GLU C 103 2.64 23.07 23.15
CA GLU C 103 1.27 22.78 23.52
C GLU C 103 1.03 23.02 24.98
N ARG C 104 1.93 22.52 25.81
CA ARG C 104 1.81 22.63 27.25
C ARG C 104 1.64 24.06 27.69
N ARG C 105 2.41 24.96 27.09
CA ARG C 105 2.32 26.38 27.41
C ARG C 105 1.22 27.14 26.63
N GLY C 106 0.36 26.43 25.91
CA GLY C 106 -0.79 27.03 25.22
C GLY C 106 -0.54 27.62 23.83
N ASP C 107 0.59 27.30 23.20
CA ASP C 107 0.89 27.89 21.89
C ASP C 107 -0.04 27.48 20.76
N TYR C 108 -0.83 26.43 20.95
CA TYR C 108 -1.74 26.03 19.90
C TYR C 108 -3.18 26.43 20.20
N LEU C 109 -3.35 27.25 21.24
CA LEU C 109 -4.62 27.88 21.57
C LEU C 109 -5.87 26.99 21.64
N GLY C 110 -5.73 25.74 22.09
CA GLY C 110 -6.90 24.88 22.19
C GLY C 110 -7.15 24.00 20.96
N ALA C 111 -6.29 24.14 19.96
CA ALA C 111 -6.40 23.34 18.75
C ALA C 111 -5.81 21.95 18.92
N THR C 112 -6.22 21.05 18.03
CA THR C 112 -5.71 19.71 18.02
C THR C 112 -4.33 19.74 17.43
N VAL C 113 -3.38 19.11 18.07
CA VAL C 113 -2.05 19.08 17.52
C VAL C 113 -1.91 17.76 16.80
N GLN C 114 -1.66 17.84 15.51
CA GLN C 114 -1.58 16.65 14.67
C GLN C 114 -0.28 16.61 13.92
N VAL C 115 0.10 15.40 13.47
CA VAL C 115 1.30 15.28 12.66
C VAL C 115 1.19 16.23 11.52
N ILE C 116 0.09 16.11 10.83
CA ILE C 116 -0.23 17.04 9.81
C ILE C 116 -1.31 17.92 10.39
N PRO C 117 -1.09 19.21 10.44
CA PRO C 117 0.03 20.00 9.94
C PRO C 117 1.08 20.40 10.97
N HIS C 118 0.92 20.05 12.23
CA HIS C 118 1.78 20.68 13.22
C HIS C 118 3.18 20.12 13.29
N ILE C 119 3.32 18.83 13.16
CA ILE C 119 4.65 18.26 13.26
C ILE C 119 5.41 18.55 12.00
N THR C 120 4.73 18.44 10.87
CA THR C 120 5.39 18.71 9.61
C THR C 120 5.77 20.17 9.48
N ASN C 121 5.01 21.07 10.11
CA ASN C 121 5.41 22.47 10.09
C ASN C 121 6.62 22.70 10.94
N ALA C 122 6.68 22.05 12.10
CA ALA C 122 7.85 22.18 12.96
C ALA C 122 9.11 21.81 12.19
N ILE C 123 9.03 20.72 11.43
CA ILE C 123 10.15 20.27 10.63
C ILE C 123 10.52 21.29 9.58
N LYS C 124 9.51 21.70 8.82
CA LYS C 124 9.68 22.66 7.74
C LYS C 124 10.33 23.94 8.19
N GLU C 125 9.87 24.47 9.32
CA GLU C 125 10.41 25.70 9.85
C GLU C 125 11.86 25.58 10.24
N ARG C 126 12.23 24.42 10.79
CA ARG C 126 13.63 24.21 11.13
C ARG C 126 14.50 24.15 9.89
N VAL C 127 13.98 23.57 8.82
CA VAL C 127 14.72 23.52 7.57
C VAL C 127 14.95 24.91 7.02
N LEU C 128 13.90 25.72 7.02
CA LEU C 128 14.00 27.08 6.52
C LEU C 128 14.97 27.89 7.33
N GLU C 129 15.00 27.65 8.64
CA GLU C 129 15.94 28.31 9.53
C GLU C 129 17.37 28.05 9.10
N GLY C 130 17.73 26.78 9.01
CA GLY C 130 19.09 26.39 8.66
C GLY C 130 19.50 26.84 7.26
N GLY C 131 18.57 26.85 6.32
CA GLY C 131 18.89 27.24 4.95
C GLY C 131 18.98 28.75 4.72
N GLU C 132 18.70 29.55 5.74
CA GLU C 132 18.72 30.99 5.59
C GLU C 132 20.08 31.52 5.17
N GLY C 133 20.08 32.31 4.10
CA GLY C 133 21.29 32.96 3.62
C GLY C 133 22.19 32.09 2.75
N HIS C 134 21.72 30.92 2.34
CA HIS C 134 22.56 30.07 1.52
C HIS C 134 22.04 29.92 0.11
N ASP C 135 22.95 29.65 -0.82
CA ASP C 135 22.58 29.45 -2.22
C ASP C 135 21.97 28.09 -2.40
N VAL C 136 22.66 27.08 -1.88
CA VAL C 136 22.21 25.71 -1.99
C VAL C 136 22.23 25.01 -0.66
N VAL C 137 21.14 24.35 -0.32
CA VAL C 137 21.07 23.63 0.92
C VAL C 137 20.79 22.17 0.69
N LEU C 138 21.69 21.32 1.15
CA LEU C 138 21.42 19.90 1.02
C LEU C 138 20.76 19.42 2.28
N VAL C 139 19.72 18.61 2.14
CA VAL C 139 19.04 18.08 3.30
C VAL C 139 19.02 16.57 3.24
N GLU C 140 19.70 15.95 4.19
CA GLU C 140 19.76 14.51 4.22
C GLU C 140 18.68 13.93 5.09
N ILE C 141 17.87 13.07 4.52
CA ILE C 141 16.83 12.42 5.28
C ILE C 141 17.29 11.04 5.68
N GLY C 142 17.46 10.85 6.99
CA GLY C 142 17.87 9.57 7.52
C GLY C 142 16.75 8.55 7.45
N GLY C 143 17.08 7.32 7.79
CA GLY C 143 16.10 6.24 7.73
C GLY C 143 16.07 5.65 6.33
N THR C 144 15.14 4.74 6.11
CA THR C 144 15.02 4.09 4.80
C THR C 144 13.65 4.33 4.21
N VAL C 145 13.61 4.66 2.93
CA VAL C 145 12.33 4.92 2.29
C VAL C 145 11.43 3.69 2.30
N GLY C 146 10.20 3.90 2.75
CA GLY C 146 9.23 2.84 2.86
C GLY C 146 9.00 2.47 4.32
N ASP C 147 9.91 2.90 5.19
CA ASP C 147 9.78 2.65 6.61
C ASP C 147 9.06 3.80 7.30
N ILE C 148 8.27 3.48 8.33
CA ILE C 148 7.44 4.49 8.95
C ILE C 148 8.24 5.49 9.75
N GLU C 149 9.44 5.08 10.16
CA GLU C 149 10.36 5.93 10.91
C GLU C 149 10.64 7.32 10.35
N SER C 150 10.36 7.57 9.06
CA SER C 150 10.66 8.90 8.54
C SER C 150 9.61 9.43 7.59
N LEU C 151 8.42 8.83 7.61
CA LEU C 151 7.39 9.29 6.69
C LEU C 151 6.95 10.74 6.93
N PRO C 152 6.83 11.22 8.18
CA PRO C 152 6.51 12.59 8.55
C PRO C 152 7.46 13.58 7.91
N PHE C 153 8.72 13.19 7.80
CA PHE C 153 9.72 14.06 7.24
C PHE C 153 9.56 14.13 5.77
N LEU C 154 9.28 12.99 5.16
CA LEU C 154 9.09 12.93 3.74
C LEU C 154 7.88 13.74 3.34
N GLU C 155 6.86 13.71 4.21
CA GLU C 155 5.67 14.50 4.01
C GLU C 155 5.93 15.98 4.16
N ALA C 156 6.70 16.35 5.16
CA ALA C 156 7.04 17.74 5.37
C ALA C 156 7.74 18.29 4.14
N ILE C 157 8.62 17.49 3.57
CA ILE C 157 9.34 17.87 2.36
C ILE C 157 8.41 18.09 1.21
N ARG C 158 7.52 17.14 0.99
CA ARG C 158 6.57 17.24 -0.10
C ARG C 158 5.85 18.57 -0.04
N GLN C 159 5.33 18.87 1.15
CA GLN C 159 4.61 20.13 1.38
C GLN C 159 5.48 21.32 1.04
N MET C 160 6.69 21.34 1.60
CA MET C 160 7.63 22.41 1.39
C MET C 160 7.93 22.63 -0.06
N ALA C 161 8.26 21.55 -0.75
CA ALA C 161 8.60 21.57 -2.16
C ALA C 161 7.53 22.26 -2.96
N VAL C 162 6.28 21.92 -2.69
CA VAL C 162 5.17 22.54 -3.37
C VAL C 162 5.11 24.03 -3.06
N GLU C 163 5.28 24.37 -1.80
CA GLU C 163 5.23 25.76 -1.37
C GLU C 163 6.36 26.62 -1.93
N ILE C 164 7.55 26.06 -2.07
CA ILE C 164 8.65 26.86 -2.58
C ILE C 164 8.75 26.81 -4.09
N GLY C 165 8.17 25.79 -4.70
CA GLY C 165 8.18 25.65 -6.15
C GLY C 165 9.29 24.72 -6.61
N ARG C 166 9.05 24.03 -7.72
CA ARG C 166 10.01 23.06 -8.24
C ARG C 166 11.27 23.69 -8.74
N GLU C 167 11.20 24.96 -9.12
CA GLU C 167 12.38 25.69 -9.55
C GLU C 167 13.41 25.89 -8.43
N HIS C 168 13.06 25.58 -7.18
CA HIS C 168 14.00 25.68 -6.11
C HIS C 168 14.22 24.37 -5.40
N THR C 169 13.84 23.25 -6.03
CA THR C 169 14.08 21.99 -5.36
C THR C 169 14.32 20.79 -6.27
N LEU C 170 15.23 19.92 -5.84
CA LEU C 170 15.53 18.69 -6.56
C LEU C 170 15.47 17.48 -5.64
N PHE C 171 15.09 16.33 -6.20
CA PHE C 171 15.03 15.10 -5.44
C PHE C 171 16.08 14.09 -5.84
N MET C 172 17.04 13.88 -4.97
CA MET C 172 18.10 12.91 -5.19
C MET C 172 17.82 11.65 -4.39
N HIS C 173 18.06 10.50 -5.01
CA HIS C 173 17.75 9.25 -4.33
C HIS C 173 18.73 8.15 -4.61
N LEU C 174 19.28 7.60 -3.53
CA LEU C 174 20.24 6.51 -3.61
C LEU C 174 19.56 5.17 -3.62
N THR C 175 20.10 4.29 -4.42
CA THR C 175 19.62 2.93 -4.51
C THR C 175 20.75 1.95 -4.52
N LEU C 176 20.37 0.69 -4.62
CA LEU C 176 21.31 -0.40 -4.68
C LEU C 176 21.12 -1.19 -5.94
N VAL C 177 22.18 -1.33 -6.68
CA VAL C 177 22.19 -2.14 -7.88
C VAL C 177 23.18 -3.27 -7.63
N PRO C 178 22.76 -4.26 -6.85
CA PRO C 178 23.57 -5.35 -6.35
C PRO C 178 24.00 -6.28 -7.44
N TYR C 179 25.18 -6.85 -7.25
CA TYR C 179 25.70 -7.81 -8.20
C TYR C 179 25.37 -9.21 -7.80
N MET C 180 24.76 -9.94 -8.70
CA MET C 180 24.39 -11.31 -8.46
C MET C 180 25.26 -12.25 -9.24
N ALA C 181 26.34 -12.68 -8.58
CA ALA C 181 27.35 -13.57 -9.16
C ALA C 181 26.76 -14.84 -9.73
N ALA C 182 25.72 -15.37 -9.09
CA ALA C 182 25.04 -16.56 -9.57
C ALA C 182 24.50 -16.36 -10.98
N SER C 183 24.04 -15.14 -11.27
CA SER C 183 23.53 -14.80 -12.58
C SER C 183 24.63 -14.19 -13.42
N GLY C 184 25.66 -13.67 -12.75
CA GLY C 184 26.77 -13.04 -13.42
C GLY C 184 26.45 -11.60 -13.79
N GLU C 185 25.44 -11.02 -13.14
CA GLU C 185 25.04 -9.66 -13.50
C GLU C 185 24.38 -8.92 -12.36
N VAL C 186 24.31 -7.61 -12.50
CA VAL C 186 23.63 -6.78 -11.51
C VAL C 186 22.14 -6.75 -11.80
N LYS C 187 21.35 -6.44 -10.78
CA LYS C 187 19.90 -6.36 -10.96
C LYS C 187 19.38 -4.95 -10.73
N THR C 188 18.29 -4.57 -11.39
CA THR C 188 17.75 -3.21 -11.21
C THR C 188 16.38 -3.19 -10.56
N LYS C 189 15.71 -4.34 -10.56
CA LYS C 189 14.36 -4.44 -10.00
C LYS C 189 14.14 -3.71 -8.67
N PRO C 190 14.96 -3.92 -7.63
CA PRO C 190 14.89 -3.25 -6.33
C PRO C 190 14.79 -1.74 -6.47
N THR C 191 15.54 -1.18 -7.42
CA THR C 191 15.55 0.24 -7.66
C THR C 191 14.25 0.72 -8.17
N GLN C 192 13.71 -0.04 -9.10
CA GLN C 192 12.45 0.30 -9.70
C GLN C 192 11.40 0.41 -8.61
N HIS C 193 11.41 -0.54 -7.69
CA HIS C 193 10.45 -0.52 -6.62
C HIS C 193 10.68 0.62 -5.65
N SER C 194 11.94 0.92 -5.35
CA SER C 194 12.25 2.00 -4.43
C SER C 194 11.68 3.32 -4.92
N VAL C 195 11.84 3.57 -6.21
CA VAL C 195 11.29 4.76 -6.82
C VAL C 195 9.79 4.77 -6.72
N LYS C 196 9.15 3.64 -7.01
CA LYS C 196 7.71 3.55 -6.90
C LYS C 196 7.25 3.90 -5.50
N GLU C 197 8.04 3.52 -4.49
CA GLU C 197 7.67 3.83 -3.13
C GLU C 197 7.69 5.32 -2.88
N LEU C 198 8.71 6.01 -3.36
CA LEU C 198 8.70 7.46 -3.21
C LEU C 198 7.52 8.09 -3.90
N LEU C 199 7.20 7.58 -5.07
CA LEU C 199 6.09 8.13 -5.79
C LEU C 199 4.80 7.98 -5.01
N SER C 200 4.63 6.84 -4.33
CA SER C 200 3.40 6.60 -3.59
C SER C 200 3.20 7.58 -2.44
N ILE C 201 4.25 8.31 -2.04
CA ILE C 201 4.11 9.27 -0.98
C ILE C 201 4.26 10.69 -1.51
N GLY C 202 4.03 10.88 -2.81
CA GLY C 202 4.05 12.21 -3.41
C GLY C 202 5.41 12.72 -3.88
N ILE C 203 6.41 11.85 -3.98
CA ILE C 203 7.74 12.29 -4.40
C ILE C 203 8.23 11.67 -5.70
N GLN C 204 8.51 12.51 -6.69
CA GLN C 204 9.09 12.10 -7.96
C GLN C 204 10.57 12.47 -8.02
N PRO C 205 11.47 11.49 -8.02
CA PRO C 205 12.91 11.62 -8.10
C PRO C 205 13.35 12.31 -9.35
N ASP C 206 14.40 13.10 -9.24
CA ASP C 206 14.98 13.78 -10.36
C ASP C 206 16.34 13.20 -10.69
N ILE C 207 17.08 12.82 -9.66
CA ILE C 207 18.42 12.30 -9.80
C ILE C 207 18.58 10.97 -9.09
N LEU C 208 19.13 9.98 -9.80
CA LEU C 208 19.32 8.68 -9.19
C LEU C 208 20.78 8.33 -9.00
N ILE C 209 21.10 7.75 -7.85
CA ILE C 209 22.46 7.32 -7.55
C ILE C 209 22.49 5.80 -7.41
N CYS C 210 23.21 5.13 -8.30
CA CYS C 210 23.25 3.67 -8.30
C CYS C 210 24.45 3.13 -7.56
N ARG C 211 24.27 2.81 -6.29
CA ARG C 211 25.37 2.28 -5.50
C ARG C 211 25.62 0.83 -5.81
N SER C 212 26.89 0.50 -5.98
CA SER C 212 27.27 -0.87 -6.25
C SER C 212 28.74 -1.04 -6.03
N ASP C 213 29.22 -2.24 -6.25
CA ASP C 213 30.64 -2.51 -6.16
C ASP C 213 31.31 -2.42 -7.54
N ARG C 214 30.60 -1.87 -8.52
CA ARG C 214 31.12 -1.79 -9.87
C ARG C 214 30.28 -0.87 -10.73
N ALA C 215 30.89 -0.32 -11.77
CA ALA C 215 30.18 0.59 -12.64
C ALA C 215 28.97 -0.09 -13.26
N VAL C 216 27.86 0.63 -13.27
CA VAL C 216 26.64 0.11 -13.86
C VAL C 216 26.60 0.50 -15.33
N PRO C 217 26.39 -0.46 -16.23
CA PRO C 217 26.31 -0.29 -17.68
C PRO C 217 25.25 0.72 -18.06
N ALA C 218 25.55 1.49 -19.10
CA ALA C 218 24.66 2.52 -19.61
C ALA C 218 23.30 1.96 -19.96
N ASN C 219 23.29 0.73 -20.46
CA ASN C 219 22.06 0.07 -20.82
C ASN C 219 21.16 -0.10 -19.62
N GLU C 220 21.76 -0.42 -18.48
CA GLU C 220 20.99 -0.66 -17.29
C GLU C 220 20.50 0.64 -16.74
N ARG C 221 21.33 1.66 -16.88
CA ARG C 221 20.99 2.99 -16.44
C ARG C 221 19.81 3.50 -17.26
N ALA C 222 19.81 3.17 -18.56
CA ALA C 222 18.73 3.52 -19.45
C ALA C 222 17.44 2.82 -19.07
N LYS C 223 17.54 1.55 -18.70
CA LYS C 223 16.38 0.80 -18.27
C LYS C 223 15.75 1.44 -17.04
N ILE C 224 16.60 1.87 -16.12
CA ILE C 224 16.14 2.55 -14.94
C ILE C 224 15.47 3.85 -15.30
N ALA C 225 16.13 4.62 -16.16
CA ALA C 225 15.62 5.90 -16.63
C ALA C 225 14.19 5.74 -17.14
N LEU C 226 13.97 4.70 -17.93
CA LEU C 226 12.65 4.40 -18.44
C LEU C 226 11.62 4.24 -17.35
N PHE C 227 11.86 3.30 -16.46
CA PHE C 227 10.88 2.96 -15.46
C PHE C 227 10.68 4.00 -14.38
N CYS C 228 11.61 4.92 -14.24
CA CYS C 228 11.52 5.89 -13.18
C CYS C 228 11.08 7.28 -13.61
N ASN C 229 10.82 7.47 -14.91
CA ASN C 229 10.47 8.81 -15.43
C ASN C 229 11.64 9.79 -15.27
N VAL C 230 12.86 9.32 -15.46
CA VAL C 230 14.05 10.14 -15.26
C VAL C 230 14.90 10.13 -16.51
N PRO C 231 15.45 11.26 -16.94
CA PRO C 231 16.37 11.40 -18.06
C PRO C 231 17.59 10.54 -17.84
N GLU C 232 18.13 9.96 -18.90
CA GLU C 232 19.28 9.07 -18.78
C GLU C 232 20.48 9.73 -18.13
N LYS C 233 20.70 10.99 -18.47
CA LYS C 233 21.82 11.73 -17.92
C LYS C 233 21.69 12.03 -16.43
N ALA C 234 20.49 11.86 -15.88
CA ALA C 234 20.28 12.08 -14.47
C ALA C 234 20.43 10.78 -13.68
N VAL C 235 20.75 9.67 -14.37
CA VAL C 235 21.00 8.41 -13.70
C VAL C 235 22.48 8.22 -13.57
N ILE C 236 22.98 8.44 -12.37
CA ILE C 236 24.40 8.41 -12.04
C ILE C 236 24.86 7.09 -11.45
N SER C 237 25.96 6.54 -11.96
CA SER C 237 26.49 5.29 -11.42
C SER C 237 27.53 5.55 -10.34
N LEU C 238 27.48 4.81 -9.24
CA LEU C 238 28.48 5.02 -8.21
C LEU C 238 28.98 3.72 -7.60
N LYS C 239 30.09 3.26 -8.17
CA LYS C 239 30.78 2.07 -7.75
C LYS C 239 31.57 2.30 -6.47
N ASP C 240 31.82 1.23 -5.73
CA ASP C 240 32.62 1.33 -4.54
C ASP C 240 34.07 1.70 -4.82
N VAL C 241 34.61 2.57 -3.99
CA VAL C 241 35.99 3.02 -4.10
C VAL C 241 36.71 2.91 -2.77
N ASP C 242 38.04 2.98 -2.82
CA ASP C 242 38.85 2.87 -1.62
C ASP C 242 39.11 4.19 -0.89
N SER C 243 38.45 5.27 -1.31
CA SER C 243 38.59 6.54 -0.63
C SER C 243 37.50 7.50 -0.98
N ILE C 244 36.91 8.06 0.05
CA ILE C 244 35.87 9.06 -0.07
C ILE C 244 36.33 10.27 -0.84
N TYR C 245 37.63 10.56 -0.76
CA TYR C 245 38.17 11.75 -1.36
C TYR C 245 38.16 11.69 -2.89
N LYS C 246 37.86 10.51 -3.45
CA LYS C 246 37.78 10.31 -4.89
C LYS C 246 36.37 10.48 -5.45
N ILE C 247 35.39 10.67 -4.57
CA ILE C 247 34.02 10.73 -5.02
C ILE C 247 33.68 12.00 -5.79
N PRO C 248 34.11 13.21 -5.38
CA PRO C 248 33.91 14.48 -6.06
C PRO C 248 34.34 14.35 -7.51
N GLY C 249 35.44 13.63 -7.73
CA GLY C 249 35.95 13.40 -9.06
C GLY C 249 34.94 12.63 -9.89
N LEU C 250 34.39 11.57 -9.32
CA LEU C 250 33.41 10.76 -10.01
C LEU C 250 32.11 11.50 -10.34
N LEU C 251 31.64 12.29 -9.39
CA LEU C 251 30.39 13.01 -9.58
C LEU C 251 30.56 14.08 -10.64
N LYS C 252 31.74 14.71 -10.62
CA LYS C 252 32.09 15.70 -11.60
C LYS C 252 32.21 15.05 -12.96
N SER C 253 32.84 13.89 -13.01
CA SER C 253 33.02 13.15 -14.25
C SER C 253 31.70 12.88 -14.95
N GLN C 254 30.66 12.58 -14.20
CA GLN C 254 29.37 12.31 -14.81
C GLN C 254 28.48 13.55 -15.03
N GLY C 255 28.99 14.75 -14.74
CA GLY C 255 28.25 15.98 -15.03
C GLY C 255 27.11 16.31 -14.07
N LEU C 256 27.14 15.74 -12.87
CA LEU C 256 26.06 15.94 -11.91
C LEU C 256 25.82 17.40 -11.57
N ASP C 257 26.88 18.10 -11.22
CA ASP C 257 26.79 19.48 -10.80
C ASP C 257 26.32 20.43 -11.91
N ASP C 258 26.71 20.15 -13.15
CA ASP C 258 26.26 20.93 -14.28
C ASP C 258 24.76 20.83 -14.42
N TYR C 259 24.25 19.62 -14.28
CA TYR C 259 22.82 19.39 -14.32
C TYR C 259 22.14 20.25 -13.27
N ILE C 260 22.66 20.21 -12.06
CA ILE C 260 22.09 20.94 -10.95
C ILE C 260 22.06 22.45 -11.17
N CYS C 261 23.17 23.04 -11.60
CA CYS C 261 23.17 24.47 -11.85
C CYS C 261 22.22 24.83 -12.96
N LYS C 262 22.10 23.95 -13.96
CA LYS C 262 21.16 24.16 -15.03
C LYS C 262 19.74 24.21 -14.48
N ARG C 263 19.43 23.27 -13.60
CA ARG C 263 18.10 23.22 -12.99
C ARG C 263 17.82 24.43 -12.13
N PHE C 264 20.89 23.05 -13.66
CA PHE C 264 20.35 23.88 -12.62
C PHE C 264 20.61 25.37 -12.82
N SER C 265 21.02 25.77 -14.03
CA SER C 265 21.31 27.17 -14.33
C SER C 265 22.25 27.84 -13.32
N LEU C 266 23.24 27.11 -12.84
CA LEU C 266 24.17 27.67 -11.88
C LEU C 266 25.46 28.12 -12.53
N ASN C 267 25.91 29.30 -12.16
CA ASN C 267 27.16 29.83 -12.68
C ASN C 267 28.27 29.36 -11.77
N CYS C 268 28.64 28.11 -11.94
CA CYS C 268 29.61 27.43 -11.09
C CYS C 268 31.08 27.65 -11.53
N PRO C 269 31.93 28.16 -10.64
CA PRO C 269 33.37 28.33 -10.78
C PRO C 269 34.07 26.99 -10.94
N GLU C 270 35.18 26.98 -11.66
CA GLU C 270 35.98 25.77 -11.89
C GLU C 270 36.34 25.03 -10.60
N ALA C 271 36.05 23.73 -10.55
CA ALA C 271 36.30 22.93 -9.36
C ALA C 271 37.76 22.90 -8.96
N ASN C 272 38.01 23.15 -7.69
CA ASN C 272 39.35 22.99 -7.16
C ASN C 272 39.49 21.65 -6.49
N LEU C 273 39.94 20.65 -7.24
CA LEU C 273 40.10 19.31 -6.71
C LEU C 273 41.54 19.00 -6.31
N SER C 274 42.39 20.04 -6.30
CA SER C 274 43.81 19.86 -6.00
C SER C 274 44.07 19.30 -4.63
N GLU C 275 43.13 19.48 -3.71
CA GLU C 275 43.28 18.95 -2.37
C GLU C 275 43.37 17.44 -2.41
N TRP C 276 42.59 16.82 -3.29
CA TRP C 276 42.62 15.39 -3.39
C TRP C 276 43.73 14.96 -4.27
N GLU C 277 44.10 15.80 -5.25
CA GLU C 277 45.21 15.47 -6.10
C GLU C 277 46.47 15.31 -5.27
N GLN C 278 46.63 16.21 -4.29
CA GLN C 278 47.71 16.13 -3.35
C GLN C 278 47.69 14.82 -2.61
N VAL C 279 46.52 14.49 -2.06
CA VAL C 279 46.34 13.25 -1.34
C VAL C 279 46.68 12.05 -2.18
N ILE C 280 46.22 12.06 -3.43
CA ILE C 280 46.48 10.97 -4.36
C ILE C 280 47.95 10.79 -4.59
N PHE C 281 48.66 11.89 -4.82
CA PHE C 281 50.09 11.83 -5.00
C PHE C 281 50.78 11.20 -3.82
N GLU C 282 50.45 11.70 -2.64
CA GLU C 282 51.06 11.23 -1.42
C GLU C 282 50.70 9.78 -1.13
N GLU C 283 49.47 9.41 -1.46
CA GLU C 283 49.00 8.04 -1.32
C GLU C 283 49.78 7.11 -2.22
N ALA C 284 49.89 7.50 -3.48
CA ALA C 284 50.59 6.75 -4.50
C ALA C 284 52.09 6.73 -4.30
N ASN C 285 52.63 7.74 -3.61
CA ASN C 285 54.06 7.81 -3.41
C ASN C 285 54.49 8.03 -1.96
N PRO C 286 54.32 7.06 -1.08
CA PRO C 286 54.77 7.03 0.29
C PRO C 286 56.26 6.81 0.27
N VAL C 287 56.95 7.27 1.29
CA VAL C 287 58.39 7.06 1.36
C VAL C 287 58.73 5.79 2.11
N SER C 288 57.88 5.60 4.55
CA SER C 288 58.01 4.50 5.51
C SER C 288 56.69 3.90 5.94
N GLU C 289 56.75 3.07 6.98
CA GLU C 289 55.58 2.43 7.57
C GLU C 289 55.81 2.05 9.03
N VAL C 290 54.77 2.15 9.84
CA VAL C 290 54.82 1.76 11.25
C VAL C 290 53.59 0.98 11.68
N THR C 291 53.73 0.19 12.73
CA THR C 291 52.59 -0.53 13.30
C THR C 291 52.27 -0.02 14.68
N ILE C 292 51.03 0.36 14.87
CA ILE C 292 50.61 0.94 16.11
C ILE C 292 49.41 0.21 16.70
N GLY C 293 49.53 -0.19 17.96
CA GLY C 293 48.45 -0.92 18.60
C GLY C 293 47.42 0.01 19.21
N MET C 294 46.15 -0.38 19.11
CA MET C 294 45.06 0.37 19.71
C MET C 294 44.28 -0.51 20.67
N VAL C 295 44.46 -0.26 21.96
CA VAL C 295 43.80 -1.07 22.97
C VAL C 295 42.53 -0.42 23.45
N GLY C 296 41.41 -1.12 23.30
CA GLY C 296 40.15 -0.53 23.70
C GLY C 296 39.02 -1.52 23.99
N LYS C 297 37.82 -1.16 23.54
CA LYS C 297 36.64 -1.94 23.88
C LYS C 297 35.68 -2.11 22.74
N TYR C 298 35.52 -1.06 21.94
CA TYR C 298 34.57 -1.09 20.85
C TYR C 298 35.22 -1.43 19.52
N ILE C 299 36.33 -2.17 19.57
CA ILE C 299 37.09 -2.49 18.38
C ILE C 299 36.38 -3.39 17.38
N GLU C 300 35.26 -3.98 17.77
CA GLU C 300 34.46 -4.78 16.86
C GLU C 300 33.78 -3.92 15.79
N LEU C 301 33.80 -2.61 15.99
CA LEU C 301 33.26 -1.67 15.04
C LEU C 301 34.15 -0.47 14.94
N PRO C 302 35.04 -0.41 13.95
CA PRO C 302 36.03 0.62 13.67
C PRO C 302 35.45 2.03 13.75
N ASP C 303 34.19 2.17 13.36
CA ASP C 303 33.49 3.44 13.41
C ASP C 303 33.50 4.07 14.80
N ALA C 304 33.54 3.25 15.84
CA ALA C 304 33.59 3.71 17.22
C ALA C 304 34.84 4.54 17.49
N TYR C 305 35.90 4.28 16.76
CA TYR C 305 37.13 5.03 16.93
C TYR C 305 37.49 5.71 15.62
N LYS C 306 36.48 5.99 14.78
CA LYS C 306 36.66 6.58 13.46
C LYS C 306 37.52 7.81 13.45
N SER C 307 37.11 8.80 14.23
CA SER C 307 37.83 10.06 14.28
C SER C 307 39.27 9.91 14.71
N VAL C 308 39.53 8.92 15.56
CA VAL C 308 40.87 8.66 16.03
C VAL C 308 41.71 8.10 14.92
N ILE C 309 41.15 7.12 14.21
CA ILE C 309 41.81 6.49 13.09
C ILE C 309 42.19 7.51 12.04
N GLU C 310 41.25 8.42 11.76
CA GLU C 310 41.48 9.47 10.81
C GLU C 310 42.62 10.38 11.25
N ALA C 311 42.63 10.75 12.52
CA ALA C 311 43.69 11.58 13.06
C ALA C 311 45.06 10.91 12.92
N LEU C 312 45.10 9.61 13.17
CA LEU C 312 46.32 8.83 13.00
C LEU C 312 46.79 8.85 11.57
N LYS C 313 45.85 8.74 10.66
CA LYS C 313 46.14 8.81 9.24
C LYS C 313 46.81 10.14 8.90
N HIS C 314 46.28 11.22 9.47
CA HIS C 314 46.77 12.57 9.23
C HIS C 314 48.20 12.75 9.73
N GLY C 315 48.51 12.16 10.88
CA GLY C 315 49.88 12.19 11.38
C GLY C 315 50.79 11.50 10.38
N GLY C 316 50.34 10.35 9.87
CA GLY C 316 51.06 9.56 8.89
C GLY C 316 51.30 10.34 7.60
N LEU C 317 50.31 11.10 7.16
CA LEU C 317 50.47 11.90 5.95
C LEU C 317 51.57 12.91 6.10
N LYS C 318 51.62 13.56 7.26
CA LYS C 318 52.64 14.56 7.48
C LYS C 318 54.03 13.97 7.59
N ASN C 319 54.12 12.75 8.09
CA ASN C 319 55.41 12.10 8.17
C ASN C 319 55.66 11.10 7.05
N ARG C 320 54.82 11.13 6.00
CA ARG C 320 54.96 10.20 4.87
C ARG C 320 55.20 8.78 5.34
N VAL C 321 54.32 8.30 6.20
CA VAL C 321 54.49 6.98 6.76
C VAL C 321 53.16 6.26 6.91
N SER C 322 53.12 5.00 6.50
CA SER C 322 51.91 4.21 6.59
C SER C 322 51.59 3.88 8.04
N VAL C 323 50.31 3.97 8.40
CA VAL C 323 49.90 3.70 9.77
C VAL C 323 49.04 2.44 9.87
N ASN C 324 49.67 1.35 10.28
CA ASN C 324 49.01 0.06 10.45
C ASN C 324 48.44 -0.11 11.85
N ILE C 325 47.12 -0.04 11.98
CA ILE C 325 46.52 -0.17 13.30
C ILE C 325 46.11 -1.57 13.68
N LYS C 326 46.58 -2.01 14.85
CA LYS C 326 46.21 -3.29 15.41
C LYS C 326 45.15 -3.10 16.45
N LEU C 327 43.94 -3.59 16.20
CA LEU C 327 42.93 -3.44 17.21
C LEU C 327 43.09 -4.51 18.26
N ILE C 328 43.08 -4.07 19.50
CA ILE C 328 43.28 -4.93 20.64
C ILE C 328 42.20 -4.80 21.68
N ASP C 329 41.65 -5.92 22.09
CA ASP C 329 40.65 -5.89 23.13
C ASP C 329 41.33 -5.83 24.47
N SER C 330 41.06 -4.79 25.24
CA SER C 330 41.60 -4.62 26.57
C SER C 330 41.36 -5.81 27.48
N GLN C 331 40.28 -6.55 27.23
CA GLN C 331 39.92 -7.71 28.01
C GLN C 331 40.87 -8.87 27.70
N ASP C 332 41.48 -8.85 26.53
CA ASP C 332 42.45 -9.86 26.14
C ASP C 332 43.79 -9.53 26.74
N VAL C 333 44.11 -8.24 26.84
CA VAL C 333 45.34 -7.88 27.51
C VAL C 333 45.20 -8.28 28.96
N GLU C 334 44.01 -8.04 29.52
CA GLU C 334 43.67 -8.48 30.85
C GLU C 334 43.82 -10.00 30.99
N THR C 335 43.31 -10.75 30.01
CA THR C 335 43.36 -12.22 30.00
C THR C 335 44.69 -12.82 29.57
N ARG C 336 45.01 -12.66 28.29
CA ARG C 336 46.23 -13.19 27.69
C ARG C 336 47.47 -12.50 28.20
N GLY C 337 47.39 -11.20 28.37
CA GLY C 337 48.53 -10.44 28.85
C GLY C 337 49.24 -9.66 27.76
N VAL C 338 50.32 -8.99 28.18
CA VAL C 338 51.16 -8.14 27.34
C VAL C 338 51.77 -8.76 26.10
N GLU C 339 51.67 -10.09 25.93
CA GLU C 339 52.19 -10.74 24.72
C GLU C 339 51.55 -10.14 23.45
N ILE C 340 50.33 -9.62 23.62
CA ILE C 340 49.57 -8.97 22.59
C ILE C 340 50.25 -7.70 22.07
N LEU C 341 50.93 -7.03 23.00
CA LEU C 341 51.54 -5.75 22.78
C LEU C 341 52.92 -5.87 22.14
N LYS C 342 53.37 -7.09 21.88
CA LYS C 342 54.64 -7.30 21.25
C LYS C 342 54.53 -7.11 19.74
N GLY C 343 55.63 -6.73 19.11
CA GLY C 343 55.65 -6.52 17.66
C GLY C 343 55.09 -5.16 17.25
N LEU C 344 54.95 -4.25 18.21
CA LEU C 344 54.40 -2.93 17.91
C LEU C 344 55.47 -1.85 17.99
N ASP C 345 55.31 -0.83 17.17
CA ASP C 345 56.24 0.29 17.13
C ASP C 345 55.74 1.37 18.08
N ALA C 346 54.43 1.44 18.23
CA ALA C 346 53.86 2.39 19.16
C ALA C 346 52.57 1.88 19.74
N ILE C 347 52.23 2.45 20.88
CA ILE C 347 51.04 2.09 21.62
C ILE C 347 50.07 3.24 21.75
N LEU C 348 48.81 2.97 21.46
CA LEU C 348 47.79 3.98 21.58
C LEU C 348 46.58 3.52 22.35
N VAL C 349 46.12 4.37 23.25
CA VAL C 349 44.94 4.08 24.03
C VAL C 349 43.93 5.22 23.91
N PRO C 350 42.84 4.99 23.17
CA PRO C 350 41.74 5.91 22.87
C PRO C 350 40.84 6.13 24.09
N GLY C 351 39.98 7.13 24.00
CA GLY C 351 39.04 7.43 25.07
C GLY C 351 37.81 6.54 24.99
N GLY C 352 36.77 6.87 25.76
CA GLY C 352 35.54 6.10 25.75
C GLY C 352 34.96 5.91 27.15
N PHE C 353 33.92 5.09 27.24
CA PHE C 353 33.28 4.80 28.52
C PHE C 353 33.07 3.30 28.72
N GLY C 354 33.08 2.87 29.98
CA GLY C 354 32.87 1.47 30.35
C GLY C 354 34.14 0.85 30.93
N TYR C 355 33.96 -0.04 31.91
CA TYR C 355 35.09 -0.72 32.53
C TYR C 355 35.61 -1.79 31.59
N ARG C 356 34.81 -2.86 31.43
CA ARG C 356 35.09 -4.02 30.58
C ARG C 356 36.41 -4.72 30.86
N GLY C 357 37.50 -4.10 30.43
CA GLY C 357 38.83 -4.61 30.63
C GLY C 357 39.84 -3.49 30.81
N VAL C 358 39.38 -2.37 31.39
CA VAL C 358 40.24 -1.21 31.62
C VAL C 358 41.47 -1.55 32.45
N GLU C 359 41.42 -2.60 33.25
CA GLU C 359 42.59 -2.99 33.99
C GLU C 359 43.67 -3.48 33.01
N GLY C 360 43.23 -4.12 31.92
CA GLY C 360 44.13 -4.55 30.87
C GLY C 360 44.68 -3.32 30.15
N MET C 361 43.85 -2.26 30.04
CA MET C 361 44.29 -1.00 29.46
C MET C 361 45.43 -0.43 30.31
N ILE C 362 45.26 -0.52 31.63
CA ILE C 362 46.27 -0.07 32.57
C ILE C 362 47.54 -0.87 32.39
N THR C 363 47.39 -2.19 32.27
CA THR C 363 48.51 -3.08 32.01
C THR C 363 49.27 -2.65 30.76
N THR C 364 48.52 -2.29 29.71
CA THR C 364 49.12 -1.81 28.48
C THR C 364 49.86 -0.52 28.68
N ALA C 365 49.26 0.42 29.41
CA ALA C 365 49.89 1.69 29.68
C ALA C 365 51.21 1.47 30.38
N ARG C 366 51.19 0.57 31.36
CA ARG C 366 52.37 0.18 32.09
C ARG C 366 53.42 -0.37 31.16
N PHE C 367 53.00 -1.29 30.29
CA PHE C 367 53.88 -1.92 29.33
C PHE C 367 54.59 -0.90 28.45
N ALA C 368 53.83 -0.01 27.83
CA ALA C 368 54.41 1.01 26.95
C ALA C 368 55.32 1.95 27.70
N ARG C 369 54.89 2.35 28.90
CA ARG C 369 55.69 3.24 29.72
C ARG C 369 57.01 2.62 30.10
N GLU C 370 56.93 1.48 30.76
CA GLU C 370 58.11 0.81 31.26
C GLU C 370 59.03 0.32 30.15
N ASN C 371 58.49 0.00 28.98
CA ASN C 371 59.34 -0.44 27.90
C ASN C 371 59.68 0.67 26.90
N ASN C 372 59.37 1.92 27.23
CA ASN C 372 59.73 3.06 26.38
C ASN C 372 59.22 2.96 24.94
N ILE C 373 57.96 2.57 24.78
CA ILE C 373 57.39 2.42 23.46
C ILE C 373 56.38 3.53 23.14
N PRO C 374 56.80 4.57 22.40
CA PRO C 374 55.93 5.70 21.92
C PRO C 374 54.47 5.56 22.30
N TYR C 375 54.07 6.20 23.40
CA TYR C 375 52.72 6.09 23.90
C TYR C 375 51.84 7.32 23.75
N LEU C 376 50.61 7.13 23.24
CA LEU C 376 49.65 8.22 23.14
C LEU C 376 48.33 7.89 23.83
N GLY C 377 47.96 8.71 24.82
CA GLY C 377 46.73 8.50 25.58
C GLY C 377 45.69 9.60 25.33
N ILE C 378 44.44 9.19 25.13
CA ILE C 378 43.37 10.15 24.86
C ILE C 378 42.21 9.99 25.85
N CYS C 379 41.79 11.09 26.48
CA CYS C 379 40.69 11.09 27.44
C CYS C 379 40.88 9.91 28.39
N LEU C 380 39.93 8.98 28.46
CA LEU C 380 40.07 7.79 29.30
C LEU C 380 41.47 7.17 29.29
N GLY C 381 42.12 7.10 28.13
CA GLY C 381 43.47 6.54 28.04
C GLY C 381 44.47 7.29 28.93
N MET C 382 44.24 8.59 29.12
CA MET C 382 45.03 9.40 30.01
C MET C 382 44.75 8.99 31.44
N GLN C 383 43.47 8.79 31.76
CA GLN C 383 43.04 8.38 33.10
C GLN C 383 43.65 7.04 33.46
N VAL C 384 43.70 6.16 32.48
CA VAL C 384 44.33 4.85 32.57
C VAL C 384 45.80 4.98 32.90
N ALA C 385 46.49 5.81 32.13
CA ALA C 385 47.91 6.06 32.33
C ALA C 385 48.17 6.70 33.68
N LEU C 386 47.26 7.57 34.12
CA LEU C 386 47.36 8.24 35.41
C LEU C 386 47.44 7.20 36.50
N ILE C 387 46.50 6.25 36.45
CA ILE C 387 46.44 5.15 37.40
C ILE C 387 47.68 4.29 37.35
N ASP C 388 48.08 3.91 36.13
CA ASP C 388 49.28 3.14 35.93
C ASP C 388 50.48 3.71 36.65
N TYR C 389 50.84 4.93 36.28
CA TYR C 389 51.97 5.60 36.86
C TYR C 389 51.83 5.73 38.37
N ALA C 390 50.68 6.21 38.80
CA ALA C 390 50.41 6.42 40.20
C ALA C 390 50.64 5.17 41.01
N ARG C 391 49.84 4.14 40.74
CA ARG C 391 49.90 2.90 41.48
C ARG C 391 51.27 2.23 41.43
N HIS C 392 51.94 2.26 40.28
CA HIS C 392 53.19 1.55 40.14
C HIS C 392 54.45 2.41 40.26
N VAL C 393 54.31 3.71 40.50
CA VAL C 393 55.50 4.55 40.65
C VAL C 393 55.36 5.40 41.88
N ALA C 394 54.20 6.02 42.04
CA ALA C 394 53.95 6.84 43.21
C ALA C 394 53.44 5.98 44.37
N ASN C 395 53.32 4.67 44.14
CA ASN C 395 52.88 3.68 45.15
C ASN C 395 51.48 3.95 45.64
N MET C 396 50.64 4.40 44.74
CA MET C 396 49.29 4.71 45.13
C MET C 396 48.42 3.48 45.05
N GLU C 397 48.35 2.80 46.18
CA GLU C 397 47.60 1.56 46.37
C GLU C 397 46.20 1.60 45.81
N ASN C 398 45.98 0.88 44.73
CA ASN C 398 44.69 0.86 44.08
C ASN C 398 44.30 2.23 43.56
N ALA C 399 45.24 2.93 42.95
CA ALA C 399 44.90 4.19 42.33
C ALA C 399 43.76 3.92 41.39
N ASN C 400 42.73 4.73 41.43
CA ASN C 400 41.62 4.42 40.55
C ASN C 400 40.66 5.58 40.36
N SER C 401 39.58 5.33 39.63
CA SER C 401 38.51 6.28 39.41
C SER C 401 37.31 5.96 40.25
N THR C 402 36.71 7.02 40.80
CA THR C 402 35.51 6.90 41.63
C THR C 402 34.30 6.51 40.82
N GLU C 403 34.39 6.59 39.49
CA GLU C 403 33.29 6.20 38.63
C GLU C 403 33.10 4.69 38.68
N PHE C 404 34.11 3.96 39.17
CA PHE C 404 33.97 2.52 39.26
C PHE C 404 34.08 2.08 40.70
N VAL C 405 34.95 2.75 41.46
CA VAL C 405 35.12 2.42 42.87
C VAL C 405 35.18 3.67 43.72
N PRO C 406 34.06 4.10 44.29
CA PRO C 406 33.91 5.27 45.15
C PRO C 406 34.99 5.31 46.25
N ASP C 407 35.28 4.15 46.83
CA ASP C 407 36.30 4.00 47.88
C ASP C 407 37.61 3.50 47.32
N CYS C 408 38.16 4.20 46.33
CA CYS C 408 39.41 3.85 45.68
C CYS C 408 40.59 3.66 46.62
N LYS C 409 40.63 4.53 47.65
CA LYS C 409 41.73 4.71 48.62
C LYS C 409 42.78 5.68 48.07
N TYR C 410 42.89 5.77 46.75
CA TYR C 410 43.71 6.73 46.04
C TYR C 410 42.99 7.16 44.77
N PRO C 411 41.76 7.70 44.91
CA PRO C 411 40.93 8.25 43.84
C PRO C 411 41.69 9.23 42.95
N VAL C 412 42.48 8.74 42.01
CA VAL C 412 43.22 9.66 41.14
C VAL C 412 42.30 10.34 40.16
N VAL C 413 41.15 9.73 39.87
CA VAL C 413 40.14 10.34 39.02
C VAL C 413 38.81 10.46 39.76
N ALA C 414 38.25 11.66 39.79
CA ALA C 414 37.00 11.89 40.51
C ALA C 414 36.36 13.20 40.07
N LEU C 415 35.10 13.40 40.43
CA LEU C 415 34.47 14.66 40.10
C LEU C 415 35.14 15.70 40.97
N ILE C 416 35.17 16.95 40.52
CA ILE C 416 35.81 18.00 41.31
C ILE C 416 35.23 18.05 42.71
N THR C 417 33.92 17.97 42.81
CA THR C 417 33.24 17.91 44.10
C THR C 417 33.69 16.71 44.91
N GLU C 418 33.90 15.59 44.22
CA GLU C 418 34.35 14.34 44.82
C GLU C 418 35.83 14.27 45.14
N TRP C 419 36.60 15.30 44.80
CA TRP C 419 38.02 15.23 45.09
C TRP C 419 38.29 15.02 46.54
N ARG C 420 39.11 14.04 46.83
CA ARG C 420 39.48 13.74 48.18
C ARG C 420 40.82 13.05 48.23
N ASP C 421 41.42 13.02 49.42
CA ASP C 421 42.69 12.34 49.56
C ASP C 421 42.45 10.92 50.05
N GLU C 422 43.55 10.21 50.27
CA GLU C 422 43.53 8.83 50.75
C GLU C 422 42.97 8.65 52.16
N ASN C 423 42.82 9.75 52.90
CA ASN C 423 42.30 9.73 54.25
C ASN C 423 40.84 10.15 54.29
N GLY C 424 40.23 10.37 53.12
CA GLY C 424 38.83 10.75 53.05
C GLY C 424 38.58 12.25 53.21
N ASN C 425 39.63 13.06 53.25
CA ASN C 425 39.45 14.50 53.37
C ASN C 425 39.11 15.01 51.99
N VAL C 426 38.22 15.98 51.89
CA VAL C 426 37.78 16.40 50.55
C VAL C 426 38.28 17.79 50.18
N GLU C 427 37.76 18.30 49.05
CA GLU C 427 38.06 19.60 48.45
C GLU C 427 39.27 19.47 47.53
N THR C 438 29.28 19.17 35.65
CA THR C 438 28.69 18.09 34.87
C THR C 438 29.74 17.51 33.92
N MET C 439 29.60 17.82 32.64
CA MET C 439 30.53 17.35 31.62
C MET C 439 31.17 18.50 30.87
N ARG C 440 32.49 18.43 30.75
CA ARG C 440 33.22 19.43 30.00
C ARG C 440 33.06 19.14 28.54
N LEU C 441 32.49 20.10 27.83
CA LEU C 441 32.19 19.97 26.42
C LEU C 441 32.67 21.11 25.56
N GLY C 442 33.05 20.75 24.34
CA GLY C 442 33.38 21.73 23.33
C GLY C 442 34.77 22.27 23.43
N ALA C 443 35.07 23.21 22.56
CA ALA C 443 36.39 23.81 22.47
C ALA C 443 36.67 24.67 23.69
N GLN C 444 37.76 24.38 24.38
CA GLN C 444 38.14 25.13 25.58
C GLN C 444 39.63 25.48 25.56
N GLN C 445 39.98 26.63 26.12
CA GLN C 445 41.37 27.05 26.14
C GLN C 445 42.16 26.37 27.22
N CYS C 446 43.33 25.90 26.86
CA CYS C 446 44.22 25.22 27.78
C CYS C 446 45.57 25.90 27.82
N GLN C 447 46.09 26.11 29.03
CA GLN C 447 47.40 26.71 29.19
C GLN C 447 48.50 25.69 29.07
N LEU C 448 49.34 25.82 28.06
CA LEU C 448 50.41 24.86 27.96
C LEU C 448 51.62 25.33 28.72
N VAL C 449 52.34 24.39 29.29
CA VAL C 449 53.55 24.74 29.99
C VAL C 449 54.62 24.98 28.96
N ASP C 450 55.19 26.18 28.96
CA ASP C 450 56.20 26.57 27.99
C ASP C 450 57.35 25.60 27.85
N ASP C 451 57.70 24.94 28.94
CA ASP C 451 58.80 23.98 28.95
C ASP C 451 58.39 22.56 28.52
N SER C 452 57.12 22.35 28.18
CA SER C 452 56.66 21.03 27.77
C SER C 452 56.90 20.79 26.30
N LEU C 453 56.91 19.52 25.92
CA LEU C 453 57.08 19.18 24.52
C LEU C 453 55.89 19.66 23.74
N VAL C 454 54.69 19.28 24.18
CA VAL C 454 53.45 19.67 23.51
C VAL C 454 53.30 21.17 23.27
N ARG C 455 53.82 22.01 24.16
CA ARG C 455 53.76 23.44 23.93
C ARG C 455 54.52 23.76 22.69
N GLN C 456 55.70 23.16 22.57
CA GLN C 456 56.53 23.35 21.42
C GLN C 456 56.00 22.63 20.19
N LEU C 457 55.26 21.53 20.38
CA LEU C 457 54.69 20.85 19.23
C LEU C 457 53.65 21.74 18.55
N TYR C 458 52.87 22.44 19.36
CA TYR C 458 51.89 23.39 18.85
C TYR C 458 52.51 24.73 18.53
N ASN C 459 53.63 25.04 19.17
CA ASN C 459 54.33 26.31 19.01
C ASN C 459 53.46 27.43 19.52
N ALA C 460 52.82 27.20 20.66
CA ALA C 460 51.97 28.25 21.20
C ALA C 460 51.80 28.09 22.69
N PRO C 461 51.80 29.21 23.44
CA PRO C 461 51.58 29.34 24.88
C PRO C 461 50.33 28.62 25.34
N THR C 462 49.25 28.80 24.59
CA THR C 462 48.00 28.15 24.92
C THR C 462 47.40 27.57 23.66
N ILE C 463 46.44 26.68 23.83
CA ILE C 463 45.74 26.07 22.72
C ILE C 463 44.27 25.96 23.02
N VAL C 464 43.46 25.72 22.01
CA VAL C 464 42.04 25.51 22.22
C VAL C 464 41.64 24.17 21.62
N GLU C 465 41.10 23.28 22.44
CA GLU C 465 40.77 21.93 22.01
C GLU C 465 39.43 21.47 22.58
N ARG C 466 38.80 20.50 21.91
CA ARG C 466 37.47 20.08 22.32
C ARG C 466 37.43 19.00 23.39
N HIS C 467 36.44 19.08 24.28
CA HIS C 467 36.32 18.11 25.38
C HIS C 467 34.97 17.39 25.42
N ARG C 468 34.91 16.31 26.24
CA ARG C 468 33.69 15.50 26.41
C ARG C 468 33.69 14.60 27.64
N HIS C 469 34.08 15.12 28.80
CA HIS C 469 34.18 14.22 29.96
C HIS C 469 33.75 14.83 31.28
N ARG C 470 33.47 13.98 32.27
CA ARG C 470 32.93 14.45 33.55
C ARG C 470 33.90 14.39 34.72
N TYR C 471 34.77 13.40 34.74
CA TYR C 471 35.66 13.22 35.88
C TYR C 471 37.03 13.83 35.62
N GLU C 472 37.63 14.40 36.67
CA GLU C 472 38.91 15.08 36.55
C GLU C 472 40.03 14.50 37.38
N VAL C 473 41.24 14.99 37.10
CA VAL C 473 42.40 14.55 37.85
C VAL C 473 42.28 15.12 39.25
N ASN C 474 42.31 14.23 40.21
CA ASN C 474 42.13 14.62 41.59
C ASN C 474 43.35 15.28 42.15
N ASN C 475 43.34 16.61 42.12
CA ASN C 475 44.45 17.39 42.62
C ASN C 475 44.82 17.14 44.08
N MET C 476 43.94 16.54 44.87
CA MET C 476 44.26 16.21 46.26
C MET C 476 45.46 15.28 46.33
N LEU C 477 45.59 14.41 45.34
CA LEU C 477 46.67 13.44 45.27
C LEU C 477 47.60 13.68 44.09
N LEU C 478 47.43 14.81 43.39
CA LEU C 478 48.25 15.09 42.24
C LEU C 478 49.68 15.22 42.61
N LYS C 479 49.93 16.01 43.64
CA LYS C 479 51.29 16.20 44.12
C LYS C 479 52.02 14.90 44.39
N GLN C 480 51.31 13.85 44.76
CA GLN C 480 51.93 12.55 44.97
C GLN C 480 52.44 12.01 43.64
N ILE C 481 51.59 12.10 42.64
CA ILE C 481 51.89 11.61 41.31
C ILE C 481 52.95 12.41 40.58
N GLU C 482 52.76 13.73 40.59
CA GLU C 482 53.65 14.65 39.91
C GLU C 482 55.03 14.66 40.56
N ASP C 483 55.07 14.76 41.90
CA ASP C 483 56.36 14.78 42.59
C ASP C 483 57.12 13.47 42.42
N ALA C 484 56.40 12.35 42.24
CA ALA C 484 57.05 11.07 41.99
C ALA C 484 57.91 11.08 40.72
N GLY C 485 57.69 12.06 39.82
CA GLY C 485 58.48 12.19 38.61
C GLY C 485 57.61 12.09 37.37
N LEU C 486 56.69 13.04 37.23
CA LEU C 486 55.81 13.04 36.08
C LEU C 486 55.53 14.47 35.67
N ARG C 487 55.57 14.76 34.38
CA ARG C 487 55.40 16.13 33.94
C ARG C 487 54.00 16.51 33.57
N VAL C 488 53.48 17.55 34.20
CA VAL C 488 52.20 18.07 33.72
C VAL C 488 52.54 19.06 32.64
N ALA C 489 52.27 18.67 31.42
CA ALA C 489 52.60 19.44 30.25
C ALA C 489 51.61 20.57 30.00
N GLY C 490 50.42 20.48 30.57
CA GLY C 490 49.47 21.56 30.42
C GLY C 490 48.34 21.49 31.43
N ARG C 491 47.75 22.65 31.70
CA ARG C 491 46.67 22.79 32.66
C ARG C 491 45.59 23.65 32.00
N SER C 492 44.33 23.49 32.38
CA SER C 492 43.22 24.17 31.71
C SER C 492 43.21 25.71 31.86
N GLY C 493 42.17 26.21 32.52
CA GLY C 493 42.01 27.65 32.70
C GLY C 493 41.68 27.99 34.13
N ASP C 494 40.38 28.13 34.39
CA ASP C 494 39.83 28.54 35.69
C ASP C 494 40.51 27.92 36.89
N ASP C 495 40.51 26.60 36.96
CA ASP C 495 41.14 25.92 38.08
C ASP C 495 42.39 25.17 37.68
N GLN C 496 42.99 25.54 36.54
CA GLN C 496 44.19 24.89 36.03
C GLN C 496 44.14 23.38 36.19
N LEU C 497 43.14 22.77 35.58
CA LEU C 497 42.92 21.35 35.70
C LEU C 497 43.93 20.64 34.83
N VAL C 498 44.38 19.46 35.23
CA VAL C 498 45.41 18.81 34.44
C VAL C 498 44.88 18.42 33.07
N GLU C 499 45.53 18.95 32.03
CA GLU C 499 45.14 18.67 30.67
C GLU C 499 46.07 17.72 29.98
N ILE C 500 47.37 17.93 30.13
CA ILE C 500 48.31 17.09 29.43
C ILE C 500 49.45 16.60 30.31
N ILE C 501 49.78 15.33 30.19
CA ILE C 501 50.90 14.72 30.91
C ILE C 501 51.94 14.06 30.02
N GLU C 502 53.20 14.28 30.38
CA GLU C 502 54.35 13.71 29.67
C GLU C 502 55.27 12.95 30.62
N VAL C 503 55.87 11.87 30.15
CA VAL C 503 56.82 11.13 30.98
C VAL C 503 58.27 11.57 30.76
N PRO C 504 58.91 12.15 31.79
CA PRO C 504 60.28 12.69 31.84
C PRO C 504 61.32 11.95 31.00
N ASN C 505 61.35 10.63 31.10
CA ASN C 505 62.38 9.88 30.38
C ASN C 505 61.85 8.93 29.34
N HIS C 506 60.59 9.07 28.98
CA HIS C 506 60.04 8.23 27.95
C HIS C 506 60.26 8.91 26.61
N PRO C 507 60.73 8.19 25.58
CA PRO C 507 61.00 8.67 24.23
C PRO C 507 59.88 9.52 23.67
N TRP C 508 58.63 9.13 23.91
CA TRP C 508 57.52 9.94 23.44
C TRP C 508 56.27 9.50 24.17
N PHE C 509 55.99 10.12 25.29
CA PHE C 509 54.82 9.74 26.05
C PHE C 509 53.95 10.94 26.30
N VAL C 510 52.82 10.99 25.63
CA VAL C 510 51.91 12.11 25.79
C VAL C 510 50.49 11.63 26.02
N ALA C 511 49.81 12.18 27.01
CA ALA C 511 48.42 11.82 27.23
C ALA C 511 47.61 13.08 27.56
N CYS C 512 46.37 13.16 27.05
CA CYS C 512 45.58 14.38 27.30
C CYS C 512 44.07 14.17 27.46
N GLN C 513 43.42 15.18 28.08
CA GLN C 513 41.98 15.22 28.34
C GLN C 513 41.13 15.55 27.13
N PHE C 514 41.65 16.40 26.26
CA PHE C 514 40.92 16.83 25.07
C PHE C 514 40.94 15.84 23.93
N HIS C 515 40.16 16.15 22.92
CA HIS C 515 39.97 15.33 21.75
C HIS C 515 40.48 15.95 20.47
N PRO C 516 41.80 15.92 20.23
CA PRO C 516 42.50 16.48 19.08
C PRO C 516 42.03 15.91 17.74
N GLU C 517 41.46 14.70 17.80
CA GLU C 517 40.98 14.02 16.62
C GLU C 517 39.78 14.70 15.97
N PHE C 518 39.15 15.64 16.67
CA PHE C 518 38.02 16.35 16.09
C PHE C 518 38.45 17.66 15.46
N THR C 519 39.76 17.92 15.42
CA THR C 519 40.23 19.16 14.84
C THR C 519 41.23 18.94 13.72
N SER C 520 41.83 17.74 13.66
CA SER C 520 42.82 17.50 12.60
C SER C 520 42.19 17.47 11.22
N THR C 521 43.02 17.73 10.21
CA THR C 521 42.56 17.65 8.83
C THR C 521 43.65 16.93 8.04
N PRO C 522 43.34 16.43 6.84
CA PRO C 522 44.27 15.75 5.95
C PRO C 522 45.25 16.70 5.31
N ARG C 523 44.94 17.99 5.35
CA ARG C 523 45.79 19.00 4.76
C ARG C 523 46.60 19.77 5.81
N ASP C 524 46.06 19.92 7.01
CA ASP C 524 46.77 20.64 8.07
C ASP C 524 47.48 19.69 9.03
N GLY C 525 46.92 18.49 9.21
CA GLY C 525 47.50 17.51 10.11
C GLY C 525 47.10 17.84 11.55
N HIS C 526 48.03 17.58 12.48
CA HIS C 526 47.83 17.86 13.89
C HIS C 526 49.05 17.42 14.72
N PRO C 527 49.84 18.38 15.24
CA PRO C 527 51.05 18.21 16.04
C PRO C 527 51.17 16.93 16.87
N LEU C 528 50.11 16.52 17.57
CA LEU C 528 50.23 15.37 18.44
C LEU C 528 50.35 14.07 17.70
N PHE C 529 49.72 13.98 16.55
CA PHE C 529 49.76 12.77 15.78
C PHE C 529 50.98 12.79 14.91
N ALA C 530 51.42 13.98 14.56
CA ALA C 530 52.64 14.11 13.82
C ALA C 530 53.79 13.61 14.68
N GLY C 531 53.82 14.06 15.94
CA GLY C 531 54.85 13.65 16.87
C GLY C 531 54.76 12.17 17.22
N PHE C 532 53.55 11.70 17.50
CA PHE C 532 53.33 10.31 17.87
C PHE C 532 53.75 9.34 16.82
N VAL C 533 53.26 9.55 15.60
CA VAL C 533 53.58 8.67 14.51
C VAL C 533 55.06 8.76 14.18
N LYS C 534 55.62 9.97 14.23
CA LYS C 534 57.04 10.13 14.00
C LYS C 534 57.84 9.32 15.00
N ALA C 535 57.43 9.39 16.26
CA ALA C 535 58.08 8.64 17.32
C ALA C 535 58.00 7.17 17.06
N ALA C 536 56.86 6.71 16.54
CA ALA C 536 56.69 5.32 16.20
C ALA C 536 57.77 4.89 15.23
N SER C 537 57.99 5.71 14.21
CA SER C 537 59.02 5.45 13.22
C SER C 537 60.40 5.44 13.82
N GLU C 538 60.67 6.44 14.66
CA GLU C 538 61.96 6.57 15.31
C GLU C 538 62.26 5.36 16.15
N PHE C 539 61.25 4.92 16.89
CA PHE C 539 61.35 3.76 17.73
C PHE C 539 61.53 2.52 16.91
N GLN C 540 60.79 2.43 15.79
CA GLN C 540 60.93 1.31 14.89
C GLN C 540 62.36 1.16 14.40
N LYS C 541 62.99 2.29 14.08
CA LYS C 541 64.37 2.27 13.61
C LYS C 541 65.33 2.02 14.76
N ARG C 542 64.97 2.53 15.93
CA ARG C 542 65.71 2.31 17.16
C ARG C 542 65.78 0.82 17.46
N GLN C 543 64.65 0.15 17.31
CA GLN C 543 64.53 -1.28 17.53
C GLN C 543 64.87 -2.05 16.26
N ALA C 544 66.08 -1.84 15.75
CA ALA C 544 66.52 -2.46 14.53
C ALA C 544 68.02 -2.31 14.36
N MET D 1 -8.90 -18.84 36.01
CA MET D 1 -9.59 -17.81 35.27
C MET D 1 -8.65 -17.02 34.38
N THR D 2 -8.88 -17.05 33.07
CA THR D 2 -8.05 -16.29 32.14
C THR D 2 -8.88 -15.26 31.41
N THR D 3 -8.38 -14.05 31.40
CA THR D 3 -9.06 -12.93 30.76
C THR D 3 -9.14 -13.06 29.26
N ASN D 4 -10.33 -12.81 28.73
CA ASN D 4 -10.61 -12.81 27.30
C ASN D 4 -10.73 -11.37 26.80
N TYR D 5 -10.28 -11.10 25.59
CA TYR D 5 -10.32 -9.75 25.06
C TYR D 5 -11.04 -9.65 23.74
N ILE D 6 -11.72 -8.54 23.54
CA ILE D 6 -12.35 -8.28 22.26
C ILE D 6 -11.96 -6.89 21.84
N PHE D 7 -11.43 -6.76 20.65
CA PHE D 7 -11.00 -5.47 20.17
C PHE D 7 -12.03 -4.88 19.23
N VAL D 8 -12.23 -3.58 19.36
CA VAL D 8 -13.18 -2.88 18.51
C VAL D 8 -12.53 -1.83 17.65
N THR D 9 -12.68 -2.00 16.35
CA THR D 9 -12.14 -1.05 15.39
C THR D 9 -13.23 -0.63 14.44
N GLY D 10 -12.98 0.44 13.69
CA GLY D 10 -13.95 0.94 12.73
C GLY D 10 -13.23 1.56 11.55
N GLY D 11 -13.80 1.39 10.37
CA GLY D 11 -13.21 1.90 9.15
C GLY D 11 -14.19 2.73 8.37
N VAL D 12 -13.92 2.89 7.07
CA VAL D 12 -14.76 3.70 6.19
C VAL D 12 -14.86 5.10 6.82
N VAL D 13 -15.98 5.45 7.46
CA VAL D 13 -16.10 6.77 8.05
C VAL D 13 -16.21 6.70 9.55
N SER D 14 -15.92 7.82 10.20
CA SER D 14 -16.02 7.91 11.64
C SER D 14 -17.45 8.14 12.04
N SER D 15 -17.65 8.28 13.34
CA SER D 15 -18.94 8.62 13.89
C SER D 15 -19.97 7.53 13.64
N LEU D 16 -19.54 6.29 13.79
CA LEU D 16 -20.45 5.16 13.64
C LEU D 16 -20.99 4.69 14.96
N GLY D 17 -20.38 5.14 16.06
CA GLY D 17 -20.84 4.74 17.38
C GLY D 17 -20.11 3.51 17.89
N LYS D 18 -18.77 3.55 17.82
CA LYS D 18 -17.97 2.44 18.32
C LYS D 18 -18.16 2.26 19.81
N GLY D 19 -18.18 3.37 20.55
CA GLY D 19 -18.37 3.31 22.00
C GLY D 19 -19.74 2.78 22.34
N ILE D 20 -20.74 3.16 21.54
CA ILE D 20 -22.11 2.71 21.74
C ILE D 20 -22.22 1.22 21.56
N ALA D 21 -21.65 0.71 20.48
CA ALA D 21 -21.69 -0.70 20.19
C ALA D 21 -21.00 -1.50 21.28
N ALA D 22 -19.82 -1.05 21.69
CA ALA D 22 -19.05 -1.72 22.72
C ALA D 22 -19.78 -1.75 24.03
N ALA D 23 -20.35 -0.62 24.41
CA ALA D 23 -21.08 -0.52 25.66
C ALA D 23 -22.29 -1.44 25.65
N SER D 24 -22.99 -1.51 24.52
CA SER D 24 -24.16 -2.35 24.39
C SER D 24 -23.80 -3.81 24.56
N LEU D 25 -22.68 -4.21 23.95
CA LEU D 25 -22.20 -5.56 24.11
C LEU D 25 -21.87 -5.86 25.55
N ALA D 26 -21.11 -4.98 26.18
CA ALA D 26 -20.72 -5.15 27.56
C ALA D 26 -21.93 -5.30 28.45
N ALA D 27 -22.97 -4.52 28.19
CA ALA D 27 -24.21 -4.60 28.96
C ALA D 27 -24.76 -6.00 28.91
N ILE D 28 -24.76 -6.60 27.71
CA ILE D 28 -25.24 -7.95 27.53
C ILE D 28 -24.38 -8.93 28.29
N LEU D 29 -23.07 -8.77 28.19
CA LEU D 29 -22.16 -9.68 28.84
C LEU D 29 -22.35 -9.65 30.36
N GLU D 30 -22.58 -8.45 30.90
CA GLU D 30 -22.91 -8.31 32.31
C GLU D 30 -24.23 -9.00 32.58
N ALA D 31 -25.20 -8.81 31.69
CA ALA D 31 -26.51 -9.45 31.80
C ALA D 31 -26.41 -10.97 31.78
N ARG D 32 -25.34 -11.52 31.17
CA ARG D 32 -25.13 -12.96 31.18
C ARG D 32 -24.31 -13.41 32.40
N GLY D 33 -24.06 -12.50 33.35
CA GLY D 33 -23.32 -12.83 34.56
C GLY D 33 -21.81 -12.85 34.38
N LEU D 34 -21.28 -12.14 33.39
CA LEU D 34 -19.85 -12.17 33.16
C LEU D 34 -19.13 -10.93 33.67
N ASN D 35 -17.92 -11.13 34.21
CA ASN D 35 -17.13 -10.00 34.68
C ASN D 35 -16.53 -9.25 33.51
N VAL D 36 -17.31 -8.31 33.00
CA VAL D 36 -16.86 -7.54 31.86
C VAL D 36 -16.49 -6.11 32.22
N THR D 37 -15.44 -5.62 31.56
CA THR D 37 -14.98 -4.26 31.70
C THR D 37 -14.64 -3.71 30.33
N ILE D 38 -14.15 -2.48 30.30
CA ILE D 38 -13.90 -1.82 29.04
C ILE D 38 -12.90 -0.68 29.13
N MET D 39 -12.08 -0.56 28.10
CA MET D 39 -11.09 0.49 27.99
C MET D 39 -11.11 1.12 26.62
N LYS D 40 -10.66 2.37 26.52
CA LYS D 40 -10.59 3.05 25.24
C LYS D 40 -9.24 3.71 25.00
N LEU D 41 -8.66 3.47 23.83
CA LEU D 41 -7.39 4.08 23.48
C LEU D 41 -7.63 5.21 22.50
N ASP D 42 -7.05 6.36 22.81
CA ASP D 42 -7.30 7.53 21.99
C ASP D 42 -6.08 8.05 21.22
N PRO D 43 -6.19 8.20 19.91
CA PRO D 43 -5.20 8.65 18.94
C PRO D 43 -4.89 10.14 19.00
N TYR D 44 -4.62 10.66 20.19
CA TYR D 44 -4.37 12.10 20.27
C TYR D 44 -3.12 12.40 21.02
N ILE D 45 -2.50 13.51 20.62
CA ILE D 45 -1.29 14.00 21.22
C ILE D 45 -1.59 14.63 22.56
N ASN D 46 -2.81 15.13 22.72
CA ASN D 46 -3.15 15.71 23.99
C ASN D 46 -2.98 14.66 25.05
N VAL D 47 -2.26 15.02 26.11
CA VAL D 47 -2.03 14.09 27.19
C VAL D 47 -3.30 13.96 28.00
N ASP D 48 -3.84 15.09 28.42
CA ASP D 48 -5.10 15.12 29.14
C ASP D 48 -6.13 15.93 28.38
N PRO D 49 -7.40 15.51 28.38
CA PRO D 49 -8.56 16.12 27.73
C PRO D 49 -8.91 17.45 28.35
N GLY D 50 -8.41 17.69 29.57
CA GLY D 50 -8.60 18.94 30.27
C GLY D 50 -7.91 20.12 29.58
N THR D 51 -6.98 19.83 28.65
CA THR D 51 -6.32 20.89 27.91
C THR D 51 -7.13 21.33 26.70
N MET D 52 -8.29 20.69 26.46
CA MET D 52 -9.11 21.05 25.32
C MET D 52 -10.46 21.59 25.73
N SER D 53 -11.02 22.41 24.86
CA SER D 53 -12.30 23.02 25.12
C SER D 53 -13.47 22.05 24.96
N PRO D 54 -14.60 22.34 25.62
CA PRO D 54 -15.88 21.67 25.52
C PRO D 54 -16.41 21.69 24.11
N ILE D 55 -16.18 22.77 23.39
CA ILE D 55 -16.68 22.81 22.03
C ILE D 55 -15.85 21.90 21.12
N GLN D 56 -14.57 21.72 21.46
CA GLN D 56 -13.69 20.87 20.67
C GLN D 56 -14.09 19.39 20.69
N HIS D 57 -14.34 18.84 21.87
CA HIS D 57 -14.75 17.42 21.96
C HIS D 57 -16.01 17.13 22.71
N GLY D 58 -16.64 18.13 23.28
CA GLY D 58 -17.80 17.89 24.10
C GLY D 58 -17.35 17.77 25.54
N GLU D 59 -18.27 17.34 26.40
CA GLU D 59 -17.97 17.17 27.80
C GLU D 59 -16.84 16.20 28.08
N VAL D 60 -16.03 16.53 29.06
CA VAL D 60 -14.93 15.69 29.49
C VAL D 60 -15.39 14.95 30.73
N PHE D 61 -15.43 13.64 30.64
CA PHE D 61 -15.95 12.82 31.73
C PHE D 61 -15.09 12.84 32.98
N VAL D 62 -15.74 12.94 34.12
CA VAL D 62 -15.02 12.90 35.38
C VAL D 62 -15.21 11.54 36.01
N THR D 63 -14.11 10.84 36.23
CA THR D 63 -14.17 9.54 36.84
C THR D 63 -14.20 9.65 38.35
N GLU D 64 -14.49 8.53 39.01
CA GLU D 64 -14.53 8.47 40.46
C GLU D 64 -13.25 8.97 41.09
N ASP D 65 -12.12 8.52 40.54
CA ASP D 65 -10.81 8.89 41.06
C ASP D 65 -10.34 10.28 40.63
N GLY D 66 -11.21 11.08 39.99
CA GLY D 66 -10.89 12.44 39.62
C GLY D 66 -10.24 12.58 38.26
N ALA D 67 -9.95 11.47 37.58
CA ALA D 67 -9.31 11.60 36.29
C ALA D 67 -10.24 12.20 35.26
N GLU D 68 -9.67 13.08 34.43
CA GLU D 68 -10.42 13.67 33.34
C GLU D 68 -10.28 12.74 32.17
N THR D 69 -11.38 12.36 31.55
CA THR D 69 -11.28 11.41 30.47
C THR D 69 -12.31 11.59 29.36
N ASP D 70 -12.23 10.69 28.39
CA ASP D 70 -13.12 10.73 27.24
C ASP D 70 -14.57 10.54 27.64
N LEU D 71 -15.44 11.38 27.09
CA LEU D 71 -16.89 11.34 27.29
C LEU D 71 -17.48 9.91 27.31
N ASP D 72 -16.97 9.04 26.43
CA ASP D 72 -17.45 7.67 26.31
C ASP D 72 -17.27 6.84 27.56
N LEU D 73 -16.43 7.28 28.49
CA LEU D 73 -16.25 6.56 29.72
C LEU D 73 -17.51 6.71 30.54
N GLY D 74 -18.19 7.85 30.38
CA GLY D 74 -19.46 8.08 31.05
C GLY D 74 -20.52 7.24 30.40
N HIS D 75 -20.37 7.05 29.08
CA HIS D 75 -21.28 6.20 28.35
C HIS D 75 -21.15 4.76 28.85
N TYR D 76 -19.92 4.36 29.17
CA TYR D 76 -19.69 3.02 29.71
C TYR D 76 -20.35 2.88 31.07
N GLU D 77 -20.29 3.95 31.87
CA GLU D 77 -20.92 3.97 33.18
C GLU D 77 -22.43 3.81 33.08
N ARG D 78 -23.00 4.23 31.96
CA ARG D 78 -24.44 4.08 31.77
C ARG D 78 -24.89 2.73 31.25
N PHE D 79 -23.96 1.81 31.00
CA PHE D 79 -24.36 0.49 30.55
C PHE D 79 -23.91 -0.63 31.44
N ILE D 80 -22.76 -0.47 32.05
CA ILE D 80 -22.31 -1.51 32.97
C ILE D 80 -22.01 -0.94 34.31
N ARG D 81 -22.00 -1.80 35.30
CA ARG D 81 -21.78 -1.39 36.66
C ARG D 81 -20.31 -1.40 37.04
N THR D 82 -19.47 -1.97 36.19
CA THR D 82 -18.04 -1.96 36.44
C THR D 82 -17.59 -0.51 36.41
N LYS D 83 -16.88 -0.09 37.43
CA LYS D 83 -16.48 1.30 37.50
C LYS D 83 -15.21 1.60 36.72
N MET D 84 -15.24 2.72 36.02
CA MET D 84 -14.10 3.17 35.25
C MET D 84 -13.12 3.92 36.14
N SER D 85 -11.87 3.91 35.73
CA SER D 85 -10.80 4.58 36.44
C SER D 85 -9.86 5.16 35.44
N ARG D 86 -8.84 5.86 35.91
CA ARG D 86 -7.78 6.36 35.03
C ARG D 86 -7.16 5.26 34.14
N ARG D 87 -7.24 4.00 34.56
CA ARG D 87 -6.65 2.89 33.83
C ARG D 87 -7.49 2.48 32.64
N ASN D 88 -8.67 3.06 32.52
CA ASN D 88 -9.58 2.69 31.47
C ASN D 88 -9.52 3.61 30.27
N ASN D 89 -8.59 4.56 30.25
CA ASN D 89 -8.52 5.46 29.13
C ASN D 89 -7.26 6.30 29.10
N PHE D 90 -6.58 6.26 27.97
CA PHE D 90 -5.37 7.06 27.81
C PHE D 90 -5.07 7.37 26.35
N THR D 91 -4.19 8.36 26.14
CA THR D 91 -3.90 8.84 24.80
C THR D 91 -2.49 8.56 24.31
N THR D 92 -2.31 8.77 23.02
CA THR D 92 -1.02 8.66 22.36
C THR D 92 0.02 9.56 23.03
N GLY D 93 -0.36 10.81 23.28
CA GLY D 93 0.50 11.77 23.94
C GLY D 93 0.91 11.29 25.30
N ARG D 94 -0.06 10.76 26.07
CA ARG D 94 0.23 10.22 27.38
C ARG D 94 1.34 9.19 27.31
N ILE D 95 1.25 8.31 26.32
CA ILE D 95 2.24 7.28 26.13
C ILE D 95 3.61 7.87 25.92
N TYR D 96 3.70 8.84 25.02
CA TYR D 96 4.99 9.43 24.73
C TYR D 96 5.58 10.11 25.91
N SER D 97 4.74 10.78 26.70
CA SER D 97 5.23 11.45 27.88
C SER D 97 5.90 10.46 28.80
N ASP D 98 5.21 9.35 29.03
CA ASP D 98 5.73 8.31 29.89
C ASP D 98 7.01 7.71 29.37
N VAL D 99 7.03 7.38 28.09
CA VAL D 99 8.20 6.75 27.49
C VAL D 99 9.39 7.65 27.49
N LEU D 100 9.19 8.91 27.11
CA LEU D 100 10.27 9.85 27.08
C LEU D 100 10.83 10.09 28.45
N ARG D 101 9.96 10.08 29.46
CA ARG D 101 10.42 10.24 30.83
C ARG D 101 11.28 9.06 31.22
N LYS D 102 10.85 7.86 30.84
CA LYS D 102 11.63 6.66 31.11
C LYS D 102 12.99 6.74 30.43
N GLU D 103 13.03 7.22 29.20
CA GLU D 103 14.28 7.45 28.50
C GLU D 103 15.18 8.35 29.29
N ARG D 104 14.62 9.48 29.68
CA ARG D 104 15.37 10.52 30.35
C ARG D 104 16.04 10.01 31.62
N ARG D 105 15.32 9.22 32.40
CA ARG D 105 15.88 8.67 33.63
C ARG D 105 16.69 7.38 33.43
N GLY D 106 16.97 6.98 32.18
CA GLY D 106 17.83 5.83 31.90
C GLY D 106 17.18 4.46 31.93
N ASP D 107 15.85 4.38 31.90
CA ASP D 107 15.19 3.07 31.98
C ASP D 107 15.44 2.15 30.78
N TYR D 108 15.95 2.69 29.68
CA TYR D 108 16.21 1.84 28.54
C TYR D 108 17.68 1.52 28.39
N LEU D 109 18.47 1.88 29.40
CA LEU D 109 19.88 1.52 29.51
C LEU D 109 20.77 1.75 28.28
N GLY D 110 20.54 2.81 27.53
CA GLY D 110 21.40 3.09 26.38
C GLY D 110 20.87 2.52 25.06
N ALA D 111 19.73 1.85 25.10
CA ALA D 111 19.12 1.28 23.92
C ALA D 111 18.33 2.32 23.13
N THR D 112 18.08 2.00 21.86
CA THR D 112 17.31 2.86 21.00
C THR D 112 15.86 2.68 21.35
N VAL D 113 15.16 3.76 21.56
CA VAL D 113 13.75 3.66 21.84
C VAL D 113 13.03 3.79 20.52
N GLN D 114 12.29 2.76 20.18
CA GLN D 114 11.59 2.72 18.91
C GLN D 114 10.13 2.44 19.09
N VAL D 115 9.32 2.79 18.09
CA VAL D 115 7.90 2.49 18.14
C VAL D 115 7.75 1.03 18.42
N ILE D 116 8.41 0.26 17.59
CA ILE D 116 8.50 -1.14 17.81
C ILE D 116 9.90 -1.38 18.32
N PRO D 117 10.03 -1.95 19.51
CA PRO D 117 9.02 -2.46 20.42
C PRO D 117 8.61 -1.55 21.58
N HIS D 118 9.22 -0.39 21.73
CA HIS D 118 9.04 0.31 23.00
C HIS D 118 7.73 1.03 23.16
N ILE D 119 7.21 1.61 22.09
CA ILE D 119 5.95 2.29 22.24
C ILE D 119 4.85 1.27 22.37
N THR D 120 4.98 0.19 21.61
CA THR D 120 4.00 -0.88 21.70
C THR D 120 4.06 -1.57 23.06
N ASN D 121 5.23 -1.55 23.72
CA ASN D 121 5.32 -2.10 25.05
C ASN D 121 4.55 -1.27 26.03
N ALA D 122 4.67 0.05 25.92
CA ALA D 122 3.92 0.92 26.79
C ALA D 122 2.43 0.61 26.67
N ILE D 123 1.98 0.45 25.43
CA ILE D 123 0.58 0.18 25.17
C ILE D 123 0.09 -1.14 25.72
N LYS D 124 0.78 -2.23 25.37
CA LYS D 124 0.33 -3.55 25.79
C LYS D 124 0.39 -3.75 27.28
N GLU D 125 1.28 -3.04 27.96
CA GLU D 125 1.35 -3.15 29.40
C GLU D 125 0.19 -2.47 30.03
N ARG D 126 -0.23 -1.34 29.47
CA ARG D 126 -1.38 -0.65 29.99
C ARG D 126 -2.65 -1.46 29.78
N VAL D 127 -2.72 -2.16 28.65
CA VAL D 127 -3.88 -2.99 28.39
C VAL D 127 -3.99 -4.11 29.39
N LEU D 128 -2.89 -4.80 29.63
CA LEU D 128 -2.89 -5.90 30.58
C LEU D 128 -3.22 -5.41 31.98
N GLU D 129 -2.75 -4.22 32.32
CA GLU D 129 -3.06 -3.61 33.60
C GLU D 129 -4.56 -3.47 33.80
N GLY D 130 -5.21 -2.80 32.87
CA GLY D 130 -6.65 -2.57 32.98
C GLY D 130 -7.47 -3.84 32.93
N GLY D 131 -7.03 -4.84 32.17
CA GLY D 131 -7.78 -6.09 32.06
C GLY D 131 -7.59 -7.06 33.23
N GLU D 132 -6.74 -6.70 34.19
CA GLU D 132 -6.47 -7.59 35.30
C GLU D 132 -7.71 -7.92 36.11
N GLY D 133 -7.93 -9.22 36.29
CA GLY D 133 -9.03 -9.71 37.13
C GLY D 133 -10.40 -9.75 36.44
N HIS D 134 -10.44 -9.55 35.13
CA HIS D 134 -11.75 -9.56 34.47
C HIS D 134 -11.92 -10.75 33.53
N ASP D 135 -13.17 -11.14 33.32
CA ASP D 135 -13.47 -12.24 32.43
C ASP D 135 -13.35 -11.79 31.00
N VAL D 136 -13.98 -10.66 30.69
CA VAL D 136 -13.97 -10.11 29.36
C VAL D 136 -13.61 -8.66 29.37
N VAL D 137 -12.67 -8.28 28.53
CA VAL D 137 -12.25 -6.91 28.42
C VAL D 137 -12.46 -6.38 27.04
N LEU D 138 -13.26 -5.33 26.91
CA LEU D 138 -13.43 -4.75 25.60
C LEU D 138 -12.44 -3.62 25.45
N VAL D 139 -11.80 -3.56 24.30
CA VAL D 139 -10.84 -2.51 24.04
C VAL D 139 -11.20 -1.77 22.78
N GLU D 140 -11.59 -0.51 22.93
CA GLU D 140 -11.97 0.29 21.78
C GLU D 140 -10.80 1.08 21.26
N ILE D 141 -10.53 0.89 19.98
CA ILE D 141 -9.48 1.64 19.33
C ILE D 141 -10.08 2.80 18.58
N GLY D 142 -9.74 4.01 19.02
CA GLY D 142 -10.23 5.21 18.37
C GLY D 142 -9.51 5.45 17.05
N GLY D 143 -9.97 6.45 16.32
CA GLY D 143 -9.41 6.76 15.03
C GLY D 143 -10.08 5.91 13.96
N THR D 144 -9.57 6.00 12.74
CA THR D 144 -10.14 5.23 11.64
C THR D 144 -9.09 4.34 10.99
N VAL D 145 -9.48 3.11 10.70
CA VAL D 145 -8.55 2.17 10.10
C VAL D 145 -8.07 2.64 8.75
N GLY D 146 -6.75 2.60 8.58
CA GLY D 146 -6.10 3.06 7.37
C GLY D 146 -5.41 4.39 7.60
N ASP D 147 -5.72 5.04 8.71
CA ASP D 147 -5.09 6.30 9.05
C ASP D 147 -3.87 6.09 9.94
N ILE D 148 -2.86 6.93 9.76
CA ILE D 148 -1.62 6.75 10.49
C ILE D 148 -1.76 7.05 11.97
N GLU D 149 -2.76 7.86 12.31
CA GLU D 149 -3.05 8.22 13.69
C GLU D 149 -3.17 7.08 14.70
N SER D 150 -3.39 5.84 14.24
CA SER D 150 -3.54 4.78 15.23
C SER D 150 -2.88 3.47 14.84
N LEU D 151 -1.98 3.52 13.87
CA LEU D 151 -1.33 2.29 13.44
C LEU D 151 -0.50 1.62 14.53
N PRO D 152 0.23 2.37 15.40
CA PRO D 152 0.98 1.86 16.53
C PRO D 152 0.12 1.04 17.47
N PHE D 153 -1.12 1.48 17.65
CA PHE D 153 -2.02 0.77 18.55
C PHE D 153 -2.42 -0.53 17.94
N LEU D 154 -2.70 -0.47 16.64
CA LEU D 154 -3.12 -1.65 15.92
C LEU D 154 -2.02 -2.69 15.89
N GLU D 155 -0.78 -2.23 15.79
CA GLU D 155 0.36 -3.11 15.83
C GLU D 155 0.56 -3.74 17.18
N ALA D 156 0.41 -2.94 18.24
CA ALA D 156 0.54 -3.47 19.59
C ALA D 156 -0.47 -4.59 19.81
N ILE D 157 -1.69 -4.39 19.31
CA ILE D 157 -2.73 -5.37 19.41
C ILE D 157 -2.40 -6.64 18.70
N ARG D 158 -1.94 -6.52 17.46
CA ARG D 158 -1.60 -7.69 16.69
C ARG D 158 -0.63 -8.55 17.47
N GLN D 159 0.42 -7.92 17.98
CA GLN D 159 1.42 -8.63 18.75
C GLN D 159 0.80 -9.31 19.95
N MET D 160 0.01 -8.57 20.71
CA MET D 160 -0.66 -9.10 21.89
C MET D 160 -1.49 -10.30 21.58
N ALA D 161 -2.31 -10.21 20.53
CA ALA D 161 -3.19 -11.27 20.11
C ALA D 161 -2.41 -12.55 19.89
N VAL D 162 -1.27 -12.44 19.22
CA VAL D 162 -0.42 -13.59 18.99
C VAL D 162 0.10 -14.16 20.30
N GLU D 163 0.52 -13.27 21.19
CA GLU D 163 1.05 -13.66 22.49
C GLU D 163 0.05 -14.37 23.38
N ILE D 164 -1.20 -13.91 23.38
CA ILE D 164 -2.18 -14.53 24.25
C ILE D 164 -2.91 -15.68 23.58
N GLY D 165 -2.89 -15.72 22.26
CA GLY D 165 -3.52 -16.80 21.52
C GLY D 165 -4.91 -16.41 21.08
N ARG D 166 -5.37 -16.99 19.97
CA ARG D 166 -6.66 -16.66 19.40
C ARG D 166 -7.82 -17.10 20.28
N GLU D 167 -7.59 -18.09 21.12
CA GLU D 167 -8.59 -18.53 22.06
C GLU D 167 -8.95 -17.48 23.11
N HIS D 168 -8.18 -16.39 23.19
CA HIS D 168 -8.51 -15.33 24.12
C HIS D 168 -8.72 -14.01 23.43
N THR D 169 -8.93 -14.02 22.11
CA THR D 169 -9.17 -12.74 21.47
C THR D 169 -10.06 -12.78 20.24
N LEU D 170 -10.90 -11.75 20.12
CA LEU D 170 -11.78 -11.58 18.96
C LEU D 170 -11.65 -10.20 18.36
N PHE D 171 -11.84 -10.11 17.05
CA PHE D 171 -11.79 -8.82 16.37
C PHE D 171 -13.14 -8.39 15.83
N MET D 172 -13.68 -7.35 16.41
CA MET D 172 -14.94 -6.78 15.98
C MET D 172 -14.70 -5.50 15.21
N HIS D 173 -15.20 -5.45 13.98
CA HIS D 173 -14.97 -4.30 13.14
C HIS D 173 -16.23 -3.67 12.61
N LEU D 174 -16.38 -2.38 12.88
CA LEU D 174 -17.51 -1.62 12.42
C LEU D 174 -17.26 -1.05 11.05
N THR D 175 -18.31 -1.08 10.25
CA THR D 175 -18.26 -0.53 8.93
C THR D 175 -19.53 0.23 8.63
N LEU D 176 -19.59 0.75 7.42
CA LEU D 176 -20.74 1.48 6.96
C LEU D 176 -21.25 0.91 5.68
N VAL D 177 -22.53 0.60 5.69
CA VAL D 177 -23.19 0.17 4.49
C VAL D 177 -24.15 1.28 4.10
N PRO D 178 -23.71 2.21 3.26
CA PRO D 178 -24.41 3.41 2.85
C PRO D 178 -25.52 3.10 1.90
N TYR D 179 -26.60 3.87 2.03
CA TYR D 179 -27.72 3.72 1.12
C TYR D 179 -27.63 4.72 0.01
N MET D 180 -27.68 4.23 -1.21
CA MET D 180 -27.62 5.08 -2.37
C MET D 180 -28.95 5.17 -3.05
N ALA D 181 -29.72 6.19 -2.67
CA ALA D 181 -31.06 6.46 -3.19
C ALA D 181 -31.11 6.55 -4.69
N ALA D 182 -30.06 7.10 -5.29
CA ALA D 182 -29.99 7.20 -6.74
C ALA D 182 -30.05 5.82 -7.40
N SER D 183 -29.47 4.83 -6.74
CA SER D 183 -29.50 3.46 -7.23
C SER D 183 -30.67 2.72 -6.62
N GLY D 184 -31.14 3.22 -5.48
CA GLY D 184 -32.24 2.61 -4.77
C GLY D 184 -31.75 1.44 -3.91
N GLU D 185 -30.45 1.40 -3.61
CA GLU D 185 -29.93 0.28 -2.83
C GLU D 185 -28.68 0.64 -2.07
N VAL D 186 -28.35 -0.20 -1.10
CA VAL D 186 -27.14 -0.02 -0.32
C VAL D 186 -25.95 -0.63 -1.04
N LYS D 187 -24.75 -0.17 -0.70
CA LYS D 187 -23.53 -0.70 -1.30
C LYS D 187 -22.63 -1.36 -0.27
N THR D 188 -21.84 -2.36 -0.69
CA THR D 188 -20.97 -3.04 0.29
C THR D 188 -19.49 -2.87 -0.01
N LYS D 189 -19.16 -2.45 -1.22
CA LYS D 189 -17.76 -2.29 -1.64
C LYS D 189 -16.84 -1.65 -0.59
N PRO D 190 -17.17 -0.49 0.00
CA PRO D 190 -16.41 0.20 1.03
C PRO D 190 -16.03 -0.72 2.18
N THR D 191 -16.95 -1.59 2.56
CA THR D 191 -16.74 -2.54 3.65
C THR D 191 -15.69 -3.53 3.27
N GLN D 192 -15.81 -4.02 2.05
CA GLN D 192 -14.87 -5.01 1.58
C GLN D 192 -13.46 -4.44 1.66
N HIS D 193 -13.32 -3.18 1.26
CA HIS D 193 -12.01 -2.56 1.30
C HIS D 193 -11.53 -2.31 2.71
N SER D 194 -12.44 -1.93 3.60
CA SER D 194 -12.07 -1.67 4.97
C SER D 194 -11.46 -2.91 5.61
N VAL D 195 -12.07 -4.05 5.36
CA VAL D 195 -11.56 -5.30 5.85
C VAL D 195 -10.19 -5.59 5.27
N LYS D 196 -10.03 -5.38 3.97
CA LYS D 196 -8.74 -5.58 3.34
C LYS D 196 -7.67 -4.75 4.00
N GLU D 197 -8.03 -3.54 4.43
CA GLU D 197 -7.06 -2.69 5.09
C GLU D 197 -6.60 -3.28 6.40
N LEU D 198 -7.53 -3.80 7.20
CA LEU D 198 -7.08 -4.45 8.42
C LEU D 198 -6.20 -5.64 8.13
N LEU D 199 -6.55 -6.38 7.12
CA LEU D 199 -5.75 -7.53 6.78
C LEU D 199 -4.34 -7.13 6.42
N SER D 200 -4.18 -6.02 5.72
CA SER D 200 -2.85 -5.58 5.32
C SER D 200 -1.94 -5.24 6.49
N ILE D 201 -2.51 -5.06 7.69
CA ILE D 201 -1.69 -4.76 8.85
C ILE D 201 -1.71 -5.93 9.83
N GLY D 202 -2.03 -7.13 9.34
CA GLY D 202 -1.98 -8.33 10.16
C GLY D 202 -3.24 -8.64 10.98
N ILE D 203 -4.36 -8.00 10.67
CA ILE D 203 -5.58 -8.24 11.43
C ILE D 203 -6.73 -8.84 10.61
N GLN D 204 -7.16 -10.02 11.00
CA GLN D 204 -8.31 -10.70 10.39
C GLN D 204 -9.53 -10.59 11.29
N PRO D 205 -10.57 -9.86 10.88
CA PRO D 205 -11.82 -9.66 11.57
C PRO D 205 -12.55 -10.96 11.79
N ASP D 206 -13.24 -11.04 12.92
CA ASP D 206 -14.03 -12.20 13.24
C ASP D 206 -15.51 -11.86 13.19
N ILE D 207 -15.82 -10.64 13.62
CA ILE D 207 -17.19 -10.16 13.68
C ILE D 207 -17.35 -8.84 12.94
N LEU D 208 -18.37 -8.75 12.09
CA LEU D 208 -18.58 -7.51 11.37
C LEU D 208 -19.86 -6.83 11.79
N ILE D 209 -19.79 -5.51 11.95
CA ILE D 209 -20.95 -4.71 12.31
C ILE D 209 -21.31 -3.77 11.17
N CYS D 210 -22.46 -3.97 10.56
CA CYS D 210 -22.86 -3.16 9.41
C CYS D 210 -23.75 -2.01 9.77
N ARG D 211 -23.16 -0.84 9.98
CA ARG D 211 -23.94 0.31 10.36
C ARG D 211 -24.65 0.89 9.17
N SER D 212 -25.90 1.24 9.37
CA SER D 212 -26.68 1.84 8.30
C SER D 212 -27.91 2.49 8.86
N ASP D 213 -28.71 3.07 7.98
CA ASP D 213 -29.98 3.63 8.38
C ASP D 213 -31.12 2.63 8.14
N ARG D 214 -30.79 1.37 7.90
CA ARG D 214 -31.78 0.36 7.63
C ARG D 214 -31.19 -1.03 7.66
N ALA D 215 -32.04 -2.01 7.92
CA ALA D 215 -31.56 -3.37 8.00
C ALA D 215 -30.91 -3.80 6.69
N VAL D 216 -29.77 -4.45 6.81
CA VAL D 216 -29.05 -4.95 5.66
C VAL D 216 -29.54 -6.36 5.35
N PRO D 217 -29.96 -6.63 4.11
CA PRO D 217 -30.45 -7.91 3.62
C PRO D 217 -29.44 -9.00 3.84
N ALA D 218 -29.94 -10.19 4.15
CA ALA D 218 -29.11 -11.37 4.40
C ALA D 218 -28.22 -11.67 3.23
N ASN D 219 -28.71 -11.41 2.04
CA ASN D 219 -27.94 -11.63 0.83
C ASN D 219 -26.70 -10.78 0.81
N GLU D 220 -26.83 -9.55 1.29
CA GLU D 220 -25.72 -8.63 1.25
C GLU D 220 -24.74 -9.01 2.32
N ARG D 221 -25.28 -9.47 3.44
CA ARG D 221 -24.46 -9.92 4.55
C ARG D 221 -23.65 -11.12 4.13
N ALA D 222 -24.27 -12.00 3.33
CA ALA D 222 -23.60 -13.17 2.79
C ALA D 222 -22.48 -12.78 1.84
N LYS D 223 -22.73 -11.78 0.99
CA LYS D 223 -21.73 -11.31 0.06
C LYS D 223 -20.51 -10.81 0.81
N ILE D 224 -20.76 -10.08 1.89
CA ILE D 224 -19.70 -9.57 2.72
C ILE D 224 -18.94 -10.72 3.36
N ALA D 225 -19.68 -11.67 3.91
CA ALA D 225 -19.12 -12.84 4.55
C ALA D 225 -18.12 -13.52 3.63
N LEU D 226 -18.51 -13.67 2.37
CA LEU D 226 -17.64 -14.25 1.36
C LEU D 226 -16.33 -13.52 1.23
N PHE D 227 -16.41 -12.24 0.93
CA PHE D 227 -15.21 -11.49 0.65
C PHE D 227 -14.33 -11.20 1.84
N CYS D 228 -14.87 -11.35 3.04
CA CYS D 228 -14.10 -11.04 4.22
C CYS D 228 -13.56 -12.23 4.99
N ASN D 229 -13.80 -13.45 4.51
CA ASN D 229 -13.39 -14.67 5.24
C ASN D 229 -14.10 -14.78 6.58
N VAL D 230 -15.38 -14.40 6.63
CA VAL D 230 -16.13 -14.40 7.86
C VAL D 230 -17.40 -15.22 7.69
N PRO D 231 -17.78 -16.05 8.66
CA PRO D 231 -19.01 -16.82 8.69
C PRO D 231 -20.21 -15.89 8.60
N GLU D 232 -21.25 -16.32 7.91
CA GLU D 232 -22.44 -15.48 7.71
C GLU D 232 -23.06 -15.05 9.02
N LYS D 233 -23.08 -15.95 9.99
CA LYS D 233 -23.66 -15.66 11.29
C LYS D 233 -22.87 -14.64 12.09
N ALA D 234 -21.62 -14.37 11.69
CA ALA D 234 -20.81 -13.39 12.37
C ALA D 234 -20.93 -12.01 11.71
N VAL D 235 -21.76 -11.90 10.67
CA VAL D 235 -22.01 -10.62 10.03
C VAL D 235 -23.31 -10.07 10.57
N ILE D 236 -23.20 -9.06 11.42
CA ILE D 236 -24.30 -8.45 12.13
C ILE D 236 -24.79 -7.16 11.49
N SER D 237 -26.10 -7.01 11.31
CA SER D 237 -26.65 -5.77 10.75
C SER D 237 -27.05 -4.82 11.86
N LEU D 238 -26.72 -3.54 11.69
CA LEU D 238 -27.11 -2.59 12.73
C LEU D 238 -27.62 -1.28 12.15
N LYS D 239 -28.93 -1.23 11.99
CA LYS D 239 -29.65 -0.09 11.49
C LYS D 239 -29.77 1.00 12.54
N ASP D 240 -29.96 2.24 12.09
CA ASP D 240 -30.15 3.34 13.00
C ASP D 240 -31.44 3.24 13.78
N VAL D 241 -31.35 3.60 15.06
CA VAL D 241 -32.50 3.58 15.96
C VAL D 241 -32.62 4.90 16.70
N ASP D 242 -33.79 5.12 17.30
CA ASP D 242 -34.04 6.35 18.04
C ASP D 242 -33.62 6.31 19.51
N SER D 243 -32.95 5.25 19.93
CA SER D 243 -32.47 5.17 21.30
C SER D 243 -31.42 4.13 21.47
N ILE D 244 -30.33 4.54 22.08
CA ILE D 244 -29.20 3.67 22.37
C ILE D 244 -29.61 2.52 23.27
N TYR D 245 -30.62 2.74 24.09
CA TYR D 245 -31.03 1.76 25.06
C TYR D 245 -31.66 0.52 24.40
N LYS D 246 -31.94 0.60 23.10
CA LYS D 246 -32.53 -0.48 22.33
C LYS D 246 -31.49 -1.36 21.63
N ILE D 247 -30.23 -0.97 21.71
CA ILE D 247 -29.21 -1.70 20.98
C ILE D 247 -28.92 -3.10 21.53
N PRO D 248 -28.82 -3.31 22.86
CA PRO D 248 -28.62 -4.59 23.50
C PRO D 248 -29.63 -5.59 22.99
N GLY D 249 -30.87 -5.13 22.79
CA GLY D 249 -31.93 -5.96 22.27
C GLY D 249 -31.59 -6.46 20.87
N LEU D 250 -31.13 -5.55 20.03
CA LEU D 250 -30.76 -5.92 18.67
C LEU D 250 -29.59 -6.89 18.58
N LEU D 251 -28.58 -6.64 19.42
CA LEU D 251 -27.40 -7.49 19.38
C LEU D 251 -27.74 -8.87 19.88
N LYS D 252 -28.60 -8.91 20.88
CA LYS D 252 -29.07 -10.15 21.44
C LYS D 252 -29.89 -10.89 20.42
N SER D 253 -30.76 -10.16 19.72
CA SER D 253 -31.61 -10.72 18.69
C SER D 253 -30.82 -11.48 17.63
N GLN D 254 -29.66 -10.95 17.26
CA GLN D 254 -28.85 -11.62 16.26
C GLN D 254 -27.87 -12.66 16.80
N GLY D 255 -27.94 -12.98 18.10
CA GLY D 255 -27.11 -14.05 18.68
C GLY D 255 -25.65 -13.73 18.90
N LEU D 256 -25.32 -12.46 18.99
CA LEU D 256 -23.92 -12.05 19.13
C LEU D 256 -23.22 -12.63 20.35
N ASP D 257 -23.85 -12.51 21.51
CA ASP D 257 -23.25 -12.96 22.76
C ASP D 257 -23.04 -14.46 22.82
N ASP D 258 -23.96 -15.22 22.25
CA ASP D 258 -23.85 -16.66 22.19
C ASP D 258 -22.62 -17.05 21.42
N TYR D 259 -22.43 -16.39 20.28
CA TYR D 259 -21.27 -16.61 19.46
C TYR D 259 -20.01 -16.38 20.26
N ILE D 260 -19.95 -15.25 20.96
CA ILE D 260 -18.80 -14.88 21.74
C ILE D 260 -18.43 -15.90 22.82
N CYS D 261 -19.40 -16.33 23.62
CA CYS D 261 -19.10 -17.30 24.66
C CYS D 261 -18.67 -18.61 24.05
N LYS D 262 -19.25 -18.96 22.89
CA LYS D 262 -18.84 -20.16 22.20
C LYS D 262 -17.37 -20.06 21.83
N ARG D 263 -16.97 -18.90 21.31
CA ARG D 263 -15.58 -18.68 20.92
C ARG D 263 -14.64 -18.71 22.13
N PHE D 264 -18.62 -18.27 21.78
CA PHE D 264 -17.48 -18.01 22.64
C PHE D 264 -17.39 -18.93 23.84
N SER D 265 -18.18 -20.01 23.86
CA SER D 265 -18.18 -20.95 24.98
C SER D 265 -18.35 -20.29 26.34
N LEU D 266 -19.19 -19.26 26.42
CA LEU D 266 -19.41 -18.58 27.67
C LEU D 266 -20.69 -18.98 28.34
N ASN D 267 -20.63 -19.20 29.64
CA ASN D 267 -21.82 -19.54 30.40
C ASN D 267 -22.45 -18.25 30.85
N CYS D 268 -23.13 -17.60 29.92
CA CYS D 268 -23.69 -16.29 30.14
C CYS D 268 -25.08 -16.33 30.76
N PRO D 269 -25.31 -15.59 31.86
CA PRO D 269 -26.58 -15.39 32.54
C PRO D 269 -27.59 -14.72 31.64
N GLU D 270 -28.87 -15.01 31.87
CA GLU D 270 -29.95 -14.43 31.08
C GLU D 270 -29.99 -12.90 31.17
N ALA D 271 -30.05 -12.25 30.01
CA ALA D 271 -30.05 -10.80 29.94
C ALA D 271 -31.22 -10.16 30.66
N ASN D 272 -30.91 -9.19 31.51
CA ASN D 272 -31.95 -8.39 32.15
C ASN D 272 -32.14 -7.09 31.42
N LEU D 273 -33.07 -7.07 30.49
CA LEU D 273 -33.34 -5.87 29.70
C LEU D 273 -34.50 -5.04 30.22
N SER D 274 -34.97 -5.37 31.43
CA SER D 274 -36.12 -4.69 32.02
C SER D 274 -35.90 -3.21 32.22
N GLU D 275 -34.65 -2.78 32.32
CA GLU D 275 -34.34 -1.38 32.48
C GLU D 275 -34.82 -0.60 31.28
N TRP D 276 -34.67 -1.19 30.09
CA TRP D 276 -35.10 -0.52 28.90
C TRP D 276 -36.55 -0.74 28.67
N GLU D 277 -37.05 -1.89 29.13
CA GLU D 277 -38.47 -2.14 28.99
C GLU D 277 -39.25 -1.09 29.74
N GLN D 278 -38.75 -0.72 30.91
CA GLN D 278 -39.32 0.36 31.69
C GLN D 278 -39.32 1.65 30.91
N VAL D 279 -38.15 1.98 30.36
CA VAL D 279 -38.00 3.18 29.57
C VAL D 279 -38.96 3.21 28.41
N ILE D 280 -39.09 2.08 27.71
CA ILE D 280 -39.99 1.94 26.58
C ILE D 280 -41.41 2.19 26.98
N PHE D 281 -41.83 1.57 28.08
CA PHE D 281 -43.18 1.76 28.59
C PHE D 281 -43.45 3.21 28.85
N GLU D 282 -42.53 3.84 29.55
CA GLU D 282 -42.68 5.24 29.91
C GLU D 282 -42.67 6.12 28.67
N GLU D 283 -41.75 5.84 27.74
CA GLU D 283 -41.63 6.56 26.49
C GLU D 283 -42.91 6.54 25.69
N ALA D 284 -43.48 5.35 25.57
CA ALA D 284 -44.70 5.14 24.82
C ALA D 284 -45.97 5.52 25.57
N ASN D 285 -45.84 5.94 26.83
CA ASN D 285 -47.01 6.30 27.61
C ASN D 285 -46.78 7.53 28.50
N PRO D 286 -46.46 8.69 27.93
CA PRO D 286 -46.28 9.95 28.60
C PRO D 286 -47.64 10.41 29.05
N VAL D 287 -47.69 11.16 30.14
CA VAL D 287 -48.95 11.68 30.62
C VAL D 287 -49.25 13.04 30.01
N SER D 288 -47.56 14.72 30.90
CA SER D 288 -47.54 16.11 30.44
C SER D 288 -46.35 16.42 29.54
N GLU D 289 -46.15 17.73 29.32
CA GLU D 289 -45.04 18.26 28.53
C GLU D 289 -44.68 19.66 29.01
N VAL D 290 -43.43 20.05 28.84
CA VAL D 290 -42.99 21.37 29.29
C VAL D 290 -41.84 21.92 28.45
N THR D 291 -41.85 23.23 28.19
CA THR D 291 -40.80 23.84 27.39
C THR D 291 -39.72 24.50 28.23
N ILE D 292 -38.52 23.96 28.08
CA ILE D 292 -37.35 24.44 28.78
C ILE D 292 -36.46 25.19 27.82
N GLY D 293 -36.05 26.40 28.15
CA GLY D 293 -35.16 27.10 27.24
C GLY D 293 -33.77 27.10 27.81
N MET D 294 -32.79 26.82 26.97
CA MET D 294 -31.42 26.81 27.43
C MET D 294 -30.56 27.83 26.71
N VAL D 295 -29.91 28.68 27.49
CA VAL D 295 -29.08 29.73 26.92
C VAL D 295 -27.61 29.43 27.09
N GLY D 296 -26.88 29.37 25.99
CA GLY D 296 -25.46 29.04 26.10
C GLY D 296 -24.62 29.46 24.90
N LYS D 297 -23.67 28.60 24.53
CA LYS D 297 -22.71 28.97 23.50
C LYS D 297 -22.39 27.85 22.54
N TYR D 298 -22.30 26.64 23.06
CA TYR D 298 -21.91 25.52 22.24
C TYR D 298 -23.11 24.75 21.71
N ILE D 299 -24.25 25.43 21.60
CA ILE D 299 -25.50 24.87 21.12
C ILE D 299 -25.46 24.45 19.65
N GLU D 300 -24.36 24.77 18.96
CA GLU D 300 -24.18 24.40 17.58
C GLU D 300 -23.78 22.92 17.44
N LEU D 301 -23.66 22.24 18.57
CA LEU D 301 -23.37 20.82 18.60
C LEU D 301 -23.73 20.27 19.95
N PRO D 302 -25.03 19.98 20.16
CA PRO D 302 -25.69 19.47 21.39
C PRO D 302 -24.83 18.55 22.27
N ASP D 303 -23.88 17.84 21.69
CA ASP D 303 -22.94 16.99 22.42
C ASP D 303 -22.26 17.75 23.55
N ALA D 304 -22.03 19.05 23.34
CA ALA D 304 -21.42 19.93 24.32
C ALA D 304 -22.17 19.98 25.62
N TYR D 305 -23.48 19.78 25.56
CA TYR D 305 -24.31 19.81 26.74
C TYR D 305 -25.04 18.48 26.89
N LYS D 306 -24.45 17.40 26.35
CA LYS D 306 -25.09 16.09 26.35
C LYS D 306 -25.47 15.59 27.73
N SER D 307 -24.55 15.73 28.67
CA SER D 307 -24.79 15.28 30.02
C SER D 307 -25.94 16.02 30.67
N VAL D 308 -26.09 17.29 30.29
CA VAL D 308 -27.16 18.12 30.81
C VAL D 308 -28.48 17.71 30.23
N ILE D 309 -28.49 17.49 28.91
CA ILE D 309 -29.67 17.08 28.19
C ILE D 309 -30.22 15.81 28.77
N GLU D 310 -29.34 14.85 29.02
CA GLU D 310 -29.74 13.59 29.63
C GLU D 310 -30.30 13.79 31.01
N ALA D 311 -29.67 14.65 31.81
CA ALA D 311 -30.14 14.92 33.15
C ALA D 311 -31.54 15.52 33.13
N LEU D 312 -31.80 16.43 32.20
CA LEU D 312 -33.12 17.00 32.03
C LEU D 312 -34.14 15.95 31.68
N LYS D 313 -33.76 15.03 30.80
CA LYS D 313 -34.60 13.93 30.41
C LYS D 313 -34.99 13.09 31.61
N HIS D 314 -34.02 12.85 32.50
CA HIS D 314 -34.23 12.04 33.68
C HIS D 314 -35.21 12.69 34.65
N GLY D 315 -35.13 14.01 34.78
CA GLY D 315 -36.07 14.74 35.61
C GLY D 315 -37.47 14.54 35.03
N GLY D 316 -37.58 14.64 33.71
CA GLY D 316 -38.82 14.44 32.98
C GLY D 316 -39.39 13.05 33.19
N LEU D 317 -38.53 12.03 33.20
CA LEU D 317 -38.99 10.67 33.42
C LEU D 317 -39.63 10.52 34.78
N LYS D 318 -39.02 11.12 35.79
CA LYS D 318 -39.55 11.01 37.13
C LYS D 318 -40.85 11.79 37.30
N ASN D 319 -41.00 12.87 36.54
CA ASN D 319 -42.21 13.64 36.57
C ASN D 319 -43.15 13.33 35.42
N ARG D 320 -42.91 12.23 34.70
CA ARG D 320 -43.73 11.84 33.54
C ARG D 320 -44.10 13.04 32.67
N VAL D 321 -43.11 13.82 32.31
CA VAL D 321 -43.34 15.01 31.51
C VAL D 321 -42.29 15.15 30.42
N SER D 322 -42.74 15.47 29.21
CA SER D 322 -41.84 15.62 28.09
C SER D 322 -41.04 16.90 28.19
N VAL D 323 -39.74 16.80 28.00
CA VAL D 323 -38.87 17.96 28.08
C VAL D 323 -38.48 18.48 26.71
N ASN D 324 -38.95 19.68 26.38
CA ASN D 324 -38.68 20.35 25.12
C ASN D 324 -37.59 21.39 25.28
N ILE D 325 -36.37 21.10 24.82
CA ILE D 325 -35.27 22.05 25.00
C ILE D 325 -35.07 23.01 23.83
N LYS D 326 -35.18 24.31 24.12
CA LYS D 326 -34.92 25.35 23.14
C LYS D 326 -33.46 25.75 23.18
N LEU D 327 -32.78 25.70 22.04
CA LEU D 327 -31.39 26.12 22.04
C LEU D 327 -31.27 27.60 21.74
N ILE D 328 -30.73 28.33 22.70
CA ILE D 328 -30.59 29.76 22.58
C ILE D 328 -29.15 30.21 22.68
N ASP D 329 -28.74 31.02 21.71
CA ASP D 329 -27.40 31.57 21.75
C ASP D 329 -27.39 32.79 22.63
N SER D 330 -26.54 32.78 23.64
CA SER D 330 -26.36 33.91 24.54
C SER D 330 -26.12 35.23 23.81
N GLN D 331 -25.49 35.16 22.66
CA GLN D 331 -25.17 36.32 21.85
C GLN D 331 -26.41 36.91 21.20
N ASP D 332 -27.45 36.08 21.04
CA ASP D 332 -28.71 36.54 20.48
C ASP D 332 -29.50 37.23 21.56
N VAL D 333 -29.42 36.74 22.79
CA VAL D 333 -30.08 37.44 23.87
C VAL D 333 -29.40 38.78 24.04
N GLU D 334 -28.08 38.76 23.93
CA GLU D 334 -27.29 39.97 23.93
C GLU D 334 -27.76 40.94 22.83
N THR D 335 -27.96 40.42 21.61
CA THR D 335 -28.37 41.21 20.45
C THR D 335 -29.88 41.51 20.40
N ARG D 336 -30.67 40.48 20.17
CA ARG D 336 -32.12 40.60 20.05
C ARG D 336 -32.78 40.94 21.36
N GLY D 337 -32.31 40.35 22.44
CA GLY D 337 -32.88 40.63 23.75
C GLY D 337 -33.77 39.52 24.26
N VAL D 338 -34.39 39.79 25.41
CA VAL D 338 -35.27 38.89 26.13
C VAL D 338 -36.50 38.38 25.37
N GLU D 339 -36.81 38.93 24.20
CA GLU D 339 -37.93 38.43 23.40
C GLU D 339 -37.78 36.93 23.10
N ILE D 340 -36.53 36.48 23.06
CA ILE D 340 -36.15 35.10 22.85
C ILE D 340 -36.64 34.19 23.96
N LEU D 341 -36.68 34.75 25.16
CA LEU D 341 -36.99 34.04 26.37
C LEU D 341 -38.50 33.93 26.61
N LYS D 342 -39.29 34.49 25.69
CA LYS D 342 -40.72 34.41 25.81
C LYS D 342 -41.19 33.05 25.30
N GLY D 343 -42.33 32.59 25.81
CA GLY D 343 -42.87 31.30 25.39
C GLY D 343 -42.21 30.11 26.10
N LEU D 344 -41.46 30.39 27.16
CA LEU D 344 -40.78 29.34 27.90
C LEU D 344 -41.48 29.08 29.22
N ASP D 345 -41.46 27.84 29.66
CA ASP D 345 -42.05 27.47 30.92
C ASP D 345 -40.99 27.53 31.99
N ALA D 346 -39.75 27.26 31.59
CA ALA D 346 -38.62 27.40 32.50
C ALA D 346 -37.37 27.63 31.72
N ILE D 347 -36.36 28.14 32.41
CA ILE D 347 -35.09 28.47 31.79
C ILE D 347 -33.90 27.86 32.51
N LEU D 348 -32.98 27.33 31.72
CA LEU D 348 -31.78 26.71 32.25
C LEU D 348 -30.51 27.29 31.65
N VAL D 349 -29.53 27.51 32.50
CA VAL D 349 -28.25 28.02 32.05
C VAL D 349 -27.12 27.09 32.51
N PRO D 350 -26.46 26.41 31.56
CA PRO D 350 -25.39 25.44 31.70
C PRO D 350 -24.04 26.09 32.01
N GLY D 351 -23.04 25.26 32.24
CA GLY D 351 -21.68 25.72 32.52
C GLY D 351 -20.88 25.86 31.22
N GLY D 352 -19.57 25.92 31.34
CA GLY D 352 -18.68 26.05 30.18
C GLY D 352 -17.71 27.21 30.33
N PHE D 353 -16.95 27.47 29.27
CA PHE D 353 -15.95 28.54 29.26
C PHE D 353 -16.10 29.45 28.04
N GLY D 354 -15.69 30.71 28.19
CA GLY D 354 -15.75 31.70 27.12
C GLY D 354 -16.66 32.85 27.50
N TYR D 355 -16.16 34.09 27.37
CA TYR D 355 -16.97 35.25 27.71
C TYR D 355 -18.15 35.37 26.76
N ARG D 356 -17.84 35.56 25.46
CA ARG D 356 -18.88 35.59 24.44
C ARG D 356 -20.07 36.44 24.89
N GLY D 357 -21.28 36.05 24.48
CA GLY D 357 -22.47 36.79 24.89
C GLY D 357 -22.97 36.48 26.31
N VAL D 358 -22.07 36.20 27.27
CA VAL D 358 -22.46 35.95 28.65
C VAL D 358 -23.27 37.07 29.26
N GLU D 359 -23.13 38.29 28.75
CA GLU D 359 -23.95 39.37 29.25
C GLU D 359 -25.41 39.10 28.94
N GLY D 360 -25.67 38.44 27.81
CA GLY D 360 -27.01 38.01 27.43
C GLY D 360 -27.47 36.92 28.39
N MET D 361 -26.53 36.07 28.82
CA MET D 361 -26.84 35.03 29.82
C MET D 361 -27.26 35.69 31.12
N ILE D 362 -26.57 36.76 31.50
CA ILE D 362 -26.88 37.53 32.69
C ILE D 362 -28.24 38.15 32.55
N THR D 363 -28.50 38.73 31.38
CA THR D 363 -29.79 39.31 31.06
C THR D 363 -30.89 38.28 31.21
N THR D 364 -30.61 37.06 30.75
CA THR D 364 -31.54 35.96 30.87
C THR D 364 -31.79 35.58 32.31
N ALA D 365 -30.74 35.51 33.11
CA ALA D 365 -30.88 35.19 34.53
C ALA D 365 -31.77 36.21 35.18
N ARG D 366 -31.53 37.48 34.86
CA ARG D 366 -32.33 38.58 35.34
C ARG D 366 -33.77 38.40 34.96
N PHE D 367 -33.99 38.09 33.69
CA PHE D 367 -35.32 37.88 33.15
C PHE D 367 -36.09 36.82 33.91
N ALA D 368 -35.51 35.63 34.04
CA ALA D 368 -36.17 34.53 34.73
C ALA D 368 -36.41 34.86 36.20
N ARG D 369 -35.42 35.49 36.83
CA ARG D 369 -35.55 35.87 38.22
C ARG D 369 -36.69 36.85 38.43
N GLU D 370 -36.62 37.96 37.73
CA GLU D 370 -37.59 39.02 37.88
C GLU D 370 -38.98 38.63 37.42
N ASN D 371 -39.10 37.70 36.48
CA ASN D 371 -40.41 37.26 36.05
C ASN D 371 -40.88 35.96 36.69
N ASN D 372 -40.18 35.50 37.74
CA ASN D 372 -40.58 34.30 38.47
C ASN D 372 -40.74 33.07 37.59
N ILE D 373 -39.82 32.87 36.68
CA ILE D 373 -39.81 31.74 35.78
C ILE D 373 -38.78 30.74 36.28
N PRO D 374 -39.20 29.55 36.74
CA PRO D 374 -38.32 28.47 37.24
C PRO D 374 -36.97 28.52 36.54
N TYR D 375 -35.92 28.40 37.34
CA TYR D 375 -34.58 28.57 36.83
C TYR D 375 -33.55 27.62 37.42
N LEU D 376 -32.72 27.04 36.57
CA LEU D 376 -31.65 26.17 37.04
C LEU D 376 -30.30 26.58 36.45
N GLY D 377 -29.37 26.94 37.33
CA GLY D 377 -28.04 27.37 36.89
C GLY D 377 -26.94 26.39 37.31
N ILE D 378 -26.04 26.08 36.39
CA ILE D 378 -24.95 25.15 36.68
C ILE D 378 -23.57 25.73 36.38
N CYS D 379 -22.70 25.73 37.38
CA CYS D 379 -21.33 26.23 37.28
C CYS D 379 -21.34 27.67 36.76
N LEU D 380 -20.98 27.87 35.49
CA LEU D 380 -21.02 29.21 34.90
C LEU D 380 -22.39 29.86 35.06
N GLY D 381 -23.46 29.06 34.95
CA GLY D 381 -24.81 29.59 35.10
C GLY D 381 -25.03 30.17 36.49
N MET D 382 -24.31 29.64 37.48
CA MET D 382 -24.37 30.16 38.83
C MET D 382 -23.63 31.48 38.89
N GLN D 383 -22.46 31.52 38.24
CA GLN D 383 -21.64 32.73 38.20
C GLN D 383 -22.42 33.87 37.57
N VAL D 384 -23.14 33.53 36.51
CA VAL D 384 -24.02 34.44 35.79
C VAL D 384 -25.13 34.96 36.67
N ALA D 385 -25.81 34.06 37.36
CA ALA D 385 -26.89 34.41 38.26
C ALA D 385 -26.38 35.27 39.40
N LEU D 386 -25.17 34.96 39.87
CA LEU D 386 -24.54 35.69 40.96
C LEU D 386 -24.37 37.14 40.56
N ILE D 387 -23.81 37.35 39.36
CA ILE D 387 -23.61 38.69 38.83
C ILE D 387 -24.92 39.42 38.65
N ASP D 388 -25.90 38.76 38.04
CA ASP D 388 -27.23 39.31 37.89
C ASP D 388 -27.78 39.88 39.17
N TYR D 389 -27.92 39.02 40.16
CA TYR D 389 -28.47 39.40 41.43
C TYR D 389 -27.64 40.48 42.10
N ALA D 390 -26.32 40.30 42.11
CA ALA D 390 -25.44 41.24 42.74
C ALA D 390 -25.55 42.64 42.16
N ARG D 391 -25.48 42.74 40.84
CA ARG D 391 -25.51 44.04 40.18
C ARG D 391 -26.87 44.73 40.22
N HIS D 392 -27.96 43.97 40.10
CA HIS D 392 -29.26 44.59 40.02
C HIS D 392 -30.05 44.63 41.33
N VAL D 393 -29.74 43.74 42.25
CA VAL D 393 -30.42 43.74 43.53
C VAL D 393 -29.52 44.28 44.62
N ALA D 394 -28.31 43.72 44.72
CA ALA D 394 -27.37 44.17 45.75
C ALA D 394 -26.64 45.47 45.33
N ASN D 395 -26.94 45.98 44.12
CA ASN D 395 -26.40 47.24 43.61
C ASN D 395 -24.91 47.23 43.38
N MET D 396 -24.38 46.09 42.97
CA MET D 396 -22.97 45.96 42.75
C MET D 396 -22.65 46.22 41.30
N GLU D 397 -22.61 47.51 40.98
CA GLU D 397 -22.33 48.00 39.63
C GLU D 397 -21.12 47.30 39.03
N ASN D 398 -21.29 46.74 37.86
CA ASN D 398 -20.24 45.98 37.19
C ASN D 398 -19.80 44.76 37.98
N ALA D 399 -20.75 44.09 38.65
CA ALA D 399 -20.43 42.85 39.30
C ALA D 399 -19.85 41.94 38.25
N ASN D 400 -18.76 41.25 38.54
CA ASN D 400 -18.20 40.44 37.48
C ASN D 400 -17.17 39.44 38.00
N SER D 401 -16.46 38.81 37.08
CA SER D 401 -15.42 37.86 37.41
C SER D 401 -14.08 38.32 36.91
N THR D 402 -13.07 38.10 37.75
CA THR D 402 -11.70 38.47 37.45
C THR D 402 -11.14 37.67 36.29
N GLU D 403 -11.78 36.55 35.96
CA GLU D 403 -11.33 35.73 34.85
C GLU D 403 -11.58 36.44 33.52
N PHE D 404 -12.43 37.47 33.54
CA PHE D 404 -12.72 38.20 32.32
C PHE D 404 -12.34 39.66 32.46
N VAL D 405 -12.48 40.19 33.68
CA VAL D 405 -12.19 41.58 33.93
C VAL D 405 -11.54 41.79 35.28
N PRO D 406 -10.31 41.32 35.45
CA PRO D 406 -9.47 41.43 36.67
C PRO D 406 -9.76 42.67 37.53
N ASP D 407 -9.93 43.83 36.89
CA ASP D 407 -10.18 45.11 37.54
C ASP D 407 -11.67 45.42 37.80
N CYS D 408 -12.50 44.37 37.85
CA CYS D 408 -13.95 44.39 38.09
C CYS D 408 -14.47 45.55 38.90
N LYS D 409 -13.89 45.71 40.10
CA LYS D 409 -14.31 46.62 41.19
C LYS D 409 -15.35 45.93 42.06
N TYR D 410 -16.07 44.96 41.51
CA TYR D 410 -17.01 44.17 42.25
C TYR D 410 -16.90 42.71 41.82
N PRO D 411 -15.66 42.18 41.76
CA PRO D 411 -15.33 40.79 41.45
C PRO D 411 -16.14 39.81 42.28
N VAL D 412 -17.39 39.54 41.90
CA VAL D 412 -18.18 38.58 42.67
C VAL D 412 -17.62 37.18 42.54
N VAL D 413 -16.85 36.93 41.47
CA VAL D 413 -16.15 35.67 41.29
C VAL D 413 -14.66 35.94 41.09
N ALA D 414 -13.82 35.21 41.83
CA ALA D 414 -12.39 35.39 41.73
C ALA D 414 -11.67 34.20 42.35
N LEU D 415 -10.40 34.07 42.03
CA LEU D 415 -9.61 33.02 42.64
C LEU D 415 -9.56 33.31 44.11
N ILE D 416 -9.60 32.28 44.96
CA ILE D 416 -9.58 32.51 46.39
C ILE D 416 -8.47 33.49 46.78
N THR D 417 -7.27 33.29 46.22
CA THR D 417 -6.16 34.20 46.42
C THR D 417 -6.50 35.61 45.95
N GLU D 418 -7.22 35.71 44.84
CA GLU D 418 -7.65 36.97 44.24
C GLU D 418 -8.85 37.63 44.91
N TRP D 419 -9.42 37.02 45.95
CA TRP D 419 -10.58 37.64 46.58
C TRP D 419 -10.25 39.02 47.07
N ARG D 420 -11.09 39.97 46.69
CA ARG D 420 -10.90 41.34 47.11
C ARG D 420 -12.18 42.15 47.08
N ASP D 421 -12.16 43.29 47.75
CA ASP D 421 -13.31 44.17 47.76
C ASP D 421 -13.14 45.27 46.71
N GLU D 422 -14.11 46.18 46.66
CA GLU D 422 -14.09 47.30 45.71
C GLU D 422 -13.02 48.35 46.02
N ASN D 423 -12.37 48.24 47.17
CA ASN D 423 -11.34 49.16 47.57
C ASN D 423 -9.96 48.58 47.35
N GLY D 424 -9.89 47.39 46.75
CA GLY D 424 -8.62 46.75 46.45
C GLY D 424 -8.05 45.95 47.63
N ASN D 425 -8.80 45.82 48.72
CA ASN D 425 -8.30 45.05 49.84
C ASN D 425 -8.52 43.60 49.51
N VAL D 426 -7.60 42.73 49.88
CA VAL D 426 -7.74 41.33 49.49
C VAL D 426 -8.03 40.42 50.66
N GLU D 427 -7.98 39.10 50.39
CA GLU D 427 -8.24 38.02 51.33
C GLU D 427 -9.73 37.71 51.39
N THR D 438 -5.98 26.04 42.10
CA THR D 438 -6.05 25.69 40.69
C THR D 438 -7.49 25.43 40.28
N MET D 439 -7.84 24.16 40.10
CA MET D 439 -9.19 23.77 39.72
C MET D 439 -9.75 22.71 40.65
N ARG D 440 -10.98 22.89 41.08
CA ARG D 440 -11.64 21.90 41.90
C ARG D 440 -12.22 20.84 41.02
N LEU D 441 -11.88 19.60 41.30
CA LEU D 441 -12.32 18.48 40.48
C LEU D 441 -12.85 17.28 41.23
N GLY D 442 -13.79 16.60 40.59
CA GLY D 442 -14.29 15.33 41.07
C GLY D 442 -15.35 15.45 42.11
N ALA D 443 -15.77 14.30 42.63
CA ALA D 443 -16.82 14.26 43.63
C ALA D 443 -16.32 14.80 44.95
N GLN D 444 -17.01 15.81 45.48
CA GLN D 444 -16.63 16.42 46.74
C GLN D 444 -17.85 16.60 47.65
N GLN D 445 -17.63 16.51 48.96
CA GLN D 445 -18.72 16.65 49.91
C GLN D 445 -19.12 18.11 50.09
N CYS D 446 -20.41 18.36 50.04
CA CYS D 446 -20.98 19.66 50.21
C CYS D 446 -21.91 19.69 51.41
N GLN D 447 -21.68 20.63 52.33
CA GLN D 447 -22.57 20.77 53.48
C GLN D 447 -23.82 21.54 53.12
N LEU D 448 -24.96 20.89 53.11
CA LEU D 448 -26.15 21.63 52.77
C LEU D 448 -26.74 22.28 53.99
N VAL D 449 -27.37 23.42 53.79
CA VAL D 449 -28.02 24.10 54.88
C VAL D 449 -29.31 23.37 55.14
N ASP D 450 -29.49 22.90 56.36
CA ASP D 450 -30.67 22.12 56.74
C ASP D 450 -31.99 22.80 56.40
N ASP D 451 -32.02 24.13 56.43
CA ASP D 451 -33.21 24.88 56.14
C ASP D 451 -33.42 25.17 54.64
N SER D 452 -32.51 24.70 53.78
CA SER D 452 -32.64 24.94 52.36
C SER D 452 -33.51 23.91 51.69
N LEU D 453 -34.01 24.27 50.51
CA LEU D 453 -34.83 23.35 49.75
C LEU D 453 -33.98 22.19 49.29
N VAL D 454 -32.84 22.47 48.65
CA VAL D 454 -31.93 21.41 48.19
C VAL D 454 -31.56 20.38 49.24
N ARG D 455 -31.45 20.78 50.50
CA ARG D 455 -31.17 19.83 51.55
C ARG D 455 -32.30 18.85 51.63
N GLN D 456 -33.51 19.37 51.56
CA GLN D 456 -34.69 18.56 51.61
C GLN D 456 -34.96 17.83 50.30
N LEU D 457 -34.50 18.36 49.17
CA LEU D 457 -34.68 17.67 47.91
C LEU D 457 -33.87 16.39 47.89
N TYR D 458 -32.65 16.46 48.43
CA TYR D 458 -31.79 15.31 48.57
C TYR D 458 -32.11 14.49 49.81
N ASN D 459 -32.73 15.12 50.80
CA ASN D 459 -33.09 14.49 52.06
C ASN D 459 -31.85 14.11 52.82
N ALA D 460 -30.86 14.98 52.83
CA ALA D 460 -29.64 14.67 53.54
C ALA D 460 -28.88 15.93 53.91
N PRO D 461 -28.28 15.98 55.11
CA PRO D 461 -27.44 17.02 55.68
C PRO D 461 -26.35 17.46 54.72
N THR D 462 -25.70 16.49 54.11
CA THR D 462 -24.65 16.77 53.16
C THR D 462 -24.86 15.92 51.93
N ILE D 463 -24.21 16.30 50.86
CA ILE D 463 -24.25 15.53 49.63
C ILE D 463 -22.89 15.48 49.01
N VAL D 464 -22.69 14.58 48.07
CA VAL D 464 -21.41 14.50 47.37
C VAL D 464 -21.65 14.65 45.88
N GLU D 465 -21.04 15.66 45.27
CA GLU D 465 -21.27 15.95 43.86
C GLU D 465 -19.99 16.36 43.15
N ARG D 466 -19.96 16.17 41.83
CA ARG D 466 -18.75 16.42 41.07
C ARG D 466 -18.49 17.87 40.72
N HIS D 467 -17.21 18.24 40.69
CA HIS D 467 -16.83 19.61 40.36
C HIS D 467 -15.82 19.72 39.21
N ARG D 468 -15.67 20.96 38.76
CA ARG D 468 -14.73 21.37 37.71
C ARG D 468 -14.86 22.86 37.48
N HIS D 469 -13.98 23.61 38.14
CA HIS D 469 -13.93 25.07 38.00
C HIS D 469 -12.74 25.67 38.74
N ARG D 470 -12.33 26.87 38.36
CA ARG D 470 -11.15 27.48 38.98
C ARG D 470 -11.41 28.66 39.89
N TYR D 471 -12.44 29.45 39.58
CA TYR D 471 -12.70 30.65 40.35
C TYR D 471 -13.86 30.44 41.32
N GLU D 472 -13.81 31.10 42.47
CA GLU D 472 -14.83 30.93 43.50
C GLU D 472 -15.60 32.19 43.86
N VAL D 473 -16.66 32.00 44.64
CA VAL D 473 -17.46 33.14 45.06
C VAL D 473 -16.65 33.98 46.02
N ASN D 474 -16.52 35.24 45.69
CA ASN D 474 -15.70 36.14 46.45
C ASN D 474 -16.32 36.57 47.75
N ASN D 475 -15.94 35.86 48.79
CA ASN D 475 -16.35 36.13 50.17
C ASN D 475 -16.25 37.59 50.62
N MET D 476 -15.32 38.36 50.03
CA MET D 476 -15.14 39.75 50.39
C MET D 476 -16.39 40.57 50.08
N LEU D 477 -17.10 40.15 49.04
CA LEU D 477 -18.30 40.84 48.61
C LEU D 477 -19.56 40.02 48.83
N LEU D 478 -19.40 38.71 49.00
CA LEU D 478 -20.50 37.79 49.28
C LEU D 478 -21.51 38.31 50.26
N LYS D 479 -21.02 38.84 51.36
CA LYS D 479 -21.88 39.38 52.40
C LYS D 479 -22.85 40.45 51.93
N GLN D 480 -22.50 41.19 50.88
CA GLN D 480 -23.38 42.19 50.30
C GLN D 480 -24.52 41.52 49.59
N ILE D 481 -24.16 40.50 48.83
CA ILE D 481 -25.10 39.75 48.02
C ILE D 481 -26.08 38.93 48.84
N GLU D 482 -25.54 38.19 49.78
CA GLU D 482 -26.32 37.34 50.65
C GLU D 482 -27.24 38.19 51.52
N ASP D 483 -26.70 39.24 52.14
CA ASP D 483 -27.52 40.11 52.98
C ASP D 483 -28.61 40.82 52.20
N ALA D 484 -28.36 41.13 50.91
CA ALA D 484 -29.37 41.76 50.08
C ALA D 484 -30.63 40.90 49.91
N GLY D 485 -30.55 39.60 50.22
CA GLY D 485 -31.70 38.72 50.15
C GLY D 485 -31.48 37.56 49.19
N LEU D 486 -30.50 36.73 49.50
CA LEU D 486 -30.22 35.55 48.72
C LEU D 486 -29.84 34.43 49.66
N ARG D 487 -30.43 33.26 49.46
CA ARG D 487 -30.16 32.19 50.37
C ARG D 487 -29.02 31.32 49.92
N VAL D 488 -28.00 31.18 50.76
CA VAL D 488 -27.00 30.20 50.43
C VAL D 488 -27.53 28.89 50.92
N ALA D 489 -27.86 28.04 49.98
CA ALA D 489 -28.48 26.77 50.27
C ALA D 489 -27.47 25.72 50.70
N GLY D 490 -26.19 25.98 50.45
CA GLY D 490 -25.15 25.05 50.90
C GLY D 490 -23.75 25.59 50.68
N ARG D 491 -22.87 25.15 51.57
CA ARG D 491 -21.47 25.55 51.58
C ARG D 491 -20.60 24.32 51.54
N SER D 492 -19.42 24.44 50.95
CA SER D 492 -18.55 23.28 50.74
C SER D 492 -18.12 22.54 51.99
N GLY D 493 -17.04 23.00 52.59
CA GLY D 493 -16.46 22.32 53.72
C GLY D 493 -15.46 23.22 54.39
N ASP D 494 -14.19 22.86 54.32
CA ASP D 494 -13.10 23.60 54.93
C ASP D 494 -13.19 25.12 54.77
N ASP D 495 -13.48 25.58 53.55
CA ASP D 495 -13.59 27.01 53.31
C ASP D 495 -15.02 27.52 53.21
N GLN D 496 -16.01 26.65 53.47
CA GLN D 496 -17.43 27.01 53.41
C GLN D 496 -17.78 27.80 52.17
N LEU D 497 -17.38 27.29 51.02
CA LEU D 497 -17.58 27.99 49.78
C LEU D 497 -19.00 27.86 49.31
N VAL D 498 -19.55 28.93 48.78
CA VAL D 498 -20.94 28.92 48.33
C VAL D 498 -21.17 27.90 47.22
N GLU D 499 -21.59 26.71 47.61
CA GLU D 499 -21.88 25.64 46.67
C GLU D 499 -23.17 25.82 45.94
N ILE D 500 -24.18 26.32 46.64
CA ILE D 500 -25.48 26.45 46.04
C ILE D 500 -26.36 27.50 46.67
N ILE D 501 -27.12 28.21 45.83
CA ILE D 501 -28.02 29.27 46.26
C ILE D 501 -29.45 29.09 45.80
N GLU D 502 -30.36 29.75 46.54
CA GLU D 502 -31.78 29.75 46.25
C GLU D 502 -32.36 31.16 46.41
N VAL D 503 -33.28 31.55 45.53
CA VAL D 503 -33.89 32.88 45.67
C VAL D 503 -35.13 32.86 46.57
N PRO D 504 -35.07 33.54 47.74
CA PRO D 504 -36.10 33.65 48.78
C PRO D 504 -37.56 33.65 48.32
N ASN D 505 -37.88 34.43 47.29
CA ASN D 505 -39.26 34.54 46.87
C ASN D 505 -39.52 34.09 45.46
N HIS D 506 -38.54 33.41 44.86
CA HIS D 506 -38.74 32.91 43.53
C HIS D 506 -39.31 31.51 43.64
N PRO D 507 -40.33 31.15 42.85
CA PRO D 507 -40.98 29.86 42.81
C PRO D 507 -39.99 28.69 42.78
N TRP D 508 -38.93 28.81 41.98
CA TRP D 508 -37.93 27.76 41.97
C TRP D 508 -36.68 28.27 41.28
N PHE D 509 -35.78 28.92 42.03
CA PHE D 509 -34.56 29.43 41.42
C PHE D 509 -33.38 28.86 42.15
N VAL D 510 -32.71 27.92 41.50
CA VAL D 510 -31.60 27.23 42.12
C VAL D 510 -30.35 27.27 41.24
N ALA D 511 -29.20 27.56 41.84
CA ALA D 511 -27.96 27.55 41.06
C ALA D 511 -26.80 27.02 41.89
N CYS D 512 -25.92 26.22 41.26
CA CYS D 512 -24.82 25.60 42.01
C CYS D 512 -23.50 25.43 41.26
N GLN D 513 -22.43 25.19 42.04
CA GLN D 513 -21.06 24.98 41.57
C GLN D 513 -20.80 23.57 41.05
N PHE D 514 -21.48 22.60 41.64
CA PHE D 514 -21.30 21.22 41.26
C PHE D 514 -22.04 20.81 40.00
N HIS D 515 -21.75 19.60 39.54
CA HIS D 515 -22.28 19.05 38.31
C HIS D 515 -23.18 17.85 38.50
N PRO D 516 -24.44 18.07 38.89
CA PRO D 516 -25.46 17.06 39.15
C PRO D 516 -25.74 16.18 37.93
N GLU D 517 -25.46 16.72 36.74
CA GLU D 517 -25.68 16.02 35.49
C GLU D 517 -24.76 14.81 35.30
N PHE D 518 -23.73 14.67 36.14
CA PHE D 518 -22.87 13.52 36.00
C PHE D 518 -23.27 12.41 36.95
N THR D 519 -24.37 12.61 37.69
CA THR D 519 -24.81 11.60 38.63
C THR D 519 -26.19 11.09 38.28
N SER D 520 -26.97 11.92 37.58
CA SER D 520 -28.32 11.55 37.20
C SER D 520 -28.37 10.33 36.28
N THR D 521 -29.31 9.44 36.54
CA THR D 521 -29.47 8.24 35.72
C THR D 521 -30.94 8.13 35.35
N PRO D 522 -31.30 7.34 34.34
CA PRO D 522 -32.65 7.14 33.86
C PRO D 522 -33.50 6.33 34.83
N ARG D 523 -32.85 5.63 35.73
CA ARG D 523 -33.54 4.81 36.70
C ARG D 523 -33.59 5.45 38.09
N ASP D 524 -32.57 6.23 38.44
CA ASP D 524 -32.55 6.87 39.76
C ASP D 524 -33.04 8.31 39.70
N GLY D 525 -32.84 8.98 38.56
CA GLY D 525 -33.23 10.37 38.41
C GLY D 525 -32.23 11.26 39.09
N HIS D 526 -32.74 12.37 39.64
CA HIS D 526 -31.91 13.33 40.38
C HIS D 526 -32.77 14.50 40.90
N PRO D 527 -32.73 14.79 42.21
CA PRO D 527 -33.49 15.81 42.95
C PRO D 527 -33.57 17.18 42.31
N LEU D 528 -32.49 17.66 41.71
CA LEU D 528 -32.52 19.01 41.16
C LEU D 528 -33.23 19.10 39.84
N PHE D 529 -33.26 17.99 39.12
CA PHE D 529 -33.92 17.99 37.84
C PHE D 529 -35.35 17.62 38.06
N ALA D 530 -35.60 16.83 39.10
CA ALA D 530 -36.95 16.52 39.47
C ALA D 530 -37.63 17.80 39.90
N GLY D 531 -36.94 18.58 40.74
CA GLY D 531 -37.46 19.85 41.21
C GLY D 531 -37.63 20.88 40.10
N PHE D 532 -36.58 21.06 39.29
CA PHE D 532 -36.62 22.03 38.21
C PHE D 532 -37.71 21.76 37.21
N VAL D 533 -37.75 20.54 36.71
CA VAL D 533 -38.72 20.14 35.72
C VAL D 533 -40.12 20.20 36.30
N LYS D 534 -40.30 19.77 37.54
CA LYS D 534 -41.61 19.83 38.16
C LYS D 534 -42.07 21.26 38.26
N ALA D 535 -41.18 22.13 38.73
CA ALA D 535 -41.47 23.54 38.87
C ALA D 535 -41.82 24.15 37.54
N ALA D 536 -41.12 23.71 36.51
CA ALA D 536 -41.36 24.17 35.16
C ALA D 536 -42.79 23.88 34.75
N SER D 537 -43.21 22.64 35.00
CA SER D 537 -44.56 22.23 34.71
C SER D 537 -45.57 23.02 35.52
N GLU D 538 -45.28 23.21 36.80
CA GLU D 538 -46.16 23.94 37.69
C GLU D 538 -46.37 25.35 37.20
N PHE D 539 -45.28 26.00 36.83
CA PHE D 539 -45.31 27.34 36.29
C PHE D 539 -46.18 27.39 35.07
N GLN D 540 -45.95 26.44 34.15
CA GLN D 540 -46.75 26.34 32.95
C GLN D 540 -48.24 26.33 33.27
N LYS D 541 -48.62 25.50 34.24
CA LYS D 541 -50.01 25.39 34.63
C LYS D 541 -50.51 26.66 35.29
N ARG D 542 -49.64 27.31 36.06
CA ARG D 542 -49.96 28.57 36.71
C ARG D 542 -50.17 29.68 35.68
N GLN D 543 -49.50 29.57 34.54
CA GLN D 543 -49.65 30.51 33.45
C GLN D 543 -50.76 30.11 32.48
N ALA D 544 -51.53 29.08 32.82
CA ALA D 544 -52.60 28.61 31.97
C ALA D 544 -53.83 28.29 32.80
#